data_6DBX
#
_entry.id   6DBX
#
_cell.length_a   1
_cell.length_b   1
_cell.length_c   1
_cell.angle_alpha   90.00
_cell.angle_beta   90.00
_cell.angle_gamma   90.00
#
_symmetry.space_group_name_H-M   'P 1'
#
loop_
_entity.id
_entity.type
_entity.pdbx_description
1 polymer 'Recombination activating gene 1 - MBP chimera'
2 polymer 'Recombination activating gene 2'
3 polymer 'Forward strand of 12-RSS substrate DNA'
4 polymer 'Reverse strand of 12-RSS substrate DNA'
5 non-polymer 'ZINC ION'
6 non-polymer 'CALCIUM ION'
#
loop_
_entity_poly.entity_id
_entity_poly.type
_entity_poly.pdbx_seq_one_letter_code
_entity_poly.pdbx_strand_id
1 'polypeptide(L)'
;MGSSHHHHHHGTKTEEGKLVIWINGDKGYNGLAEVGKKFEKDTGIKVTVEHPDKLEEKFPQVAATGDGPDIIFWAHDRFG
GYAQSGLLAEITPDKAFQDKLYPFTWDAVRYNGKLIAYPIAVEALSLIYNKDLLPNPPKTWEEIPALDKELKAKGKSALM
FNLQEPYFTWPLIAADGGYAFKYENGKYDIKDVGVDNAGAKAGLTFLVDLIKNKHMNADTDYSIAEAAFNKGETAMTING
PWAWSNIDTSKVNYGVTVLPTFKGQPSKPFVGVLSAGINAASPNKELAKEFLENYLLTDEGLEAVNKDKPLGAVALKSYE
EELAKDPRIAATMENAQKGEIMPNIPQMSAFWYAVRTAVINAASGRQTVDEALKDAQTGTDYDIPTTLEVLFQGPLGSRC
QRDHLSTKLIPTEVPADLIRAVTCQVCDHLLSDPVQSPCRHLFCRLCIIRYTHALGPNCPTCNQHLNPSHLIKPAKFFLA
TLSSLPLLCPSEECSDWVRLDSFREHCLNHYREKESQEEQTPSEQNLDGYLPVNKGGRPRQHLLSLTRRAQKHRLRDLKN
QVKTFAEKEEGGDVKSVCLTLFLLALRAGNEHKQADELEAMMQGRGFGLHPAVCLAIRVNTFLSCSQYHKMYRTVKATSG
RQIFQPLHTLRNAEKELLPGFHQFEWQPALKNVSTSWDVGIIDGLSGWTVSVDDVPADTISRRFRYDVALVSALKDLEED
IMEGLRERALDDSMCTSGFTVVVKESCDGMGDVSEKHGSGPAVPEKAVRFSFTIMSISIRLEGEDDGITIFQEQKPNSEL
SCRPLCLMFVDESDHETLTAILGPVVAERKAMMESRLIISVGGLLRSFRFFFRGTGYDEKMVREMEGLEASGSTYICTLC
DSTRAEASQNMVLHSITRSHDENLERYEIWRKNPFSESADELRDRVKGVSAKPFMETQPTLDALHCDIGNATEFYKIFQD
EIGEVYQKPNPSREERRRWRSTLDKQLRKKMKLKPVMRMNGNYARRLMTREAVEAVCELVPSEERREALLKLMDLYLQMK
PVWRSTCPSRDCPDQLCQYSYNSQQFADLLSSMFKYRYDGKITNYLHKTLAHVPEIVERDGSIGAWASEGNESGNKLFRR
FRKMNARQSKTFELEDILKHHWLYTSKYLQKFMEAHKNS
;
A,C
2 'polypeptide(L)'
;GGSMSLQPLTAVNCGSLVQPGFSLLDLEGDVYLFGQKGWPKRSCPTGIFGVRIKKGELKLRAISFSNNSSYLPPLRCPAI
AHFEAQDGKPECYLIHGGRTPNNELSSSLYMLSVDSRGCNRKVTLRCEEKELVGDVPSARYGHTLSVINSRGKTACVLFG
GRSYMPPTERTTQNWNSVVDCPPQVYLIDLEFGCCTAHTLPELTDGQSFHVALARQDCVYFLGGHILSSDCRPSRLIRLH
VELLLGSPVLTCTILHEGLTITSAIASPIGYHEYIIFGGYQSETQKRMECTYVGLDDVGVHMESREPPQWTSEISHSRTW
FGGSLGKGTALVAIPSEGNPTPPEAYHFYQVSFQKEQDGEATAQGGSQESTDFEDSAPLEDSEELYFGREPHELEYSSDV
EGDTYNEEDEEDESQTGYWIKCCLSCQVDPNIWEPYYSTELTRPAMIFCSRGEGGHWVHAQCMELPESLLLQLSQDNSKY
FCLDHGGLPKQEMTPPKQMLPVKRVPMKMTHRKAPVSLKMTPAKKTFLRRLFD
;
B,D
3 'polydeoxyribonucleotide'
;(DG)(DA)(DT)(DC)(DT)(DG)(DG)(DC)(DC)(DT)(DG)(DT)(DC)(DT)(DT)(DA)(DC)(DA)(DC)(DA)
(DG)(DT)(DG)(DC)(DT)(DA)(DC)(DA)(DG)(DA)(DC)(DT)(DG)(DG)(DA)(DA)(DC)(DA)(DA)(DA)
(DA)(DA)(DC)(DC)(DC)(DT)(DG)(DC)(DA)(DG)
;
E
4 'polydeoxyribonucleotide'
;(DC)(DT)(DG)(DC)(DA)(DG)(DG)(DG)(DT)(DT)(DT)(DT)(DT)(DG)(DT)(DT)(DC)(DC)(DA)(DG)
(DT)(DC)(DT)(DG)(DT)(DA)(DG)(DC)(DA)(DC)(DT)(DG)(DT)(DG)(DT)(DA)(DA)(DG)(DA)(DC)
(DA)(DG)(DG)(DC)(DC)(DA)(DG)(DA)(DT)(DC)
;
F
#
loop_
_chem_comp.id
_chem_comp.type
_chem_comp.name
_chem_comp.formula
CA non-polymer 'CALCIUM ION' 'Ca 2'
DA DNA linking 2'-DEOXYADENOSINE-5'-MONOPHOSPHATE 'C10 H14 N5 O6 P'
DC DNA linking 2'-DEOXYCYTIDINE-5'-MONOPHOSPHATE 'C9 H14 N3 O7 P'
DG DNA linking 2'-DEOXYGUANOSINE-5'-MONOPHOSPHATE 'C10 H14 N5 O7 P'
DT DNA linking THYMIDINE-5'-MONOPHOSPHATE 'C10 H15 N2 O8 P'
ZN non-polymer 'ZINC ION' 'Zn 2'
#
# COMPACT_ATOMS: atom_id res chain seq x y z
N GLY A 536 -79.11 -21.91 -15.70
CA GLY A 536 -77.68 -21.87 -15.83
C GLY A 536 -76.97 -21.45 -14.55
N GLY A 537 -76.82 -20.15 -14.36
CA GLY A 537 -76.19 -19.59 -13.18
C GLY A 537 -75.17 -18.53 -13.52
N ARG A 538 -74.69 -17.85 -12.45
CA ARG A 538 -73.65 -16.85 -12.56
C ARG A 538 -72.27 -17.51 -12.62
N PRO A 539 -71.39 -17.07 -13.54
CA PRO A 539 -70.08 -17.72 -13.66
C PRO A 539 -69.27 -17.61 -12.37
N ARG A 540 -68.45 -18.64 -12.13
CA ARG A 540 -67.62 -18.69 -10.94
C ARG A 540 -66.47 -17.70 -11.07
N GLN A 541 -66.36 -16.77 -10.13
CA GLN A 541 -65.25 -15.84 -10.08
C GLN A 541 -64.26 -16.26 -9.00
N HIS A 542 -63.01 -15.82 -9.15
CA HIS A 542 -61.99 -16.15 -8.17
C HIS A 542 -62.28 -15.41 -6.87
N LEU A 543 -62.12 -16.11 -5.75
CA LEU A 543 -62.65 -15.62 -4.48
C LEU A 543 -61.88 -14.41 -3.95
N LEU A 544 -60.60 -14.27 -4.31
CA LEU A 544 -59.80 -13.14 -3.83
C LEU A 544 -60.05 -11.84 -4.60
N SER A 545 -60.85 -11.88 -5.68
CA SER A 545 -61.22 -10.66 -6.40
C SER A 545 -62.54 -10.06 -5.94
N LEU A 546 -63.47 -10.88 -5.45
CA LEU A 546 -64.73 -10.38 -4.94
C LEU A 546 -64.52 -9.66 -3.60
N THR A 547 -65.49 -8.81 -3.25
CA THR A 547 -65.43 -8.09 -1.99
C THR A 547 -65.60 -9.04 -0.81
N ARG A 548 -65.26 -8.55 0.39
CA ARG A 548 -65.25 -9.41 1.58
C ARG A 548 -66.65 -9.94 1.92
N ARG A 549 -67.71 -9.29 1.43
CA ARG A 549 -69.07 -9.81 1.62
C ARG A 549 -69.27 -11.12 0.87
N ALA A 550 -68.87 -11.18 -0.41
CA ALA A 550 -69.01 -12.41 -1.18
C ALA A 550 -68.04 -13.49 -0.69
N GLN A 551 -66.87 -13.11 -0.21
CA GLN A 551 -65.95 -14.07 0.40
C GLN A 551 -66.58 -14.70 1.64
N LYS A 552 -67.18 -13.88 2.50
CA LYS A 552 -67.91 -14.40 3.65
C LYS A 552 -69.06 -15.32 3.22
N HIS A 553 -69.78 -14.94 2.15
CA HIS A 553 -70.88 -15.77 1.67
C HIS A 553 -70.40 -17.15 1.24
N ARG A 554 -69.28 -17.22 0.50
CA ARG A 554 -68.80 -18.51 0.01
C ARG A 554 -67.97 -19.29 1.03
N LEU A 555 -67.52 -18.66 2.12
CA LEU A 555 -66.71 -19.35 3.12
C LEU A 555 -67.38 -19.45 4.50
N ARG A 556 -68.66 -19.10 4.61
CA ARG A 556 -69.35 -19.22 5.90
C ARG A 556 -69.35 -20.66 6.41
N ASP A 557 -69.43 -21.64 5.50
CA ASP A 557 -69.40 -23.04 5.90
C ASP A 557 -68.10 -23.39 6.64
N LEU A 558 -66.96 -23.11 6.01
CA LEU A 558 -65.67 -23.43 6.63
C LEU A 558 -65.40 -22.53 7.84
N LYS A 559 -65.93 -21.30 7.84
CA LYS A 559 -65.77 -20.41 8.99
C LYS A 559 -66.46 -20.99 10.22
N ASN A 560 -67.72 -21.41 10.08
CA ASN A 560 -68.42 -22.01 11.21
C ASN A 560 -67.87 -23.38 11.59
N GLN A 561 -67.37 -24.15 10.60
CA GLN A 561 -66.72 -25.43 10.90
C GLN A 561 -65.49 -25.22 11.77
N VAL A 562 -64.61 -24.28 11.40
CA VAL A 562 -63.43 -24.00 12.22
C VAL A 562 -63.83 -23.39 13.55
N LYS A 563 -64.92 -22.62 13.59
CA LYS A 563 -65.39 -22.06 14.86
C LYS A 563 -65.76 -23.17 15.85
N THR A 564 -66.64 -24.09 15.44
CA THR A 564 -67.05 -25.17 16.36
C THR A 564 -65.91 -26.16 16.62
N PHE A 565 -65.02 -26.37 15.64
CA PHE A 565 -63.82 -27.19 15.87
C PHE A 565 -62.96 -26.58 16.96
N ALA A 566 -62.71 -25.27 16.91
CA ALA A 566 -61.91 -24.61 17.94
C ALA A 566 -62.62 -24.63 19.28
N GLU A 567 -63.95 -24.49 19.29
CA GLU A 567 -64.71 -24.59 20.54
C GLU A 567 -64.50 -25.95 21.21
N LYS A 568 -64.51 -27.03 20.44
CA LYS A 568 -64.36 -28.37 21.03
C LYS A 568 -62.90 -28.73 21.31
N GLU A 569 -61.94 -28.19 20.56
CA GLU A 569 -60.55 -28.61 20.65
C GLU A 569 -59.65 -27.69 21.47
N GLU A 570 -59.72 -26.37 21.27
CA GLU A 570 -58.75 -25.45 21.85
C GLU A 570 -59.38 -24.38 22.73
N GLY A 571 -60.68 -24.45 23.02
CA GLY A 571 -61.35 -23.43 23.79
C GLY A 571 -61.70 -22.17 23.01
N GLY A 572 -61.99 -22.32 21.72
CA GLY A 572 -62.39 -21.19 20.90
C GLY A 572 -61.28 -20.30 20.40
N ASP A 573 -60.02 -20.73 20.50
CA ASP A 573 -58.88 -19.92 20.05
C ASP A 573 -58.84 -20.01 18.52
N VAL A 574 -59.67 -19.17 17.88
CA VAL A 574 -59.82 -19.22 16.43
C VAL A 574 -58.63 -18.59 15.73
N LYS A 575 -58.10 -17.48 16.26
CA LYS A 575 -57.01 -16.77 15.60
C LYS A 575 -55.74 -17.63 15.55
N SER A 576 -55.37 -18.27 16.66
CA SER A 576 -54.16 -19.08 16.70
C SER A 576 -54.29 -20.33 15.81
N VAL A 577 -55.49 -20.94 15.77
CA VAL A 577 -55.70 -22.12 14.95
C VAL A 577 -55.62 -21.77 13.46
N CYS A 578 -56.32 -20.70 13.04
CA CYS A 578 -56.26 -20.31 11.64
C CYS A 578 -54.88 -19.81 11.25
N LEU A 579 -54.13 -19.24 12.21
CA LEU A 579 -52.74 -18.88 11.96
C LEU A 579 -51.89 -20.11 11.68
N THR A 580 -51.99 -21.13 12.55
CA THR A 580 -51.20 -22.35 12.35
C THR A 580 -51.57 -23.05 11.06
N LEU A 581 -52.86 -23.04 10.68
CA LEU A 581 -53.27 -23.67 9.43
C LEU A 581 -52.75 -22.91 8.21
N PHE A 582 -52.86 -21.57 8.22
CA PHE A 582 -52.29 -20.76 7.15
C PHE A 582 -50.79 -21.00 7.01
N LEU A 583 -50.09 -21.11 8.15
CA LEU A 583 -48.64 -21.37 8.11
C LEU A 583 -48.34 -22.74 7.50
N LEU A 584 -48.94 -23.80 8.04
CA LEU A 584 -48.67 -25.15 7.54
C LEU A 584 -49.09 -25.32 6.07
N ALA A 585 -50.04 -24.51 5.60
CA ALA A 585 -50.33 -24.48 4.16
C ALA A 585 -49.28 -23.73 3.37
N LEU A 586 -48.67 -22.69 3.97
CA LEU A 586 -47.58 -21.98 3.30
C LEU A 586 -46.35 -22.86 3.10
N ARG A 587 -46.02 -23.69 4.11
CA ARG A 587 -44.85 -24.56 4.01
C ARG A 587 -45.05 -25.75 3.07
N ALA A 588 -46.26 -25.93 2.57
CA ALA A 588 -46.53 -27.03 1.65
C ALA A 588 -45.77 -26.83 0.34
N GLY A 589 -45.68 -25.59 -0.11
CA GLY A 589 -44.99 -25.25 -1.33
C GLY A 589 -43.55 -24.80 -1.14
N ASN A 590 -42.99 -25.11 0.05
CA ASN A 590 -41.61 -24.79 0.40
C ASN A 590 -41.36 -23.27 0.40
N GLU A 591 -42.39 -22.49 0.69
CA GLU A 591 -42.29 -21.03 0.75
C GLU A 591 -42.17 -20.57 2.20
N HIS A 592 -41.00 -20.86 2.79
CA HIS A 592 -40.76 -20.54 4.19
C HIS A 592 -40.74 -19.03 4.45
N LYS A 593 -40.38 -18.23 3.44
CA LYS A 593 -39.95 -16.86 3.67
C LYS A 593 -41.08 -15.96 4.15
N GLN A 594 -42.16 -15.85 3.36
CA GLN A 594 -43.27 -14.97 3.73
C GLN A 594 -43.93 -15.43 5.02
N ALA A 595 -43.93 -16.75 5.27
CA ALA A 595 -44.47 -17.27 6.52
C ALA A 595 -43.63 -16.83 7.72
N ASP A 596 -42.30 -16.86 7.58
CA ASP A 596 -41.44 -16.33 8.64
C ASP A 596 -41.67 -14.84 8.86
N GLU A 597 -41.81 -14.08 7.76
CA GLU A 597 -42.06 -12.64 7.86
C GLU A 597 -43.35 -12.37 8.65
N LEU A 598 -44.44 -13.04 8.28
CA LEU A 598 -45.71 -12.82 8.97
C LEU A 598 -45.67 -13.33 10.40
N GLU A 599 -44.95 -14.44 10.64
CA GLU A 599 -44.74 -14.92 12.01
C GLU A 599 -44.08 -13.84 12.86
N ALA A 600 -43.14 -13.09 12.28
CA ALA A 600 -42.57 -11.95 12.99
C ALA A 600 -43.59 -10.83 13.14
N MET A 601 -44.46 -10.63 12.15
CA MET A 601 -45.54 -9.65 12.31
C MET A 601 -46.46 -10.00 13.47
N MET A 602 -46.53 -11.28 13.83
CA MET A 602 -47.25 -11.75 15.00
C MET A 602 -46.31 -11.90 16.20
N GLN A 603 -46.85 -12.34 17.33
CA GLN A 603 -46.18 -12.45 18.64
C GLN A 603 -45.25 -11.25 18.90
N GLY A 604 -45.87 -10.08 18.99
CA GLY A 604 -45.13 -8.85 19.24
C GLY A 604 -44.52 -8.29 17.97
N ARG A 605 -43.73 -7.25 18.14
CA ARG A 605 -43.04 -6.62 17.01
C ARG A 605 -41.63 -6.24 17.41
N GLY A 606 -40.76 -6.20 16.40
CA GLY A 606 -39.36 -5.83 16.55
C GLY A 606 -38.97 -4.74 15.57
N PHE A 607 -39.86 -3.75 15.44
CA PHE A 607 -39.70 -2.68 14.45
C PHE A 607 -38.29 -2.08 14.47
N GLY A 608 -37.84 -1.63 15.64
CA GLY A 608 -36.53 -1.01 15.74
C GLY A 608 -35.46 -2.01 16.16
N LEU A 609 -34.22 -1.57 16.07
CA LEU A 609 -33.06 -2.38 16.42
C LEU A 609 -32.41 -1.79 17.68
N HIS A 610 -32.08 -2.65 18.63
CA HIS A 610 -31.41 -2.22 19.85
C HIS A 610 -30.15 -1.46 19.46
N PRO A 611 -29.96 -0.22 19.92
CA PRO A 611 -28.74 0.53 19.57
C PRO A 611 -27.46 -0.24 19.85
N ALA A 612 -27.44 -1.09 20.87
CA ALA A 612 -26.24 -1.86 21.20
C ALA A 612 -25.81 -2.72 20.02
N VAL A 613 -26.68 -3.62 19.58
CA VAL A 613 -26.43 -4.44 18.41
C VAL A 613 -25.99 -3.59 17.22
N CYS A 614 -26.52 -2.37 17.13
CA CYS A 614 -26.19 -1.52 15.98
C CYS A 614 -24.75 -1.03 16.05
N LEU A 615 -24.31 -0.57 17.22
CA LEU A 615 -22.90 -0.23 17.37
C LEU A 615 -22.02 -1.45 17.12
N ALA A 616 -22.44 -2.60 17.65
CA ALA A 616 -21.75 -3.84 17.37
C ALA A 616 -21.61 -4.08 15.88
N ILE A 617 -22.65 -3.75 15.10
CA ILE A 617 -22.58 -4.01 13.67
C ILE A 617 -21.74 -2.97 12.95
N ARG A 618 -21.60 -1.76 13.49
CA ARG A 618 -20.64 -0.85 12.88
C ARG A 618 -19.22 -1.36 13.10
N VAL A 619 -18.91 -1.76 14.33
CA VAL A 619 -17.54 -2.16 14.65
C VAL A 619 -17.19 -3.50 14.01
N ASN A 620 -18.04 -4.52 14.20
CA ASN A 620 -17.75 -5.89 13.78
C ASN A 620 -17.41 -6.00 12.30
N THR A 621 -17.58 -4.92 11.53
CA THR A 621 -17.37 -4.97 10.09
C THR A 621 -16.44 -3.86 9.61
N PHE A 622 -15.77 -3.15 10.51
CA PHE A 622 -14.82 -2.09 10.16
C PHE A 622 -15.48 -0.94 9.40
N LEU A 623 -16.78 -0.75 9.54
CA LEU A 623 -17.42 0.37 8.88
C LEU A 623 -17.00 1.69 9.54
N SER A 624 -16.41 2.58 8.75
CA SER A 624 -16.04 3.87 9.30
C SER A 624 -17.27 4.76 9.37
N CYS A 625 -17.10 5.88 10.10
CA CYS A 625 -18.25 6.67 10.55
C CYS A 625 -19.13 7.11 9.39
N SER A 626 -18.56 7.87 8.44
CA SER A 626 -19.35 8.38 7.33
C SER A 626 -19.98 7.25 6.51
N GLN A 627 -19.29 6.11 6.39
CA GLN A 627 -19.88 4.96 5.71
C GLN A 627 -21.19 4.56 6.37
N TYR A 628 -21.15 4.44 7.70
CA TYR A 628 -22.36 4.20 8.48
C TYR A 628 -23.42 5.23 8.13
N HIS A 629 -23.14 6.51 8.39
CA HIS A 629 -24.13 7.57 8.16
C HIS A 629 -24.79 7.47 6.78
N LYS A 630 -23.99 7.14 5.75
CA LYS A 630 -24.53 7.02 4.40
C LYS A 630 -25.51 5.87 4.29
N MET A 631 -25.06 4.65 4.63
CA MET A 631 -25.97 3.51 4.54
C MET A 631 -27.20 3.74 5.42
N TYR A 632 -27.04 4.52 6.50
CA TYR A 632 -28.11 4.77 7.45
C TYR A 632 -29.19 5.64 6.84
N ARG A 633 -28.80 6.83 6.33
CA ARG A 633 -29.72 7.65 5.57
C ARG A 633 -30.45 6.82 4.51
N THR A 634 -29.69 5.99 3.78
CA THR A 634 -30.28 5.19 2.71
C THR A 634 -31.42 4.33 3.22
N VAL A 635 -31.11 3.39 4.12
CA VAL A 635 -32.13 2.46 4.60
C VAL A 635 -33.25 3.21 5.33
N LYS A 636 -32.92 4.29 6.05
CA LYS A 636 -33.89 5.05 6.83
C LYS A 636 -34.99 5.59 5.95
N ALA A 637 -34.64 6.49 5.04
CA ALA A 637 -35.69 7.03 4.19
C ALA A 637 -36.07 6.08 3.05
N THR A 638 -35.49 4.86 3.02
CA THR A 638 -35.96 3.83 2.09
C THR A 638 -37.37 3.38 2.43
N SER A 639 -37.57 2.81 3.62
CA SER A 639 -38.88 2.30 4.04
C SER A 639 -39.25 2.80 5.43
N GLY A 640 -39.72 4.04 5.52
CA GLY A 640 -40.67 4.50 6.53
C GLY A 640 -40.45 4.14 7.99
N ARG A 641 -39.32 3.53 8.34
CA ARG A 641 -39.09 3.12 9.72
C ARG A 641 -37.60 3.20 10.02
N GLN A 642 -37.30 3.60 11.26
CA GLN A 642 -35.94 3.84 11.71
C GLN A 642 -35.32 2.50 12.09
N ILE A 643 -34.94 1.74 11.06
CA ILE A 643 -34.42 0.39 11.30
C ILE A 643 -33.10 0.44 12.05
N PHE A 644 -32.19 1.30 11.62
CA PHE A 644 -30.92 1.44 12.32
C PHE A 644 -30.99 2.63 13.26
N GLN A 645 -30.08 2.66 14.15
CA GLN A 645 -30.03 3.90 14.90
C GLN A 645 -28.99 4.84 14.28
N PRO A 646 -29.20 6.14 14.34
CA PRO A 646 -28.25 7.08 13.75
C PRO A 646 -26.99 7.24 14.61
N LEU A 647 -26.12 8.15 14.17
CA LEU A 647 -24.79 8.31 14.75
C LEU A 647 -24.85 8.70 16.22
N HIS A 648 -25.41 9.88 16.51
CA HIS A 648 -25.21 10.48 17.83
C HIS A 648 -25.71 9.57 18.96
N THR A 649 -26.85 8.89 18.74
CA THR A 649 -27.37 7.97 19.75
C THR A 649 -26.51 6.71 19.86
N LEU A 650 -25.99 6.23 18.72
CA LEU A 650 -24.99 5.17 18.74
C LEU A 650 -23.84 5.52 19.68
N ARG A 651 -23.20 6.68 19.45
CA ARG A 651 -22.05 7.05 20.26
C ARG A 651 -22.44 7.27 21.73
N ASN A 652 -23.60 7.87 21.97
CA ASN A 652 -24.06 8.07 23.34
C ASN A 652 -24.16 6.73 24.06
N ALA A 653 -24.87 5.76 23.46
CA ALA A 653 -24.98 4.44 24.06
C ALA A 653 -23.63 3.76 24.16
N GLU A 654 -22.73 4.05 23.22
CA GLU A 654 -21.40 3.44 23.21
C GLU A 654 -20.59 3.86 24.43
N LYS A 655 -20.64 5.14 24.78
CA LYS A 655 -19.81 5.67 25.86
C LYS A 655 -19.98 4.88 27.16
N GLU A 656 -20.99 4.03 27.24
CA GLU A 656 -21.16 3.10 28.34
C GLU A 656 -20.19 1.92 28.31
N LEU A 657 -19.42 1.74 27.23
CA LEU A 657 -18.60 0.55 27.07
C LEU A 657 -17.09 0.76 27.18
N LEU A 658 -16.56 1.94 26.85
CA LEU A 658 -15.14 2.18 27.03
C LEU A 658 -14.79 2.19 28.52
N PRO A 659 -13.52 2.30 28.86
CA PRO A 659 -13.17 2.58 30.27
C PRO A 659 -13.83 3.84 30.78
N GLY A 660 -14.06 3.88 32.09
CA GLY A 660 -14.56 5.08 32.75
C GLY A 660 -16.07 5.19 32.84
N PHE A 661 -16.74 4.21 33.45
CA PHE A 661 -18.19 4.30 33.55
C PHE A 661 -18.83 3.62 34.76
N HIS A 662 -18.07 3.11 35.72
CA HIS A 662 -18.65 2.42 36.88
C HIS A 662 -17.77 2.67 38.10
N GLN A 663 -18.23 3.54 39.00
CA GLN A 663 -17.41 3.97 40.12
C GLN A 663 -17.11 2.79 41.05
N PHE A 664 -16.08 2.99 41.89
CA PHE A 664 -15.57 1.95 42.75
C PHE A 664 -14.82 2.59 43.91
N GLU A 665 -14.68 1.82 44.97
CA GLU A 665 -13.78 2.13 46.05
C GLU A 665 -12.52 1.32 45.83
N TRP A 666 -11.63 1.32 46.82
CA TRP A 666 -10.52 0.38 46.81
C TRP A 666 -10.05 0.19 48.24
N GLN A 667 -10.02 -1.05 48.71
CA GLN A 667 -9.68 -1.37 50.10
C GLN A 667 -8.41 -2.20 50.16
N PRO A 668 -7.30 -1.68 50.73
CA PRO A 668 -7.21 -0.30 51.19
C PRO A 668 -7.10 0.66 50.02
N ALA A 669 -7.22 1.96 50.25
CA ALA A 669 -6.99 2.92 49.17
C ALA A 669 -5.64 2.65 48.53
N LEU A 670 -5.55 2.91 47.23
CA LEU A 670 -4.42 2.43 46.46
C LEU A 670 -3.14 3.18 46.81
N LYS A 671 -2.02 2.49 46.62
CA LYS A 671 -0.69 3.07 46.82
C LYS A 671 -0.31 3.85 45.58
N ASN A 672 -0.11 5.16 45.73
CA ASN A 672 0.32 6.05 44.66
C ASN A 672 -0.45 5.80 43.37
N VAL A 673 -1.76 6.07 43.43
CA VAL A 673 -2.67 5.87 42.30
C VAL A 673 -3.63 7.05 42.26
N SER A 674 -3.97 7.51 41.05
CA SER A 674 -4.96 8.57 40.90
C SER A 674 -6.28 8.14 41.53
N THR A 675 -7.10 9.15 41.81
CA THR A 675 -8.35 8.96 42.54
C THR A 675 -9.57 8.89 41.65
N SER A 676 -9.45 9.30 40.39
CA SER A 676 -10.61 9.43 39.53
C SER A 676 -11.17 8.06 39.14
N TRP A 677 -12.34 8.09 38.49
CA TRP A 677 -12.93 6.88 37.95
C TRP A 677 -13.64 7.14 36.63
N ASP A 678 -13.57 8.34 36.07
CA ASP A 678 -14.07 8.63 34.74
C ASP A 678 -12.96 9.00 33.77
N VAL A 679 -11.71 9.07 34.24
CA VAL A 679 -10.59 9.39 33.38
C VAL A 679 -10.57 8.42 32.23
N GLY A 680 -10.73 8.95 31.02
CA GLY A 680 -10.78 8.12 29.84
C GLY A 680 -9.41 7.90 29.25
N ILE A 681 -9.27 8.09 27.94
CA ILE A 681 -8.08 7.71 27.21
C ILE A 681 -6.95 8.68 27.53
N ILE A 682 -6.01 8.26 28.36
CA ILE A 682 -4.84 9.08 28.68
C ILE A 682 -3.80 8.86 27.60
N ASP A 683 -3.16 9.94 27.17
CA ASP A 683 -1.94 9.82 26.38
C ASP A 683 -0.86 9.13 27.21
N GLY A 684 0.00 8.35 26.53
CA GLY A 684 0.99 7.59 27.26
C GLY A 684 2.20 8.38 27.74
N LEU A 685 2.53 9.49 27.06
CA LEU A 685 3.77 10.22 27.31
C LEU A 685 4.03 10.47 28.79
N SER A 686 2.96 10.53 29.60
CA SER A 686 3.07 10.63 31.05
C SER A 686 3.86 11.88 31.46
N GLY A 687 3.60 12.99 30.78
CA GLY A 687 4.12 14.28 31.18
C GLY A 687 5.62 14.45 31.13
N TRP A 688 6.22 14.19 29.98
CA TRP A 688 7.58 14.63 29.74
C TRP A 688 7.55 16.11 29.40
N THR A 689 8.09 16.94 30.28
CA THR A 689 8.30 18.33 29.92
C THR A 689 9.00 18.37 28.56
N VAL A 690 8.36 19.02 27.60
CA VAL A 690 8.70 18.91 26.18
C VAL A 690 10.12 19.44 25.93
N SER A 691 10.80 19.83 27.00
CA SER A 691 12.14 20.42 26.98
C SER A 691 13.09 19.72 26.01
N VAL A 692 13.85 20.53 25.25
CA VAL A 692 14.76 20.01 24.24
C VAL A 692 15.92 19.28 24.88
N ASP A 693 16.47 19.84 25.96
CA ASP A 693 17.70 19.38 26.61
C ASP A 693 17.85 17.87 26.69
N ASP A 694 16.82 17.19 27.19
CA ASP A 694 16.91 15.80 27.62
C ASP A 694 16.64 14.85 26.45
N VAL A 695 16.43 13.57 26.75
CA VAL A 695 15.98 12.58 25.77
C VAL A 695 14.72 13.10 25.09
N PRO A 696 14.60 12.98 23.76
CA PRO A 696 13.41 13.49 23.07
C PRO A 696 12.10 12.99 23.67
N ALA A 697 11.04 13.80 23.47
CA ALA A 697 9.67 13.43 23.81
C ALA A 697 8.85 13.12 22.56
N ASP A 698 9.50 12.73 21.47
CA ASP A 698 8.83 12.58 20.18
C ASP A 698 8.01 11.29 20.11
N THR A 699 8.34 10.30 20.95
CA THR A 699 7.59 9.04 21.00
C THR A 699 6.10 9.31 21.14
N ILE A 700 5.30 8.46 20.53
CA ILE A 700 3.84 8.59 20.51
C ILE A 700 3.22 7.38 21.16
N SER A 701 2.19 7.60 21.97
CA SER A 701 1.64 6.55 22.81
C SER A 701 0.25 6.93 23.28
N ARG A 702 -0.60 5.92 23.43
CA ARG A 702 -1.94 6.09 23.96
C ARG A 702 -2.29 4.82 24.73
N ARG A 703 -3.02 4.97 25.82
CA ARG A 703 -3.35 3.81 26.65
C ARG A 703 -4.45 4.21 27.63
N PHE A 704 -4.73 3.30 28.55
CA PHE A 704 -5.63 3.54 29.66
C PHE A 704 -4.82 3.44 30.96
N ARG A 705 -5.52 3.65 32.07
CA ARG A 705 -5.02 3.24 33.36
C ARG A 705 -5.49 1.82 33.63
N TYR A 706 -4.54 0.95 33.93
CA TYR A 706 -4.78 -0.49 34.10
C TYR A 706 -6.07 -0.80 34.86
N ASP A 707 -6.24 -0.14 36.01
CA ASP A 707 -7.37 -0.41 36.89
C ASP A 707 -8.70 -0.20 36.18
N VAL A 708 -8.88 0.99 35.58
CA VAL A 708 -10.14 1.30 34.91
C VAL A 708 -10.40 0.32 33.78
N ALA A 709 -9.35 -0.16 33.11
CA ALA A 709 -9.52 -1.20 32.10
C ALA A 709 -10.07 -2.47 32.71
N LEU A 710 -9.48 -2.89 33.83
CA LEU A 710 -9.96 -4.10 34.51
C LEU A 710 -11.43 -3.96 34.89
N VAL A 711 -11.80 -2.81 35.46
CA VAL A 711 -13.19 -2.61 35.92
C VAL A 711 -14.13 -2.55 34.71
N SER A 712 -13.67 -2.03 33.59
CA SER A 712 -14.47 -2.07 32.37
C SER A 712 -14.76 -3.51 31.97
N ALA A 713 -13.71 -4.33 31.86
CA ALA A 713 -13.88 -5.73 31.45
C ALA A 713 -14.81 -6.46 32.42
N LEU A 714 -14.59 -6.27 33.71
CA LEU A 714 -15.40 -6.98 34.68
C LEU A 714 -16.86 -6.53 34.62
N LYS A 715 -17.12 -5.23 34.77
CA LYS A 715 -18.49 -4.73 34.71
C LYS A 715 -19.18 -5.15 33.42
N ASP A 716 -18.42 -5.31 32.34
CA ASP A 716 -18.96 -5.96 31.15
C ASP A 716 -19.44 -7.36 31.49
N LEU A 717 -18.58 -8.16 32.12
CA LEU A 717 -18.81 -9.59 32.27
C LEU A 717 -19.84 -9.95 33.37
N GLU A 718 -20.62 -8.97 33.82
CA GLU A 718 -21.63 -9.21 34.85
C GLU A 718 -22.59 -10.32 34.44
N GLU A 719 -23.03 -10.31 33.18
CA GLU A 719 -23.95 -11.34 32.70
C GLU A 719 -23.37 -12.73 32.91
N ASP A 720 -22.11 -12.93 32.50
CA ASP A 720 -21.51 -14.26 32.57
C ASP A 720 -21.25 -14.68 34.01
N ILE A 721 -20.87 -13.74 34.88
CA ILE A 721 -20.64 -14.13 36.26
C ILE A 721 -21.98 -14.51 36.91
N MET A 722 -23.06 -13.82 36.55
CA MET A 722 -24.36 -14.20 37.11
C MET A 722 -24.84 -15.53 36.54
N GLU A 723 -24.45 -15.85 35.29
CA GLU A 723 -24.72 -17.18 34.76
C GLU A 723 -23.98 -18.25 35.56
N GLY A 724 -22.70 -18.02 35.84
CA GLY A 724 -21.97 -18.97 36.67
C GLY A 724 -22.62 -19.14 38.03
N LEU A 725 -23.17 -18.06 38.58
CA LEU A 725 -23.87 -18.15 39.85
C LEU A 725 -25.14 -18.99 39.74
N ARG A 726 -25.93 -18.79 38.67
CA ARG A 726 -27.17 -19.57 38.53
C ARG A 726 -26.87 -21.04 38.26
N GLU A 727 -25.80 -21.34 37.52
CA GLU A 727 -25.44 -22.73 37.26
C GLU A 727 -24.95 -23.41 38.53
N ARG A 728 -23.88 -22.87 39.13
CA ARG A 728 -23.25 -23.53 40.27
C ARG A 728 -24.17 -23.66 41.47
N ALA A 729 -25.36 -23.05 41.43
CA ALA A 729 -26.36 -23.16 42.49
C ALA A 729 -25.81 -22.61 43.81
N LEU A 730 -25.13 -21.47 43.71
CA LEU A 730 -24.53 -20.83 44.87
C LEU A 730 -25.36 -19.64 45.33
N ASP A 731 -25.28 -19.36 46.63
CA ASP A 731 -26.05 -18.28 47.22
C ASP A 731 -25.62 -16.92 46.64
N ASP A 732 -26.47 -15.91 46.87
CA ASP A 732 -26.21 -14.54 46.44
C ASP A 732 -25.84 -13.61 47.58
N SER A 733 -26.52 -13.71 48.73
CA SER A 733 -26.14 -12.94 49.89
C SER A 733 -24.85 -13.46 50.53
N MET A 734 -24.39 -14.66 50.17
CA MET A 734 -23.17 -15.26 50.69
C MET A 734 -22.10 -15.44 49.61
N CYS A 735 -22.11 -14.60 48.56
CA CYS A 735 -21.09 -14.61 47.52
C CYS A 735 -20.53 -13.20 47.29
N THR A 736 -20.24 -12.48 48.37
CA THR A 736 -19.85 -11.08 48.25
C THR A 736 -18.37 -10.82 48.44
N SER A 737 -17.59 -11.78 48.96
CA SER A 737 -16.19 -11.53 49.29
C SER A 737 -15.21 -12.42 48.52
N GLY A 738 -15.39 -13.73 48.56
CA GLY A 738 -14.35 -14.66 48.12
C GLY A 738 -14.17 -14.84 46.62
N PHE A 739 -13.83 -13.77 45.92
CA PHE A 739 -13.54 -13.83 44.49
C PHE A 739 -12.03 -13.81 44.26
N THR A 740 -11.61 -14.34 43.11
CA THR A 740 -10.21 -14.27 42.70
C THR A 740 -10.17 -14.32 41.18
N VAL A 741 -9.72 -13.25 40.54
CA VAL A 741 -9.61 -13.18 39.09
C VAL A 741 -8.15 -13.32 38.70
N VAL A 742 -7.87 -14.24 37.78
CA VAL A 742 -6.55 -14.41 37.21
C VAL A 742 -6.52 -13.62 35.90
N VAL A 743 -5.53 -12.74 35.75
CA VAL A 743 -5.44 -11.81 34.64
C VAL A 743 -4.08 -12.00 33.97
N LYS A 744 -4.12 -12.23 32.65
CA LYS A 744 -2.94 -12.61 31.86
C LYS A 744 -2.45 -11.41 31.08
N GLU A 745 -1.19 -11.05 31.28
CA GLU A 745 -0.55 -9.97 30.54
C GLU A 745 0.15 -10.54 29.32
N SER A 746 0.42 -9.65 28.35
CA SER A 746 1.17 -10.04 27.17
C SER A 746 1.59 -8.80 26.40
N CYS A 747 2.79 -8.84 25.83
CA CYS A 747 3.29 -7.77 24.98
C CYS A 747 4.14 -8.34 23.86
N ASP A 748 3.92 -7.88 22.63
CA ASP A 748 4.73 -8.30 21.51
C ASP A 748 5.03 -7.09 20.63
N GLY A 749 6.16 -7.16 19.94
CA GLY A 749 6.44 -6.20 18.88
C GLY A 749 5.51 -6.41 17.70
N MET A 750 5.47 -5.39 16.84
CA MET A 750 4.67 -5.45 15.63
C MET A 750 5.33 -4.53 14.61
N GLY A 751 5.80 -5.09 13.51
CA GLY A 751 6.74 -4.40 12.66
C GLY A 751 6.06 -3.53 11.61
N ASP A 752 6.67 -2.37 11.38
CA ASP A 752 6.63 -1.64 10.10
C ASP A 752 5.24 -1.70 9.45
N VAL A 753 4.26 -1.10 10.13
CA VAL A 753 2.91 -1.02 9.60
C VAL A 753 2.96 -0.44 8.19
N SER A 754 2.51 -1.22 7.21
CA SER A 754 2.60 -0.83 5.82
C SER A 754 1.49 0.16 5.50
N GLU A 755 1.87 1.37 5.11
CA GLU A 755 0.94 2.32 4.54
C GLU A 755 1.66 3.10 3.46
N LYS A 756 0.96 3.32 2.34
CA LYS A 756 1.51 4.06 1.21
C LYS A 756 2.15 5.37 1.66
N HIS A 757 1.48 6.09 2.56
CA HIS A 757 1.83 7.48 2.86
C HIS A 757 3.10 7.58 3.70
N PRO A 764 6.68 6.35 11.60
CA PRO A 764 5.36 5.73 11.48
C PRO A 764 5.39 4.29 10.97
N GLU A 765 6.37 3.50 11.40
CA GLU A 765 6.46 2.09 11.00
C GLU A 765 6.38 1.13 12.18
N LYS A 766 7.29 1.22 13.14
CA LYS A 766 7.33 0.23 14.21
C LYS A 766 6.19 0.43 15.20
N ALA A 767 5.88 -0.62 15.96
CA ALA A 767 4.76 -0.58 16.88
C ALA A 767 4.90 -1.66 17.95
N VAL A 768 4.36 -1.38 19.13
CA VAL A 768 4.34 -2.31 20.26
C VAL A 768 2.94 -2.29 20.87
N ARG A 769 2.39 -3.45 21.16
CA ARG A 769 1.03 -3.56 21.69
C ARG A 769 1.05 -4.42 22.95
N PHE A 770 0.56 -3.85 24.05
CA PHE A 770 0.60 -4.47 25.37
C PHE A 770 -0.83 -4.66 25.85
N SER A 771 -1.25 -5.91 26.01
CA SER A 771 -2.64 -6.22 26.29
C SER A 771 -2.74 -7.28 27.39
N PHE A 772 -3.96 -7.49 27.86
CA PHE A 772 -4.23 -8.44 28.93
C PHE A 772 -5.51 -9.19 28.57
N THR A 773 -5.85 -10.19 29.37
CA THR A 773 -7.06 -10.97 29.13
C THR A 773 -7.51 -11.62 30.43
N ILE A 774 -8.80 -11.49 30.73
CA ILE A 774 -9.40 -12.20 31.86
C ILE A 774 -9.30 -13.70 31.59
N MET A 775 -8.90 -14.45 32.60
CA MET A 775 -8.72 -15.88 32.43
C MET A 775 -9.73 -16.71 33.21
N SER A 776 -9.87 -16.45 34.51
CA SER A 776 -10.83 -17.20 35.31
C SER A 776 -11.24 -16.35 36.50
N ILE A 777 -12.36 -16.73 37.09
CA ILE A 777 -12.84 -16.16 38.34
C ILE A 777 -13.50 -17.28 39.13
N SER A 778 -13.00 -17.53 40.35
CA SER A 778 -13.45 -18.65 41.16
C SER A 778 -14.08 -18.12 42.45
N ILE A 779 -14.43 -19.04 43.34
CA ILE A 779 -14.97 -18.66 44.63
C ILE A 779 -13.96 -19.06 45.70
N ARG A 780 -14.06 -18.39 46.85
CA ARG A 780 -13.21 -18.69 47.99
C ARG A 780 -13.99 -18.71 49.31
N LEU A 781 -15.27 -18.35 49.31
CA LEU A 781 -16.06 -18.39 50.53
C LEU A 781 -16.79 -19.72 50.70
N GLU A 782 -16.69 -20.30 51.89
CA GLU A 782 -15.85 -19.73 52.96
C GLU A 782 -15.05 -20.82 53.68
N GLY A 783 -15.39 -22.08 53.42
CA GLY A 783 -14.73 -23.20 54.07
C GLY A 783 -13.39 -23.52 53.46
N GLU A 784 -13.11 -24.79 53.19
CA GLU A 784 -11.84 -25.14 52.57
C GLU A 784 -11.75 -24.58 51.15
N ASP A 785 -12.64 -25.01 50.26
CA ASP A 785 -12.79 -24.52 48.89
C ASP A 785 -11.45 -24.14 48.27
N ASP A 786 -10.57 -25.14 48.15
CA ASP A 786 -9.30 -24.96 47.48
C ASP A 786 -9.44 -24.20 46.16
N GLY A 787 -10.53 -24.46 45.43
CA GLY A 787 -10.91 -23.63 44.30
C GLY A 787 -12.20 -24.08 43.66
N ILE A 788 -13.12 -23.14 43.40
CA ILE A 788 -14.35 -23.42 42.65
C ILE A 788 -14.43 -22.36 41.55
N THR A 789 -13.95 -22.71 40.35
CA THR A 789 -14.05 -21.80 39.21
C THR A 789 -15.52 -21.47 38.95
N ILE A 790 -15.77 -20.23 38.53
CA ILE A 790 -17.10 -19.80 38.14
C ILE A 790 -17.19 -19.58 36.63
N PHE A 791 -16.28 -18.78 36.09
CA PHE A 791 -16.25 -18.53 34.65
C PHE A 791 -14.84 -18.81 34.17
N GLN A 792 -14.66 -19.92 33.46
CA GLN A 792 -13.41 -20.25 32.81
C GLN A 792 -13.53 -19.90 31.34
N GLU A 793 -12.61 -19.07 30.85
CA GLU A 793 -12.59 -18.72 29.43
C GLU A 793 -12.47 -20.00 28.60
N GLN A 794 -13.25 -20.08 27.52
CA GLN A 794 -13.32 -21.29 26.73
C GLN A 794 -12.62 -21.18 25.38
N LYS A 795 -12.14 -20.01 25.00
CA LYS A 795 -11.26 -19.85 23.84
C LYS A 795 -10.10 -18.97 24.26
N PRO A 796 -9.12 -19.56 24.94
CA PRO A 796 -8.14 -18.74 25.68
C PRO A 796 -7.35 -17.79 24.81
N ASN A 797 -6.82 -18.27 23.70
CA ASN A 797 -5.88 -17.50 22.91
C ASN A 797 -6.56 -16.69 21.81
N SER A 798 -7.60 -17.23 21.19
CA SER A 798 -8.25 -16.57 20.07
C SER A 798 -8.44 -15.08 20.35
N GLU A 799 -7.90 -14.25 19.46
CA GLU A 799 -7.80 -12.82 19.65
C GLU A 799 -9.14 -12.16 19.98
N LEU A 800 -10.26 -12.85 19.78
CA LEU A 800 -11.54 -12.32 20.19
C LEU A 800 -11.55 -11.92 21.66
N SER A 801 -10.63 -12.46 22.46
CA SER A 801 -10.47 -12.07 23.87
C SER A 801 -8.99 -11.78 24.11
N CYS A 802 -8.58 -10.56 23.77
CA CYS A 802 -7.28 -10.03 24.21
C CYS A 802 -7.41 -8.52 24.17
N ARG A 803 -7.78 -7.92 25.30
CA ARG A 803 -8.16 -6.52 25.30
C ARG A 803 -6.91 -5.65 25.29
N PRO A 804 -6.69 -4.86 24.24
CA PRO A 804 -5.52 -4.00 24.22
C PRO A 804 -5.62 -2.93 25.29
N LEU A 805 -4.45 -2.55 25.79
CA LEU A 805 -4.37 -1.62 26.91
C LEU A 805 -3.44 -0.46 26.61
N CYS A 806 -2.40 -0.72 25.82
CA CYS A 806 -1.46 0.33 25.47
C CYS A 806 -0.92 0.09 24.06
N LEU A 807 -0.62 1.19 23.37
CA LEU A 807 -0.07 1.15 22.02
C LEU A 807 0.92 2.30 21.87
N MET A 808 2.06 2.01 21.25
CA MET A 808 3.16 2.96 21.18
C MET A 808 3.91 2.79 19.88
N PHE A 809 4.02 3.87 19.10
CA PHE A 809 4.84 3.88 17.90
C PHE A 809 6.31 3.85 18.29
N VAL A 810 6.79 2.70 18.78
CA VAL A 810 8.18 2.51 19.17
C VAL A 810 8.64 1.17 18.59
N ASP A 811 9.90 0.84 18.82
CA ASP A 811 10.50 -0.40 18.35
C ASP A 811 10.58 -1.39 19.51
N GLU A 812 10.43 -2.68 19.16
CA GLU A 812 10.57 -3.75 20.13
C GLU A 812 11.95 -3.75 20.79
N SER A 813 12.96 -3.22 20.09
CA SER A 813 14.33 -3.38 20.54
C SER A 813 14.68 -2.45 21.69
N ASP A 814 14.64 -1.13 21.45
CA ASP A 814 15.31 -0.17 22.33
C ASP A 814 14.68 -0.22 23.73
N HIS A 815 15.43 -0.84 24.65
CA HIS A 815 15.01 -0.95 26.04
C HIS A 815 14.52 0.37 26.60
N GLU A 816 15.22 1.46 26.24
CA GLU A 816 15.02 2.76 26.84
C GLU A 816 13.58 3.24 26.75
N THR A 817 13.14 3.61 25.55
CA THR A 817 11.83 4.25 25.43
C THR A 817 10.72 3.29 25.85
N LEU A 818 10.94 2.00 25.65
CA LEU A 818 9.95 1.00 26.08
C LEU A 818 9.70 1.12 27.57
N THR A 819 10.76 1.00 28.40
CA THR A 819 10.59 1.17 29.84
C THR A 819 10.00 2.54 30.14
N ALA A 820 10.55 3.57 29.49
CA ALA A 820 10.13 4.95 29.75
C ALA A 820 8.63 5.13 29.63
N ILE A 821 7.97 4.29 28.83
CA ILE A 821 6.51 4.32 28.85
C ILE A 821 5.94 3.29 29.81
N LEU A 822 6.41 2.04 29.77
CA LEU A 822 5.77 0.94 30.48
C LEU A 822 5.85 1.07 31.99
N GLY A 823 6.66 1.99 32.50
CA GLY A 823 6.77 2.25 33.93
C GLY A 823 5.45 2.35 34.65
N PRO A 824 4.65 3.40 34.36
CA PRO A 824 3.32 3.56 34.97
C PRO A 824 2.51 2.28 35.08
N VAL A 825 2.47 1.51 33.98
CA VAL A 825 1.76 0.22 33.98
C VAL A 825 2.33 -0.69 35.07
N VAL A 826 3.66 -0.80 35.13
CA VAL A 826 4.31 -1.64 36.13
C VAL A 826 3.98 -1.15 37.54
N ALA A 827 4.05 0.16 37.75
CA ALA A 827 3.75 0.72 39.05
C ALA A 827 2.34 0.34 39.49
N GLU A 828 1.37 0.52 38.61
CA GLU A 828 -0.01 0.12 38.91
C GLU A 828 -0.06 -1.37 39.27
N ARG A 829 0.52 -2.20 38.40
CA ARG A 829 0.49 -3.65 38.61
C ARG A 829 1.00 -4.03 39.98
N LYS A 830 2.26 -3.68 40.27
CA LYS A 830 2.82 -3.93 41.59
C LYS A 830 1.92 -3.38 42.69
N ALA A 831 1.48 -2.12 42.53
CA ALA A 831 0.65 -1.50 43.55
C ALA A 831 -0.72 -2.16 43.68
N MET A 832 -1.23 -2.81 42.63
CA MET A 832 -2.59 -3.30 42.71
C MET A 832 -2.68 -4.60 43.49
N MET A 833 -1.75 -5.53 43.26
CA MET A 833 -1.92 -6.90 43.74
C MET A 833 -2.12 -7.00 45.25
N GLU A 834 -1.69 -6.00 46.01
CA GLU A 834 -1.87 -6.03 47.45
C GLU A 834 -3.33 -5.80 47.84
N SER A 835 -3.89 -4.67 47.43
CA SER A 835 -5.22 -4.30 47.88
C SER A 835 -6.27 -5.25 47.30
N ARG A 836 -7.51 -5.05 47.73
CA ARG A 836 -8.66 -5.76 47.21
C ARG A 836 -9.62 -4.74 46.61
N LEU A 837 -10.46 -5.20 45.69
CA LEU A 837 -11.30 -4.32 44.89
C LEU A 837 -12.79 -4.51 45.18
N ILE A 838 -13.52 -3.39 45.23
CA ILE A 838 -14.95 -3.36 45.51
C ILE A 838 -15.67 -2.81 44.28
N ILE A 839 -16.74 -3.48 43.86
CA ILE A 839 -17.51 -3.12 42.67
C ILE A 839 -18.95 -3.57 42.85
N SER A 840 -19.89 -2.72 42.43
CA SER A 840 -21.30 -3.07 42.35
C SER A 840 -21.56 -3.87 41.09
N VAL A 841 -22.17 -5.05 41.24
CA VAL A 841 -22.60 -5.89 40.13
C VAL A 841 -23.90 -6.57 40.53
N GLY A 842 -24.95 -6.36 39.74
CA GLY A 842 -26.26 -6.85 40.13
C GLY A 842 -26.82 -6.20 41.38
N GLY A 843 -26.50 -4.92 41.60
CA GLY A 843 -26.99 -4.17 42.75
C GLY A 843 -26.20 -4.37 44.02
N LEU A 844 -25.57 -5.53 44.21
CA LEU A 844 -24.75 -5.82 45.37
C LEU A 844 -23.30 -5.48 45.05
N LEU A 845 -22.74 -4.51 45.77
CA LEU A 845 -21.31 -4.27 45.65
C LEU A 845 -20.55 -5.46 46.23
N ARG A 846 -19.59 -5.97 45.47
CA ARG A 846 -18.91 -7.22 45.80
C ARG A 846 -17.41 -7.03 45.66
N SER A 847 -16.66 -7.99 46.21
CA SER A 847 -15.20 -7.88 46.34
C SER A 847 -14.49 -8.65 45.24
N PHE A 848 -13.24 -8.26 44.98
CA PHE A 848 -12.37 -8.93 44.01
C PHE A 848 -10.93 -8.83 44.46
N ARG A 849 -10.24 -9.96 44.52
CA ARG A 849 -8.79 -10.00 44.67
C ARG A 849 -8.18 -10.25 43.29
N PHE A 850 -6.87 -10.50 43.25
CA PHE A 850 -6.20 -10.80 41.99
C PHE A 850 -4.97 -11.66 42.23
N PHE A 851 -4.63 -12.46 41.22
CA PHE A 851 -3.29 -12.97 41.00
C PHE A 851 -2.98 -12.79 39.52
N PHE A 852 -1.71 -12.57 39.20
CA PHE A 852 -1.30 -12.27 37.84
C PHE A 852 -0.37 -13.34 37.32
N ARG A 853 -0.64 -13.81 36.11
CA ARG A 853 0.19 -14.77 35.42
C ARG A 853 0.72 -14.06 34.18
N GLY A 854 1.92 -13.50 34.29
CA GLY A 854 2.59 -12.91 33.15
C GLY A 854 3.28 -13.97 32.31
N THR A 855 2.73 -14.23 31.12
CA THR A 855 3.19 -15.32 30.26
C THR A 855 3.53 -14.85 28.86
N GLY A 856 2.76 -13.92 28.31
CA GLY A 856 2.68 -13.73 26.88
C GLY A 856 3.83 -12.96 26.27
N TYR A 857 4.96 -13.64 26.12
CA TYR A 857 6.13 -13.02 25.52
C TYR A 857 6.91 -14.08 24.77
N ASP A 858 7.55 -13.65 23.71
CA ASP A 858 8.58 -14.43 23.03
C ASP A 858 9.94 -14.16 23.69
N GLU A 859 10.83 -15.15 23.55
CA GLU A 859 12.02 -15.23 24.40
C GLU A 859 12.80 -13.92 24.49
N LYS A 860 12.93 -13.21 23.36
CA LYS A 860 13.66 -11.94 23.38
C LYS A 860 13.10 -11.01 24.45
N MET A 861 11.79 -10.76 24.40
CA MET A 861 11.16 -9.92 25.41
C MET A 861 11.35 -10.47 26.80
N VAL A 862 11.41 -11.80 26.94
CA VAL A 862 11.53 -12.42 28.25
C VAL A 862 12.90 -12.15 28.85
N ARG A 863 13.96 -12.34 28.05
CA ARG A 863 15.29 -11.95 28.49
C ARG A 863 15.32 -10.47 28.85
N GLU A 864 14.70 -9.62 28.03
CA GLU A 864 14.72 -8.18 28.28
C GLU A 864 14.15 -7.85 29.66
N MET A 865 12.86 -8.16 29.86
CA MET A 865 12.23 -7.85 31.13
C MET A 865 12.91 -8.57 32.29
N GLU A 866 13.43 -9.77 32.05
CA GLU A 866 14.02 -10.56 33.12
C GLU A 866 15.48 -10.22 33.38
N GLY A 867 16.15 -9.62 32.41
CA GLY A 867 17.52 -9.18 32.62
C GLY A 867 18.59 -10.13 32.13
N LEU A 868 18.21 -11.27 31.57
CA LEU A 868 19.22 -12.18 31.07
C LEU A 868 19.70 -11.76 29.69
N GLU A 869 20.81 -12.35 29.28
CA GLU A 869 21.43 -12.00 28.01
C GLU A 869 20.48 -12.30 26.87
N ALA A 870 20.85 -11.84 25.68
CA ALA A 870 20.11 -12.19 24.47
C ALA A 870 21.12 -12.58 23.40
N SER A 871 20.98 -13.80 22.88
CA SER A 871 20.11 -14.81 23.47
C SER A 871 20.83 -16.15 23.57
N GLY A 872 21.55 -16.50 22.50
CA GLY A 872 22.27 -17.75 22.42
C GLY A 872 23.42 -17.75 23.40
N SER A 873 23.07 -17.60 24.66
CA SER A 873 24.00 -17.40 25.75
C SER A 873 24.47 -18.74 26.32
N THR A 874 25.34 -18.67 27.33
CA THR A 874 25.71 -19.87 28.06
C THR A 874 24.65 -20.24 29.09
N TYR A 875 23.84 -19.27 29.54
CA TYR A 875 22.72 -19.54 30.43
C TYR A 875 21.46 -19.69 29.59
N ILE A 876 21.43 -20.80 28.85
CA ILE A 876 20.48 -21.00 27.76
C ILE A 876 19.04 -21.04 28.26
N CYS A 877 18.82 -21.63 29.42
CA CYS A 877 17.46 -21.88 29.90
C CYS A 877 16.79 -20.56 30.32
N THR A 878 15.63 -20.70 30.96
CA THR A 878 14.98 -19.58 31.65
C THR A 878 14.45 -19.95 33.02
N LEU A 879 14.52 -21.23 33.41
CA LEU A 879 14.03 -21.75 34.69
C LEU A 879 15.10 -22.44 35.51
N CYS A 880 15.97 -23.22 34.86
CA CYS A 880 17.16 -23.75 35.51
C CYS A 880 18.29 -22.73 35.36
N ASP A 881 19.51 -23.14 35.70
CA ASP A 881 20.69 -22.31 35.54
C ASP A 881 21.73 -22.96 34.64
N SER A 882 21.44 -24.13 34.09
CA SER A 882 22.46 -24.91 33.40
C SER A 882 23.06 -24.15 32.22
N THR A 883 24.32 -24.46 31.94
CA THR A 883 24.89 -24.17 30.64
C THR A 883 24.36 -25.23 29.69
N ARG A 884 24.99 -25.35 28.52
CA ARG A 884 24.74 -26.50 27.67
C ARG A 884 25.18 -27.79 28.35
N ALA A 885 26.39 -27.78 28.93
CA ALA A 885 27.04 -29.02 29.36
C ALA A 885 26.31 -29.67 30.53
N GLU A 886 26.12 -28.93 31.63
CA GLU A 886 25.41 -29.47 32.78
C GLU A 886 23.97 -29.85 32.45
N ALA A 887 23.46 -29.46 31.29
CA ALA A 887 22.26 -30.07 30.74
C ALA A 887 22.57 -31.29 29.88
N SER A 888 23.82 -31.42 29.39
CA SER A 888 24.19 -32.56 28.55
C SER A 888 24.44 -33.81 29.37
N GLN A 889 25.24 -33.71 30.43
CA GLN A 889 25.47 -34.85 31.31
C GLN A 889 24.15 -35.32 31.93
N ASN A 890 23.47 -34.42 32.64
CA ASN A 890 22.14 -34.66 33.20
C ASN A 890 21.16 -33.78 32.45
N MET A 891 20.13 -34.40 31.87
CA MET A 891 19.20 -33.69 30.98
C MET A 891 17.91 -33.29 31.69
N VAL A 892 17.24 -34.22 32.35
CA VAL A 892 15.89 -33.99 32.86
C VAL A 892 15.80 -33.97 34.38
N LEU A 893 16.80 -34.50 35.09
CA LEU A 893 16.75 -34.57 36.55
C LEU A 893 17.03 -33.16 37.08
N HIS A 894 16.03 -32.30 36.89
CA HIS A 894 16.18 -30.88 37.15
C HIS A 894 15.11 -30.42 38.13
N SER A 895 15.25 -29.16 38.52
CA SER A 895 14.35 -28.50 39.45
C SER A 895 14.23 -27.04 39.04
N ILE A 896 13.01 -26.53 39.00
CA ILE A 896 12.78 -25.12 38.72
C ILE A 896 13.01 -24.33 39.99
N THR A 897 13.83 -23.28 39.90
CA THR A 897 14.04 -22.39 41.04
C THR A 897 13.91 -20.93 40.64
N ARG A 898 14.16 -20.61 39.36
CA ARG A 898 14.20 -19.23 38.91
C ARG A 898 13.00 -18.43 39.42
N SER A 899 13.28 -17.25 39.95
CA SER A 899 12.25 -16.44 40.57
C SER A 899 12.65 -14.97 40.46
N HIS A 900 11.67 -14.10 40.66
CA HIS A 900 11.84 -12.68 40.36
C HIS A 900 12.69 -11.97 41.41
N ASP A 901 12.22 -11.94 42.66
CA ASP A 901 12.93 -11.24 43.71
C ASP A 901 14.34 -11.78 43.89
N GLU A 902 14.55 -13.07 43.64
CA GLU A 902 15.92 -13.59 43.71
C GLU A 902 16.74 -13.15 42.50
N ASN A 903 16.10 -12.84 41.38
CA ASN A 903 16.81 -12.19 40.28
C ASN A 903 17.27 -10.79 40.70
N LEU A 904 16.37 -10.05 41.35
CA LEU A 904 16.75 -8.78 41.96
C LEU A 904 17.96 -8.95 42.88
N GLU A 905 17.92 -9.99 43.71
CA GLU A 905 19.03 -10.27 44.63
C GLU A 905 20.33 -10.51 43.88
N ARG A 906 20.30 -11.42 42.91
CA ARG A 906 21.48 -11.69 42.08
C ARG A 906 22.01 -10.42 41.45
N TYR A 907 21.11 -9.52 41.04
CA TYR A 907 21.55 -8.29 40.41
C TYR A 907 22.31 -7.41 41.39
N GLU A 908 21.73 -7.18 42.57
CA GLU A 908 22.45 -6.43 43.60
C GLU A 908 23.83 -7.04 43.84
N ILE A 909 23.89 -8.37 43.91
CA ILE A 909 25.17 -9.05 44.10
C ILE A 909 26.14 -8.67 42.99
N TRP A 910 25.67 -8.72 41.74
CA TRP A 910 26.51 -8.38 40.61
C TRP A 910 27.08 -6.97 40.77
N ARG A 911 26.20 -6.01 41.05
CA ARG A 911 26.60 -4.61 41.08
C ARG A 911 27.64 -4.36 42.17
N LYS A 912 27.37 -4.83 43.38
CA LYS A 912 28.30 -4.58 44.47
C LYS A 912 29.56 -5.44 44.34
N ASN A 913 29.40 -6.68 43.85
CA ASN A 913 30.45 -7.68 43.83
C ASN A 913 31.05 -7.78 45.24
N PRO A 914 30.29 -8.25 46.23
CA PRO A 914 30.82 -8.28 47.60
C PRO A 914 31.97 -9.25 47.79
N PHE A 915 32.25 -10.09 46.80
CA PHE A 915 33.33 -11.06 46.87
C PHE A 915 34.49 -10.71 45.96
N SER A 916 34.40 -9.60 45.23
CA SER A 916 35.52 -9.04 44.49
C SER A 916 36.25 -10.10 43.66
N GLU A 917 35.47 -11.00 43.05
CA GLU A 917 36.01 -12.07 42.23
C GLU A 917 36.22 -11.55 40.80
N SER A 918 36.58 -12.44 39.89
CA SER A 918 36.91 -12.03 38.53
C SER A 918 35.64 -11.92 37.68
N ALA A 919 35.81 -11.43 36.45
CA ALA A 919 34.70 -11.13 35.54
C ALA A 919 33.85 -12.37 35.25
N ASP A 920 34.45 -13.34 34.55
CA ASP A 920 33.74 -14.58 34.26
C ASP A 920 33.44 -15.34 35.54
N GLU A 921 34.31 -15.21 36.54
CA GLU A 921 34.01 -15.71 37.89
C GLU A 921 32.70 -15.12 38.41
N LEU A 922 32.54 -13.80 38.29
CA LEU A 922 31.33 -13.16 38.78
C LEU A 922 30.12 -13.60 37.99
N ARG A 923 30.25 -13.64 36.66
CA ARG A 923 29.17 -14.12 35.80
C ARG A 923 28.69 -15.50 36.25
N ASP A 924 29.62 -16.45 36.39
CA ASP A 924 29.22 -17.83 36.71
C ASP A 924 28.69 -17.94 38.13
N ARG A 925 29.29 -17.22 39.08
CA ARG A 925 28.82 -17.31 40.46
C ARG A 925 27.46 -16.67 40.65
N VAL A 926 27.03 -15.78 39.74
CA VAL A 926 25.74 -15.12 39.83
C VAL A 926 24.72 -15.65 38.81
N LYS A 927 25.09 -16.65 38.01
CA LYS A 927 24.17 -17.39 37.16
C LYS A 927 23.66 -16.56 35.99
N GLY A 928 24.54 -15.74 35.41
CA GLY A 928 24.25 -15.09 34.14
C GLY A 928 23.32 -13.90 34.19
N VAL A 929 22.93 -13.44 35.38
CA VAL A 929 22.20 -12.19 35.50
C VAL A 929 23.12 -11.04 35.14
N SER A 930 22.61 -10.09 34.36
CA SER A 930 23.40 -8.92 33.94
C SER A 930 22.78 -7.59 34.32
N ALA A 931 21.46 -7.48 34.32
CA ALA A 931 20.81 -6.19 34.33
C ALA A 931 19.67 -6.20 35.33
N LYS A 932 19.44 -5.06 35.97
CA LYS A 932 18.36 -5.00 36.94
C LYS A 932 17.04 -5.19 36.22
N PRO A 933 16.37 -6.33 36.38
CA PRO A 933 15.09 -6.53 35.71
C PRO A 933 14.06 -5.60 36.30
N PHE A 934 12.87 -5.59 35.70
CA PHE A 934 11.87 -4.72 36.28
C PHE A 934 10.46 -5.30 36.40
N MET A 935 10.06 -6.29 35.61
CA MET A 935 8.66 -6.72 35.61
C MET A 935 8.57 -8.21 35.86
N GLU A 936 7.83 -8.60 36.89
CA GLU A 936 7.60 -10.01 37.17
C GLU A 936 6.93 -10.67 35.98
N THR A 937 7.55 -11.71 35.45
CA THR A 937 6.97 -12.54 34.41
C THR A 937 7.12 -14.00 34.81
N GLN A 938 6.02 -14.72 34.91
CA GLN A 938 6.17 -16.15 35.07
C GLN A 938 6.69 -16.68 33.74
N PRO A 939 7.95 -17.06 33.67
CA PRO A 939 8.56 -17.31 32.36
C PRO A 939 8.14 -18.65 31.80
N THR A 940 6.95 -18.71 31.21
CA THR A 940 6.45 -20.01 30.81
C THR A 940 7.01 -20.40 29.45
N LEU A 941 6.93 -21.68 29.16
CA LEU A 941 7.26 -22.19 27.85
C LEU A 941 6.31 -21.64 26.80
N ASP A 942 6.79 -21.57 25.56
CA ASP A 942 5.96 -21.19 24.43
C ASP A 942 5.20 -22.41 23.94
N ALA A 943 3.95 -22.21 23.53
CA ALA A 943 3.20 -23.27 22.86
C ALA A 943 3.27 -23.17 21.34
N LEU A 944 3.43 -21.96 20.80
CA LEU A 944 3.33 -21.78 19.35
C LEU A 944 4.43 -22.55 18.63
N HIS A 945 5.70 -22.29 18.95
CA HIS A 945 6.73 -23.06 18.28
C HIS A 945 6.71 -24.48 18.83
N CYS A 946 7.21 -24.65 20.06
CA CYS A 946 7.06 -25.85 20.88
C CYS A 946 7.51 -27.10 20.12
N ASP A 947 7.79 -26.93 18.84
CA ASP A 947 8.13 -27.99 17.90
C ASP A 947 9.28 -27.64 16.98
N ILE A 948 9.48 -26.37 16.67
CA ILE A 948 10.24 -26.04 15.47
C ILE A 948 11.70 -26.40 15.68
N GLY A 949 12.23 -26.13 16.87
CA GLY A 949 13.50 -26.72 17.24
C GLY A 949 13.45 -28.24 17.19
N ASN A 950 12.40 -28.83 17.76
CA ASN A 950 12.27 -30.28 17.72
C ASN A 950 12.20 -30.78 16.30
N ALA A 951 11.44 -30.08 15.45
CA ALA A 951 11.39 -30.38 14.04
C ALA A 951 12.80 -30.41 13.44
N THR A 952 13.49 -29.26 13.44
CA THR A 952 14.78 -29.18 12.78
C THR A 952 15.77 -30.17 13.38
N GLU A 953 15.56 -30.53 14.64
CA GLU A 953 16.43 -31.51 15.26
C GLU A 953 16.20 -32.89 14.66
N PHE A 954 14.93 -33.28 14.50
CA PHE A 954 14.63 -34.55 13.84
C PHE A 954 15.12 -34.53 12.40
N TYR A 955 15.01 -33.37 11.75
CA TYR A 955 15.49 -33.19 10.38
C TYR A 955 16.99 -33.48 10.28
N LYS A 956 17.78 -32.82 11.13
CA LYS A 956 19.22 -33.08 11.18
C LYS A 956 19.52 -34.53 11.52
N ILE A 957 18.76 -35.12 12.45
CA ILE A 957 19.00 -36.51 12.84
C ILE A 957 18.80 -37.43 11.64
N PHE A 958 17.73 -37.21 10.89
CA PHE A 958 17.51 -37.98 9.66
C PHE A 958 18.69 -37.81 8.71
N GLN A 959 19.10 -36.56 8.49
CA GLN A 959 20.20 -36.30 7.57
C GLN A 959 21.47 -36.99 8.00
N ASP A 960 21.68 -37.16 9.31
CA ASP A 960 22.86 -37.83 9.81
C ASP A 960 22.73 -39.35 9.83
N GLU A 961 21.52 -39.89 9.90
CA GLU A 961 21.34 -41.33 9.85
C GLU A 961 21.33 -41.86 8.41
N ILE A 962 21.05 -40.98 7.44
CA ILE A 962 21.53 -41.25 6.09
C ILE A 962 23.04 -41.46 6.11
N GLY A 963 23.77 -40.48 6.62
CA GLY A 963 25.19 -40.64 6.81
C GLY A 963 25.50 -41.66 7.88
N GLU A 964 26.78 -41.93 8.01
CA GLU A 964 27.30 -42.75 9.10
C GLU A 964 28.25 -41.87 9.92
N VAL A 965 27.71 -41.23 10.97
CA VAL A 965 28.50 -40.27 11.73
C VAL A 965 29.51 -40.97 12.62
N TYR A 966 29.09 -42.05 13.31
CA TYR A 966 30.01 -42.74 14.20
C TYR A 966 31.08 -43.56 13.47
N GLN A 967 30.99 -43.68 12.14
CA GLN A 967 32.06 -44.22 11.32
C GLN A 967 32.89 -43.12 10.66
N LYS A 968 32.24 -42.05 10.22
CA LYS A 968 32.88 -40.88 9.63
C LYS A 968 32.44 -39.65 10.42
N PRO A 969 33.01 -39.43 11.61
CA PRO A 969 32.58 -38.29 12.44
C PRO A 969 33.03 -36.94 11.92
N ASN A 970 33.67 -36.90 10.75
CA ASN A 970 34.11 -35.65 10.12
C ASN A 970 33.53 -35.58 8.72
N PRO A 971 32.23 -35.30 8.59
CA PRO A 971 31.66 -35.04 7.27
C PRO A 971 32.17 -33.72 6.71
N SER A 972 32.02 -33.55 5.40
CA SER A 972 32.48 -32.34 4.74
C SER A 972 31.29 -31.48 4.30
N ARG A 973 31.62 -30.40 3.58
CA ARG A 973 30.63 -29.37 3.25
C ARG A 973 29.48 -29.92 2.41
N GLU A 974 29.81 -30.56 1.28
CA GLU A 974 28.82 -30.89 0.27
C GLU A 974 28.17 -32.25 0.49
N GLU A 975 28.82 -33.15 1.23
CA GLU A 975 28.25 -34.48 1.44
C GLU A 975 26.97 -34.41 2.27
N ARG A 976 26.93 -33.55 3.27
CA ARG A 976 25.70 -33.36 4.03
C ARG A 976 24.59 -32.84 3.13
N ARG A 977 24.92 -31.98 2.17
CA ARG A 977 23.91 -31.49 1.23
C ARG A 977 23.41 -32.61 0.34
N ARG A 978 24.31 -33.47 -0.16
CA ARG A 978 23.90 -34.61 -0.97
C ARG A 978 22.93 -35.49 -0.19
N TRP A 979 23.25 -35.78 1.06
CA TRP A 979 22.39 -36.60 1.89
C TRP A 979 21.05 -35.93 2.15
N ARG A 980 21.04 -34.62 2.39
CA ARG A 980 19.78 -33.92 2.57
C ARG A 980 18.91 -34.03 1.33
N SER A 981 19.52 -33.82 0.16
CA SER A 981 18.74 -33.87 -1.07
C SER A 981 18.16 -35.26 -1.33
N THR A 982 18.95 -36.32 -1.08
CA THR A 982 18.40 -37.66 -1.30
C THR A 982 17.31 -37.99 -0.29
N LEU A 983 17.46 -37.52 0.95
CA LEU A 983 16.39 -37.66 1.94
C LEU A 983 15.12 -36.97 1.45
N ASP A 984 15.25 -35.73 0.97
CA ASP A 984 14.09 -34.95 0.58
C ASP A 984 13.40 -35.55 -0.62
N LYS A 985 14.16 -36.07 -1.59
CA LYS A 985 13.57 -36.72 -2.74
C LYS A 985 12.87 -38.02 -2.34
N GLN A 986 13.45 -38.75 -1.38
CA GLN A 986 12.78 -39.91 -0.80
C GLN A 986 11.40 -39.54 -0.24
N LEU A 987 11.38 -38.54 0.64
CA LEU A 987 10.12 -38.10 1.24
C LEU A 987 9.13 -37.65 0.17
N ARG A 988 9.59 -36.80 -0.76
CA ARG A 988 8.78 -36.33 -1.87
C ARG A 988 8.12 -37.48 -2.60
N LYS A 989 8.85 -38.57 -2.81
CA LYS A 989 8.28 -39.72 -3.50
C LYS A 989 7.27 -40.44 -2.61
N LYS A 990 7.45 -40.41 -1.28
CA LYS A 990 6.56 -41.16 -0.41
C LYS A 990 5.47 -40.32 0.26
N MET A 991 5.80 -39.18 0.85
CA MET A 991 4.82 -38.41 1.62
C MET A 991 4.42 -37.06 1.03
N LYS A 992 4.83 -36.75 -0.20
CA LYS A 992 4.38 -35.53 -0.89
C LYS A 992 4.67 -34.27 -0.06
N LEU A 993 5.95 -34.14 0.30
CA LEU A 993 6.42 -32.99 1.08
C LEU A 993 7.60 -32.40 0.33
N LYS A 994 7.31 -31.45 -0.55
CA LYS A 994 8.34 -30.80 -1.34
C LYS A 994 9.39 -30.21 -0.40
N PRO A 995 10.64 -30.10 -0.87
CA PRO A 995 11.69 -29.58 0.01
C PRO A 995 11.37 -28.19 0.53
N VAL A 996 12.10 -27.80 1.56
CA VAL A 996 11.90 -26.53 2.23
C VAL A 996 13.26 -25.91 2.51
N MET A 997 13.22 -24.69 3.02
CA MET A 997 14.40 -24.05 3.56
C MET A 997 14.34 -23.90 5.07
N ARG A 998 13.13 -23.72 5.63
CA ARG A 998 12.96 -23.49 7.05
C ARG A 998 11.61 -24.04 7.48
N MET A 999 11.49 -24.28 8.78
CA MET A 999 10.45 -25.17 9.31
C MET A 999 9.25 -24.35 9.76
N ASN A 1000 8.20 -24.36 8.95
CA ASN A 1000 6.91 -23.89 9.43
C ASN A 1000 6.28 -24.99 10.29
N GLY A 1001 5.09 -24.71 10.80
CA GLY A 1001 4.33 -25.71 11.52
C GLY A 1001 3.83 -26.86 10.66
N ASN A 1002 3.09 -26.55 9.60
CA ASN A 1002 2.50 -27.57 8.73
C ASN A 1002 3.52 -28.60 8.29
N TYR A 1003 4.73 -28.12 7.93
CA TYR A 1003 5.81 -29.02 7.55
C TYR A 1003 6.09 -30.04 8.65
N ALA A 1004 6.27 -29.54 9.87
CA ALA A 1004 6.57 -30.42 10.99
C ALA A 1004 5.41 -31.39 11.26
N ARG A 1005 4.18 -30.89 11.21
CA ARG A 1005 3.04 -31.75 11.53
C ARG A 1005 2.88 -32.86 10.52
N ARG A 1006 3.08 -32.57 9.23
CA ARG A 1006 3.10 -33.67 8.28
C ARG A 1006 4.39 -34.48 8.37
N LEU A 1007 5.41 -33.97 9.08
CA LEU A 1007 6.63 -34.74 9.25
C LEU A 1007 6.48 -35.81 10.33
N MET A 1008 6.10 -35.40 11.54
CA MET A 1008 6.13 -36.28 12.70
C MET A 1008 5.00 -37.31 12.60
N THR A 1009 5.20 -38.27 11.70
CA THR A 1009 4.27 -39.37 11.50
C THR A 1009 5.08 -40.66 11.53
N ARG A 1010 4.60 -41.63 12.32
CA ARG A 1010 5.12 -42.99 12.22
C ARG A 1010 5.22 -43.43 10.76
N GLU A 1011 4.33 -42.91 9.92
CA GLU A 1011 4.40 -43.19 8.48
C GLU A 1011 5.67 -42.60 7.86
N ALA A 1012 5.90 -41.29 8.06
CA ALA A 1012 7.14 -40.69 7.59
C ALA A 1012 8.35 -41.32 8.28
N VAL A 1013 8.19 -41.77 9.52
CA VAL A 1013 9.25 -42.51 10.20
C VAL A 1013 9.64 -43.74 9.40
N GLU A 1014 8.67 -44.60 9.06
CA GLU A 1014 8.96 -45.82 8.32
C GLU A 1014 9.52 -45.50 6.94
N ALA A 1015 8.99 -44.45 6.31
CA ALA A 1015 9.46 -44.06 4.97
C ALA A 1015 10.92 -43.63 5.00
N VAL A 1016 11.32 -42.84 6.00
CA VAL A 1016 12.73 -42.46 6.08
C VAL A 1016 13.59 -43.64 6.55
N CYS A 1017 13.01 -44.54 7.35
CA CYS A 1017 13.72 -45.75 7.75
C CYS A 1017 14.10 -46.59 6.54
N GLU A 1018 13.27 -46.58 5.50
CA GLU A 1018 13.65 -47.22 4.24
C GLU A 1018 15.06 -46.85 3.81
N LEU A 1019 15.50 -45.61 4.10
CA LEU A 1019 16.79 -45.13 3.61
C LEU A 1019 17.96 -45.49 4.54
N VAL A 1020 17.76 -45.47 5.85
CA VAL A 1020 18.86 -45.84 6.75
C VAL A 1020 19.15 -47.33 6.62
N PRO A 1021 20.42 -47.74 6.41
CA PRO A 1021 20.72 -49.15 6.12
C PRO A 1021 20.52 -50.11 7.28
N SER A 1022 21.13 -49.83 8.43
CA SER A 1022 21.20 -50.82 9.50
C SER A 1022 19.82 -51.16 10.03
N GLU A 1023 19.49 -52.46 10.05
CA GLU A 1023 18.21 -52.91 10.57
C GLU A 1023 18.03 -52.58 12.04
N GLU A 1024 19.07 -52.10 12.72
CA GLU A 1024 19.04 -51.94 14.17
C GLU A 1024 18.58 -50.53 14.56
N ARG A 1025 19.33 -49.51 14.15
CA ARG A 1025 19.05 -48.15 14.58
C ARG A 1025 17.68 -47.67 14.10
N ARG A 1026 17.15 -48.31 13.05
CA ARG A 1026 15.81 -48.02 12.56
C ARG A 1026 14.78 -48.12 13.68
N GLU A 1027 14.62 -49.32 14.25
CA GLU A 1027 13.68 -49.52 15.34
C GLU A 1027 14.00 -48.61 16.52
N ALA A 1028 15.27 -48.29 16.71
CA ALA A 1028 15.65 -47.35 17.76
C ALA A 1028 14.95 -46.00 17.58
N LEU A 1029 15.16 -45.36 16.43
CA LEU A 1029 14.51 -44.07 16.22
C LEU A 1029 13.01 -44.22 16.12
N LEU A 1030 12.51 -45.41 15.75
CA LEU A 1030 11.09 -45.66 15.84
C LEU A 1030 10.60 -45.48 17.28
N LYS A 1031 11.28 -46.12 18.22
CA LYS A 1031 10.97 -45.95 19.64
C LYS A 1031 11.05 -44.48 20.02
N LEU A 1032 12.10 -43.80 19.56
CA LEU A 1032 12.26 -42.36 19.76
C LEU A 1032 11.00 -41.58 19.36
N MET A 1033 10.68 -41.62 18.08
CA MET A 1033 9.60 -40.79 17.56
C MET A 1033 8.28 -41.24 18.13
N ASP A 1034 8.17 -42.53 18.50
CA ASP A 1034 6.97 -43.00 19.17
C ASP A 1034 6.76 -42.29 20.50
N LEU A 1035 7.82 -42.22 21.31
CA LEU A 1035 7.72 -41.48 22.58
C LEU A 1035 7.37 -40.02 22.34
N TYR A 1036 8.01 -39.40 21.35
CA TYR A 1036 7.77 -37.99 21.08
C TYR A 1036 6.32 -37.73 20.67
N LEU A 1037 5.80 -38.56 19.76
CA LEU A 1037 4.40 -38.51 19.40
C LEU A 1037 3.52 -38.71 20.63
N GLN A 1038 3.90 -39.65 21.49
CA GLN A 1038 3.16 -39.92 22.72
C GLN A 1038 3.03 -38.69 23.59
N MET A 1039 4.04 -37.82 23.56
CA MET A 1039 4.06 -36.69 24.49
C MET A 1039 3.60 -35.36 23.91
N LYS A 1040 3.56 -35.22 22.57
CA LYS A 1040 3.12 -33.96 21.95
C LYS A 1040 1.82 -33.35 22.51
N PRO A 1041 0.71 -34.08 22.49
CA PRO A 1041 -0.57 -33.44 22.85
C PRO A 1041 -0.58 -32.96 24.29
N VAL A 1042 0.21 -33.61 25.14
CA VAL A 1042 0.30 -33.24 26.55
C VAL A 1042 0.61 -31.76 26.69
N TRP A 1043 1.58 -31.26 25.92
CA TRP A 1043 1.93 -29.85 26.04
C TRP A 1043 1.14 -28.96 25.10
N ARG A 1044 0.69 -29.43 23.94
CA ARG A 1044 -0.22 -28.55 23.18
C ARG A 1044 -1.67 -28.68 23.63
N SER A 1045 -1.91 -29.26 24.80
CA SER A 1045 -3.26 -29.46 25.31
C SER A 1045 -3.90 -28.11 25.68
N THR A 1046 -5.11 -28.19 26.22
CA THR A 1046 -5.75 -27.08 26.93
C THR A 1046 -6.02 -27.37 28.39
N CYS A 1047 -6.39 -28.61 28.72
CA CYS A 1047 -6.59 -29.02 30.10
C CYS A 1047 -6.41 -30.54 30.19
N PRO A 1048 -5.17 -31.01 30.24
CA PRO A 1048 -4.94 -32.47 30.32
C PRO A 1048 -5.51 -33.09 31.58
N SER A 1049 -5.62 -32.31 32.66
CA SER A 1049 -6.34 -32.74 33.85
C SER A 1049 -7.80 -33.05 33.55
N ARG A 1050 -8.29 -32.61 32.39
CA ARG A 1050 -9.60 -32.93 31.86
C ARG A 1050 -9.56 -33.60 30.49
N ASP A 1051 -8.52 -33.34 29.68
CA ASP A 1051 -8.49 -33.79 28.30
C ASP A 1051 -7.99 -35.23 28.17
N CYS A 1052 -6.76 -35.48 28.57
CA CYS A 1052 -6.17 -36.82 28.48
C CYS A 1052 -5.11 -36.95 29.55
N PRO A 1053 -5.52 -37.26 30.79
CA PRO A 1053 -4.55 -37.30 31.89
C PRO A 1053 -3.67 -38.54 31.92
N ASP A 1054 -3.97 -39.54 31.09
CA ASP A 1054 -3.22 -40.81 31.14
C ASP A 1054 -1.74 -40.59 30.86
N GLN A 1055 -1.44 -39.84 29.79
CA GLN A 1055 -0.04 -39.57 29.47
C GLN A 1055 0.56 -38.61 30.50
N LEU A 1056 -0.21 -37.62 30.95
CA LEU A 1056 0.29 -36.67 31.94
C LEU A 1056 0.80 -37.39 33.18
N CYS A 1057 0.00 -38.31 33.73
CA CYS A 1057 0.44 -39.06 34.90
C CYS A 1057 1.63 -39.96 34.57
N GLN A 1058 1.68 -40.48 33.33
CA GLN A 1058 2.76 -41.35 32.88
C GLN A 1058 3.92 -40.59 32.22
N TYR A 1059 3.87 -39.25 32.20
CA TYR A 1059 4.79 -38.48 31.37
C TYR A 1059 6.25 -38.66 31.79
N SER A 1060 6.54 -38.35 33.07
CA SER A 1060 7.92 -38.22 33.53
C SER A 1060 8.76 -39.43 33.15
N TYR A 1061 8.24 -40.62 33.40
CA TYR A 1061 8.92 -41.85 33.01
C TYR A 1061 9.18 -41.90 31.51
N ASN A 1062 8.24 -41.39 30.71
CA ASN A 1062 8.41 -41.41 29.25
C ASN A 1062 9.53 -40.46 28.83
N SER A 1063 9.56 -39.28 29.42
CA SER A 1063 10.68 -38.36 29.17
C SER A 1063 12.00 -39.00 29.57
N GLN A 1064 12.01 -39.76 30.66
CA GLN A 1064 13.21 -40.46 31.09
C GLN A 1064 13.68 -41.45 30.04
N GLN A 1065 12.77 -42.29 29.55
CA GLN A 1065 13.12 -43.23 28.48
C GLN A 1065 13.66 -42.47 27.26
N PHE A 1066 13.04 -41.32 26.95
CA PHE A 1066 13.52 -40.50 25.84
C PHE A 1066 14.99 -40.13 26.03
N ALA A 1067 15.29 -39.47 27.15
CA ALA A 1067 16.64 -39.01 27.39
C ALA A 1067 17.62 -40.16 27.41
N ASP A 1068 17.20 -41.32 27.94
CA ASP A 1068 18.02 -42.53 27.89
C ASP A 1068 18.37 -42.90 26.45
N LEU A 1069 17.36 -42.93 25.57
CA LEU A 1069 17.62 -43.30 24.19
C LEU A 1069 18.55 -42.29 23.51
N LEU A 1070 18.35 -41.01 23.80
CA LEU A 1070 19.22 -39.98 23.25
C LEU A 1070 20.67 -40.21 23.67
N SER A 1071 20.92 -40.29 24.99
CA SER A 1071 22.29 -40.39 25.47
C SER A 1071 22.94 -41.73 25.10
N SER A 1072 22.16 -42.80 25.02
CA SER A 1072 22.73 -44.13 24.75
C SER A 1072 23.03 -44.32 23.28
N MET A 1073 22.06 -44.01 22.41
CA MET A 1073 22.20 -44.34 21.00
C MET A 1073 22.62 -43.16 20.14
N PHE A 1074 22.57 -41.94 20.67
CA PHE A 1074 22.89 -40.75 19.88
C PHE A 1074 23.81 -39.77 20.62
N LYS A 1075 24.65 -40.27 21.53
CA LYS A 1075 25.58 -39.40 22.25
C LYS A 1075 26.56 -38.70 21.31
N TYR A 1076 26.78 -39.25 20.11
CA TYR A 1076 27.73 -38.69 19.15
C TYR A 1076 27.52 -37.19 18.93
N ARG A 1077 26.30 -36.70 19.15
CA ARG A 1077 25.94 -35.34 18.79
C ARG A 1077 25.76 -34.40 19.97
N TYR A 1078 25.26 -34.89 21.10
CA TYR A 1078 24.92 -34.04 22.25
C TYR A 1078 25.92 -34.25 23.39
N ASP A 1079 27.17 -34.48 23.03
CA ASP A 1079 28.25 -34.58 24.00
C ASP A 1079 28.25 -33.40 24.97
N GLY A 1080 28.27 -32.18 24.43
CA GLY A 1080 28.29 -31.00 25.28
C GLY A 1080 27.35 -29.86 24.90
N LYS A 1081 26.79 -29.90 23.69
CA LYS A 1081 25.92 -28.83 23.21
C LYS A 1081 24.54 -29.39 22.92
N ILE A 1082 23.51 -28.59 23.22
CA ILE A 1082 22.11 -28.99 23.10
C ILE A 1082 21.34 -27.81 22.52
N THR A 1083 20.21 -28.12 21.88
CA THR A 1083 19.31 -27.08 21.41
C THR A 1083 18.57 -26.46 22.60
N ASN A 1084 18.18 -25.20 22.43
CA ASN A 1084 17.43 -24.49 23.48
C ASN A 1084 16.21 -25.27 23.93
N TYR A 1085 15.22 -25.41 23.04
CA TYR A 1085 13.91 -25.95 23.44
C TYR A 1085 14.01 -27.34 24.07
N LEU A 1086 15.10 -28.05 23.82
CA LEU A 1086 15.30 -29.36 24.42
C LEU A 1086 15.22 -29.26 25.93
N HIS A 1087 15.92 -28.28 26.51
CA HIS A 1087 15.90 -28.11 27.96
C HIS A 1087 14.46 -28.05 28.48
N LYS A 1088 13.65 -27.18 27.88
CA LYS A 1088 12.25 -27.07 28.28
C LYS A 1088 11.53 -28.40 28.12
N THR A 1089 11.51 -28.91 26.89
CA THR A 1089 10.60 -30.00 26.54
C THR A 1089 10.92 -31.27 27.32
N LEU A 1090 12.16 -31.43 27.77
CA LEU A 1090 12.50 -32.56 28.61
C LEU A 1090 12.61 -32.18 30.08
N ALA A 1091 12.48 -30.90 30.41
CA ALA A 1091 12.85 -30.41 31.72
C ALA A 1091 11.66 -30.33 32.68
N HIS A 1092 10.66 -29.51 32.35
CA HIS A 1092 9.74 -29.02 33.35
C HIS A 1092 8.27 -29.06 32.95
N VAL A 1093 7.96 -29.49 31.72
CA VAL A 1093 6.59 -29.57 31.23
C VAL A 1093 5.67 -30.12 32.32
N PRO A 1094 5.95 -31.29 32.92
CA PRO A 1094 5.09 -31.75 34.02
C PRO A 1094 5.12 -30.82 35.21
N GLU A 1095 6.30 -30.33 35.57
CA GLU A 1095 6.41 -29.42 36.70
C GLU A 1095 5.65 -28.13 36.42
N ILE A 1096 5.73 -27.62 35.18
CA ILE A 1096 5.00 -26.39 34.84
C ILE A 1096 3.50 -26.62 34.93
N VAL A 1097 3.01 -27.73 34.37
CA VAL A 1097 1.58 -28.01 34.42
C VAL A 1097 1.11 -28.11 35.86
N GLU A 1098 1.87 -28.81 36.71
CA GLU A 1098 1.50 -28.84 38.12
C GLU A 1098 1.54 -27.45 38.73
N ARG A 1099 2.44 -26.58 38.27
CA ARG A 1099 2.44 -25.18 38.69
C ARG A 1099 1.17 -24.47 38.24
N ASP A 1100 0.73 -24.72 37.01
CA ASP A 1100 -0.43 -24.04 36.46
C ASP A 1100 -1.61 -24.97 36.22
N GLY A 1101 -1.43 -26.00 35.39
CA GLY A 1101 -2.53 -26.83 34.95
C GLY A 1101 -2.86 -26.77 33.47
N SER A 1102 -2.05 -26.07 32.67
CA SER A 1102 -2.23 -26.01 31.22
C SER A 1102 -0.98 -25.37 30.61
N ILE A 1103 -0.94 -25.37 29.29
CA ILE A 1103 0.14 -24.70 28.56
C ILE A 1103 -0.47 -23.75 27.53
N GLY A 1104 -1.27 -24.28 26.62
CA GLY A 1104 -1.85 -23.45 25.59
C GLY A 1104 -2.71 -22.32 26.12
N ALA A 1105 -3.30 -22.50 27.32
CA ALA A 1105 -4.15 -21.49 27.96
C ALA A 1105 -3.37 -20.27 28.47
N TRP A 1106 -2.10 -20.12 28.08
CA TRP A 1106 -1.35 -18.90 28.34
C TRP A 1106 -0.48 -18.47 27.18
N ALA A 1107 -0.43 -19.26 26.10
CA ALA A 1107 0.42 -18.91 24.98
C ALA A 1107 -0.03 -17.62 24.33
N SER A 1108 0.90 -16.69 24.14
CA SER A 1108 0.56 -15.45 23.47
C SER A 1108 0.30 -15.63 22.00
N GLU A 1109 0.51 -16.84 21.46
CA GLU A 1109 0.16 -17.15 20.08
C GLU A 1109 -1.16 -16.50 19.67
N GLY A 1110 -2.14 -16.56 20.55
CA GLY A 1110 -3.38 -15.84 20.37
C GLY A 1110 -3.21 -14.37 20.05
N ASN A 1111 -2.44 -13.62 20.86
CA ASN A 1111 -2.25 -12.20 20.61
C ASN A 1111 -1.66 -11.95 19.22
N GLU A 1112 -0.85 -12.88 18.72
CA GLU A 1112 -0.28 -12.71 17.39
C GLU A 1112 -1.34 -12.63 16.31
N SER A 1113 -2.57 -13.08 16.60
CA SER A 1113 -3.67 -12.84 15.68
C SER A 1113 -4.01 -11.36 15.60
N GLY A 1114 -4.26 -10.72 16.74
CA GLY A 1114 -4.75 -9.35 16.82
C GLY A 1114 -3.96 -8.30 16.05
N ASN A 1115 -2.81 -8.73 15.53
CA ASN A 1115 -2.01 -7.87 14.67
C ASN A 1115 -2.75 -7.60 13.36
N LYS A 1116 -3.37 -8.65 12.81
CA LYS A 1116 -4.26 -8.51 11.67
C LYS A 1116 -5.32 -7.46 11.95
N LEU A 1117 -5.89 -7.48 13.15
CA LEU A 1117 -6.85 -6.45 13.54
C LEU A 1117 -6.22 -5.07 13.48
N PHE A 1118 -5.24 -4.83 14.36
CA PHE A 1118 -4.58 -3.53 14.46
C PHE A 1118 -4.28 -2.93 13.09
N ARG A 1119 -3.65 -3.72 12.21
CA ARG A 1119 -3.22 -3.17 10.92
C ARG A 1119 -4.43 -2.76 10.07
N ARG A 1120 -5.44 -3.63 9.99
CA ARG A 1120 -6.62 -3.28 9.21
C ARG A 1120 -7.33 -2.07 9.79
N PHE A 1121 -7.53 -2.07 11.11
CA PHE A 1121 -8.14 -0.92 11.78
C PHE A 1121 -7.47 0.37 11.34
N ARG A 1122 -6.14 0.39 11.40
CA ARG A 1122 -5.40 1.55 10.94
C ARG A 1122 -5.70 1.85 9.48
N LYS A 1123 -5.81 0.81 8.66
CA LYS A 1123 -6.06 1.03 7.24
C LYS A 1123 -7.46 1.54 6.96
N MET A 1124 -8.41 1.34 7.87
CA MET A 1124 -9.81 1.65 7.60
C MET A 1124 -10.44 2.62 8.59
N ASN A 1125 -9.74 3.05 9.64
CA ASN A 1125 -10.24 4.08 10.54
C ASN A 1125 -9.13 5.06 10.88
N ALA A 1126 -8.31 5.41 9.90
CA ALA A 1126 -7.33 6.47 10.08
C ALA A 1126 -8.04 7.80 10.30
N ARG A 1127 -7.39 8.66 11.09
CA ARG A 1127 -7.99 9.95 11.46
C ARG A 1127 -7.75 11.03 10.40
N GLN A 1128 -6.48 11.32 10.01
CA GLN A 1128 -5.26 10.66 10.46
C GLN A 1128 -4.12 11.62 10.76
N SER A 1129 -4.01 12.00 12.02
CA SER A 1129 -2.79 12.56 12.59
C SER A 1129 -2.39 11.67 13.76
N LYS A 1130 -1.09 11.40 13.86
CA LYS A 1130 -0.59 10.40 14.81
C LYS A 1130 -1.13 10.63 16.22
N THR A 1131 -1.39 11.88 16.59
CA THR A 1131 -1.88 12.18 17.93
C THR A 1131 -3.26 11.56 18.18
N PHE A 1132 -4.17 11.65 17.21
CA PHE A 1132 -5.50 11.05 17.32
C PHE A 1132 -5.62 9.72 16.57
N GLU A 1133 -4.66 9.41 15.70
CA GLU A 1133 -4.63 8.15 14.98
C GLU A 1133 -4.83 6.97 15.93
N LEU A 1134 -3.89 6.79 16.87
CA LEU A 1134 -4.00 5.70 17.82
C LEU A 1134 -5.13 5.91 18.81
N GLU A 1135 -5.48 7.16 19.09
CA GLU A 1135 -6.66 7.42 19.91
C GLU A 1135 -7.86 6.64 19.38
N ASP A 1136 -8.22 6.89 18.13
CA ASP A 1136 -9.34 6.17 17.53
C ASP A 1136 -9.03 4.69 17.34
N ILE A 1137 -7.78 4.35 17.00
CA ILE A 1137 -7.42 2.93 16.86
C ILE A 1137 -7.81 2.18 18.12
N LEU A 1138 -7.33 2.65 19.26
CA LEU A 1138 -7.63 1.98 20.52
C LEU A 1138 -9.12 2.01 20.81
N LYS A 1139 -9.77 3.17 20.60
CA LYS A 1139 -11.19 3.25 20.91
C LYS A 1139 -11.97 2.14 20.19
N HIS A 1140 -11.82 2.10 18.87
CA HIS A 1140 -12.51 1.10 18.07
C HIS A 1140 -12.06 -0.32 18.41
N HIS A 1141 -10.76 -0.53 18.66
CA HIS A 1141 -10.25 -1.86 18.97
C HIS A 1141 -10.87 -2.41 20.26
N TRP A 1142 -10.67 -1.68 21.36
CA TRP A 1142 -11.25 -2.09 22.64
C TRP A 1142 -12.74 -2.31 22.50
N LEU A 1143 -13.41 -1.52 21.66
CA LEU A 1143 -14.81 -1.80 21.39
C LEU A 1143 -14.97 -3.18 20.78
N TYR A 1144 -14.12 -3.50 19.79
CA TYR A 1144 -14.22 -4.77 19.10
C TYR A 1144 -14.08 -5.95 20.05
N THR A 1145 -13.33 -5.79 21.13
CA THR A 1145 -12.96 -6.96 21.94
C THR A 1145 -13.78 -7.11 23.22
N SER A 1146 -15.07 -6.81 23.25
CA SER A 1146 -15.84 -7.08 24.46
C SER A 1146 -16.84 -8.21 24.24
N LYS A 1147 -17.08 -8.96 25.32
CA LYS A 1147 -18.08 -10.02 25.28
C LYS A 1147 -19.43 -9.48 24.86
N TYR A 1148 -19.87 -8.39 25.49
CA TYR A 1148 -21.19 -7.79 25.35
C TYR A 1148 -21.67 -7.79 23.91
N LEU A 1149 -20.75 -7.54 22.98
CA LEU A 1149 -21.11 -7.44 21.58
C LEU A 1149 -21.03 -8.79 20.84
N GLN A 1150 -20.02 -9.60 21.16
CA GLN A 1150 -19.92 -10.92 20.56
C GLN A 1150 -21.12 -11.79 20.92
N LYS A 1151 -21.71 -11.55 22.10
CA LYS A 1151 -22.96 -12.23 22.44
C LYS A 1151 -24.07 -11.89 21.44
N PHE A 1152 -24.04 -10.67 20.88
CA PHE A 1152 -24.95 -10.28 19.82
C PHE A 1152 -24.46 -10.74 18.46
N MET A 1153 -23.39 -11.51 18.44
CA MET A 1153 -22.96 -12.23 17.24
C MET A 1153 -23.43 -13.68 17.29
N GLU A 1154 -24.77 -13.84 17.32
CA GLU A 1154 -25.37 -15.15 17.39
C GLU A 1154 -25.03 -15.98 16.16
N ALA A 1155 -25.47 -15.54 14.98
CA ALA A 1155 -25.47 -16.35 13.76
C ALA A 1155 -26.12 -17.70 14.03
N HIS A 1156 -27.26 -17.67 14.75
CA HIS A 1156 -27.90 -18.88 15.24
C HIS A 1156 -29.19 -19.22 14.48
N MET B 4 40.67 26.49 15.00
CA MET B 4 39.22 26.68 15.05
C MET B 4 38.58 26.20 13.75
N SER B 5 38.41 24.89 13.62
CA SER B 5 37.89 24.32 12.39
C SER B 5 37.17 23.01 12.71
N LEU B 6 36.33 22.59 11.76
CA LEU B 6 35.66 21.29 11.83
C LEU B 6 36.08 20.42 10.65
N GLN B 7 35.81 19.12 10.79
CA GLN B 7 36.11 18.11 9.81
C GLN B 7 35.16 16.95 10.10
N PRO B 8 34.53 16.38 9.08
CA PRO B 8 33.63 15.26 9.32
C PRO B 8 34.39 14.01 9.71
N LEU B 9 33.67 13.10 10.36
CA LEU B 9 34.16 11.79 10.71
C LEU B 9 33.29 10.74 10.01
N THR B 10 33.64 9.48 10.21
CA THR B 10 32.89 8.37 9.64
C THR B 10 32.64 7.36 10.74
N ALA B 11 31.36 7.12 11.05
CA ALA B 11 30.99 6.06 11.99
C ALA B 11 31.15 4.74 11.25
N VAL B 12 32.33 4.14 11.38
CA VAL B 12 32.64 2.92 10.63
C VAL B 12 31.66 1.81 10.96
N ASN B 13 31.67 1.36 12.22
CA ASN B 13 30.69 0.42 12.76
C ASN B 13 30.43 0.85 14.19
N CYS B 14 29.83 -0.04 14.98
CA CYS B 14 29.58 0.21 16.40
C CYS B 14 28.84 1.53 16.61
N GLY B 15 28.12 1.96 15.58
CA GLY B 15 27.46 3.25 15.63
C GLY B 15 26.14 3.21 16.37
N SER B 16 25.43 2.08 16.30
CA SER B 16 24.13 1.93 16.94
C SER B 16 24.22 1.82 18.45
N LEU B 17 25.38 2.16 19.03
CA LEU B 17 25.60 2.05 20.47
C LEU B 17 25.97 3.39 21.10
N VAL B 18 25.65 4.51 20.44
CA VAL B 18 25.81 5.84 21.01
C VAL B 18 24.44 6.52 20.96
N GLN B 19 23.99 7.02 22.09
CA GLN B 19 22.66 7.56 22.30
C GLN B 19 22.73 9.05 22.62
N PRO B 20 21.60 9.79 22.49
CA PRO B 20 21.63 11.27 22.64
C PRO B 20 22.50 11.78 23.78
N GLY B 21 22.19 11.35 24.99
CA GLY B 21 23.04 11.66 26.12
C GLY B 21 24.10 10.60 26.31
N PHE B 22 25.25 11.04 26.80
CA PHE B 22 26.33 10.17 27.26
C PHE B 22 27.39 11.05 27.92
N SER B 23 28.52 10.44 28.29
CA SER B 23 29.62 11.15 28.92
C SER B 23 30.94 10.69 28.29
N LEU B 24 32.00 11.43 28.62
CA LEU B 24 33.35 11.18 28.13
C LEU B 24 34.34 11.54 29.23
N LEU B 25 35.45 10.80 29.29
CA LEU B 25 36.47 11.00 30.31
C LEU B 25 37.85 10.91 29.67
N ASP B 26 38.63 11.97 29.86
CA ASP B 26 40.04 11.99 29.48
C ASP B 26 40.86 11.58 30.69
N LEU B 27 41.74 10.60 30.51
CA LEU B 27 42.69 10.21 31.56
C LEU B 27 43.82 9.41 30.91
N GLU B 28 45.05 9.77 31.26
CA GLU B 28 46.26 9.07 30.81
C GLU B 28 46.17 8.72 29.33
N GLY B 29 45.98 9.74 28.50
CA GLY B 29 45.81 9.48 27.09
C GLY B 29 44.39 9.07 26.77
N ASP B 30 44.20 7.75 26.66
CA ASP B 30 42.96 7.14 26.20
C ASP B 30 41.72 7.82 26.78
N VAL B 31 40.74 8.02 25.92
CA VAL B 31 39.45 8.63 26.26
C VAL B 31 38.39 7.53 26.20
N TYR B 32 37.46 7.56 27.14
CA TYR B 32 36.52 6.46 27.33
C TYR B 32 35.09 6.97 27.19
N LEU B 33 34.34 6.32 26.29
CA LEU B 33 32.92 6.59 26.15
C LEU B 33 32.17 5.92 27.29
N PHE B 34 31.07 6.55 27.69
CA PHE B 34 30.25 6.01 28.76
C PHE B 34 28.79 6.25 28.44
N GLY B 35 27.94 5.31 28.87
CA GLY B 35 26.51 5.44 28.75
C GLY B 35 25.97 4.74 27.53
N GLN B 36 26.35 3.48 27.34
CA GLN B 36 25.86 2.74 26.19
C GLN B 36 24.36 2.54 26.28
N LYS B 37 23.68 2.73 25.14
CA LYS B 37 22.24 2.50 25.10
C LYS B 37 21.93 1.04 25.40
N GLY B 38 20.92 0.82 26.23
CA GLY B 38 20.55 -0.52 26.62
C GLY B 38 21.59 -1.16 27.50
N TRP B 39 21.20 -2.22 28.20
CA TRP B 39 22.11 -2.91 29.10
C TRP B 39 23.29 -3.47 28.30
N PRO B 40 24.43 -3.69 28.94
CA PRO B 40 25.60 -4.17 28.20
C PRO B 40 25.29 -5.51 27.54
N LYS B 41 26.01 -5.80 26.47
CA LYS B 41 25.89 -7.10 25.84
C LYS B 41 27.05 -8.00 26.27
N ARG B 42 26.96 -9.28 25.91
CA ARG B 42 28.09 -10.17 26.07
C ARG B 42 29.27 -9.76 25.19
N SER B 43 29.02 -8.96 24.16
CA SER B 43 30.09 -8.33 23.42
C SER B 43 31.02 -7.56 24.35
N CYS B 44 30.46 -6.72 25.23
CA CYS B 44 31.23 -6.02 26.26
C CYS B 44 30.51 -6.04 27.60
N PRO B 45 31.09 -6.69 28.61
CA PRO B 45 30.42 -6.76 29.90
C PRO B 45 30.32 -5.41 30.61
N THR B 46 31.40 -4.65 30.64
CA THR B 46 31.45 -3.46 31.48
C THR B 46 30.58 -2.34 30.93
N GLY B 47 30.73 -2.03 29.66
CA GLY B 47 30.04 -0.89 29.08
C GLY B 47 30.97 0.23 28.72
N ILE B 48 32.03 0.41 29.51
CA ILE B 48 33.09 1.33 29.14
C ILE B 48 33.68 0.88 27.83
N PHE B 49 33.68 1.76 26.85
CA PHE B 49 34.35 1.47 25.59
C PHE B 49 35.60 2.32 25.48
N GLY B 50 36.65 1.70 24.93
CA GLY B 50 37.80 2.45 24.47
C GLY B 50 37.55 2.87 23.03
N VAL B 51 37.81 4.14 22.75
CA VAL B 51 37.68 4.69 21.41
C VAL B 51 39.07 5.03 20.91
N ARG B 52 39.36 4.67 19.68
CA ARG B 52 40.52 5.17 18.97
C ARG B 52 40.08 5.72 17.63
N ILE B 53 40.89 6.61 17.08
CA ILE B 53 40.56 7.31 15.85
C ILE B 53 41.83 7.41 15.01
N LYS B 54 41.74 6.99 13.75
CA LYS B 54 42.85 7.07 12.81
C LYS B 54 42.29 7.42 11.44
N LYS B 55 43.05 8.23 10.70
CA LYS B 55 42.69 8.73 9.37
C LYS B 55 41.23 9.14 9.27
N GLY B 56 40.67 9.67 10.35
CA GLY B 56 39.27 10.07 10.36
C GLY B 56 38.29 8.94 10.50
N GLU B 57 38.61 7.89 11.24
CA GLU B 57 37.69 6.80 11.54
C GLU B 57 37.28 6.83 13.01
N LEU B 58 36.11 6.29 13.30
CA LEU B 58 35.58 6.26 14.66
C LEU B 58 35.38 4.80 15.07
N LYS B 59 36.44 4.18 15.55
CA LYS B 59 36.42 2.77 15.90
C LYS B 59 36.44 2.61 17.41
N LEU B 60 36.11 1.40 17.86
CA LEU B 60 35.79 1.16 19.27
C LEU B 60 36.34 -0.17 19.73
N ARG B 61 36.74 -0.22 21.00
CA ARG B 61 37.24 -1.44 21.62
C ARG B 61 36.71 -1.53 23.04
N ALA B 62 36.59 -2.76 23.54
CA ALA B 62 35.99 -3.04 24.82
C ALA B 62 37.06 -3.07 25.90
N ILE B 63 36.65 -2.83 27.16
CA ILE B 63 37.58 -2.74 28.27
C ILE B 63 37.16 -3.79 29.30
N SER B 64 37.86 -3.86 30.42
CA SER B 64 37.50 -4.76 31.50
C SER B 64 38.19 -4.31 32.78
N PHE B 65 37.81 -4.94 33.88
CA PHE B 65 38.23 -4.55 35.22
C PHE B 65 39.08 -5.64 35.86
N SER B 66 39.61 -5.32 37.03
CA SER B 66 40.23 -6.31 37.89
C SER B 66 39.15 -6.96 38.74
N ASN B 67 39.57 -7.77 39.70
CA ASN B 67 38.63 -8.40 40.61
C ASN B 67 38.27 -7.46 41.76
N ASN B 68 39.16 -6.52 42.09
CA ASN B 68 39.01 -5.53 43.18
C ASN B 68 37.93 -4.48 42.87
N SER B 69 37.25 -4.67 41.75
CA SER B 69 36.41 -3.66 41.12
C SER B 69 34.94 -4.04 41.20
N SER B 70 34.09 -3.02 41.21
CA SER B 70 32.64 -3.17 41.05
C SER B 70 32.23 -2.83 39.63
N TYR B 71 31.06 -3.34 39.23
CA TYR B 71 30.59 -3.23 37.86
C TYR B 71 29.48 -2.20 37.75
N LEU B 72 29.52 -1.40 36.68
CA LEU B 72 28.76 -0.17 36.73
C LEU B 72 27.57 -0.19 35.80
N PRO B 73 26.43 0.33 36.24
CA PRO B 73 25.29 0.46 35.33
C PRO B 73 25.56 1.55 34.29
N PRO B 74 25.10 1.34 33.06
CA PRO B 74 25.31 2.37 32.03
C PRO B 74 24.40 3.57 32.24
N LEU B 75 24.82 4.48 33.12
CA LEU B 75 24.05 5.67 33.39
C LEU B 75 24.00 6.57 32.17
N ARG B 76 22.94 7.38 32.08
CA ARG B 76 22.70 8.17 30.87
C ARG B 76 23.27 9.58 30.96
N CYS B 77 22.74 10.40 31.87
CA CYS B 77 23.21 11.78 32.05
C CYS B 77 23.70 11.96 33.48
N PRO B 78 24.89 11.47 33.77
CA PRO B 78 25.48 11.66 35.10
C PRO B 78 26.18 13.00 35.24
N ALA B 79 26.89 13.20 36.34
CA ALA B 79 27.78 14.35 36.51
C ALA B 79 29.22 13.84 36.57
N ILE B 80 30.11 14.50 35.82
CA ILE B 80 31.50 14.10 35.69
C ILE B 80 32.35 15.09 36.46
N ALA B 81 33.39 14.59 37.13
CA ALA B 81 34.28 15.44 37.92
C ALA B 81 35.67 14.81 37.95
N HIS B 82 36.68 15.61 37.63
CA HIS B 82 38.06 15.12 37.53
C HIS B 82 38.74 15.21 38.90
N PHE B 83 39.16 14.06 39.42
CA PHE B 83 40.02 14.03 40.60
C PHE B 83 41.46 14.30 40.17
N GLU B 84 42.04 15.39 40.67
CA GLU B 84 43.43 15.70 40.41
C GLU B 84 44.34 14.61 40.94
N ALA B 85 45.46 14.39 40.24
CA ALA B 85 46.41 13.33 40.56
C ALA B 85 47.34 13.77 41.68
N GLN B 86 47.08 13.30 42.89
CA GLN B 86 48.02 13.42 44.00
C GLN B 86 47.58 12.45 45.10
N ASP B 87 48.34 12.41 46.18
CA ASP B 87 48.06 11.55 47.34
C ASP B 87 46.60 11.68 47.76
N GLY B 88 45.99 10.57 48.18
CA GLY B 88 46.65 9.29 48.32
C GLY B 88 46.59 8.36 47.13
N LYS B 89 45.41 8.25 46.52
CA LYS B 89 45.21 7.30 45.43
C LYS B 89 44.86 8.02 44.13
N PRO B 90 45.84 8.59 43.44
CA PRO B 90 45.60 9.16 42.11
C PRO B 90 45.78 8.12 41.01
N GLU B 91 45.17 8.39 39.87
CA GLU B 91 44.20 9.46 39.72
C GLU B 91 42.91 8.84 39.24
N CYS B 92 41.81 9.59 39.29
CA CYS B 92 40.51 8.99 39.10
C CYS B 92 39.57 9.99 38.43
N TYR B 93 38.35 9.51 38.16
CA TYR B 93 37.24 10.34 37.73
C TYR B 93 36.00 9.92 38.50
N LEU B 94 35.18 10.90 38.88
CA LEU B 94 34.02 10.64 39.72
C LEU B 94 32.73 10.87 38.94
N ILE B 95 31.79 9.94 39.10
CA ILE B 95 30.50 9.94 38.42
C ILE B 95 29.42 9.88 39.50
N HIS B 96 28.35 10.66 39.31
CA HIS B 96 27.14 10.60 40.12
C HIS B 96 26.06 11.48 39.51
N GLY B 97 24.85 10.97 39.34
CA GLY B 97 24.55 9.56 39.51
C GLY B 97 23.70 9.15 38.34
N GLY B 98 23.22 10.16 37.61
CA GLY B 98 22.44 10.02 36.39
C GLY B 98 21.21 9.13 36.54
N ARG B 99 20.60 8.84 35.39
CA ARG B 99 19.47 7.92 35.31
C ARG B 99 19.89 6.66 34.57
N THR B 100 19.34 5.52 35.00
CA THR B 100 19.67 4.21 34.44
C THR B 100 18.81 3.92 33.20
N PRO B 101 19.20 2.92 32.40
CA PRO B 101 18.33 2.51 31.28
C PRO B 101 16.91 2.14 31.70
N ASN B 102 16.71 1.72 32.95
CA ASN B 102 15.40 1.80 33.56
C ASN B 102 15.32 3.16 34.24
N ASN B 103 14.20 3.85 34.05
CA ASN B 103 14.11 5.19 34.62
C ASN B 103 13.96 5.12 36.13
N GLU B 104 14.97 4.57 36.79
CA GLU B 104 15.29 4.81 38.18
C GLU B 104 16.65 5.48 38.21
N LEU B 105 17.07 5.88 39.41
CA LEU B 105 18.19 6.79 39.53
C LEU B 105 19.17 6.27 40.58
N SER B 106 20.45 6.63 40.42
CA SER B 106 21.49 5.96 41.17
C SER B 106 21.49 6.38 42.64
N SER B 107 21.73 7.66 42.90
CA SER B 107 22.06 8.14 44.25
C SER B 107 23.23 7.34 44.82
N SER B 108 24.22 7.08 43.97
CA SER B 108 25.37 6.29 44.35
C SER B 108 26.53 6.67 43.42
N LEU B 109 27.44 7.49 43.92
CA LEU B 109 28.60 7.89 43.14
C LEU B 109 29.59 6.73 43.04
N TYR B 110 30.40 6.77 41.98
CA TYR B 110 31.46 5.79 41.78
C TYR B 110 32.79 6.49 41.56
N MET B 111 33.86 5.81 41.95
CA MET B 111 35.21 6.35 41.91
C MET B 111 36.00 5.48 40.94
N LEU B 112 36.10 5.93 39.69
CA LEU B 112 36.67 5.14 38.60
C LEU B 112 38.13 5.51 38.39
N SER B 113 38.96 4.49 38.18
CA SER B 113 40.39 4.69 37.98
C SER B 113 40.90 3.73 36.92
N VAL B 114 42.18 3.92 36.56
CA VAL B 114 42.96 2.98 35.75
C VAL B 114 43.90 2.24 36.69
N ASP B 115 44.15 0.96 36.39
CA ASP B 115 44.95 0.12 37.26
C ASP B 115 46.24 -0.37 36.62
N SER B 116 46.20 -1.02 35.46
CA SER B 116 47.40 -1.65 34.90
C SER B 116 47.32 -1.65 33.37
N ARG B 117 48.47 -1.90 32.76
CA ARG B 117 48.70 -1.81 31.33
C ARG B 117 50.13 -2.26 31.06
N GLY B 118 50.41 -2.63 29.82
CA GLY B 118 49.40 -2.88 28.80
C GLY B 118 48.80 -4.27 28.86
N CYS B 119 49.59 -5.30 28.55
CA CYS B 119 50.94 -5.14 28.01
C CYS B 119 50.88 -4.65 26.57
N ASN B 120 49.99 -5.25 25.79
CA ASN B 120 49.81 -4.90 24.38
C ASN B 120 48.74 -3.81 24.26
N ARG B 121 49.13 -2.62 24.71
CA ARG B 121 48.30 -1.40 24.65
C ARG B 121 46.98 -1.54 25.39
N LYS B 122 46.86 -2.50 26.30
CA LYS B 122 45.58 -2.78 26.94
C LYS B 122 45.53 -2.13 28.31
N VAL B 123 44.31 -1.90 28.79
CA VAL B 123 44.06 -1.08 29.97
C VAL B 123 43.23 -1.87 30.97
N THR B 124 43.45 -1.61 32.27
CA THR B 124 42.68 -2.23 33.34
C THR B 124 42.18 -1.12 34.26
N LEU B 125 40.92 -1.23 34.69
CA LEU B 125 40.29 -0.23 35.53
C LEU B 125 39.67 -0.89 36.76
N ARG B 126 39.32 -0.06 37.74
CA ARG B 126 38.54 -0.50 38.89
C ARG B 126 37.52 0.57 39.23
N CYS B 127 36.47 0.15 39.95
CA CYS B 127 35.34 1.03 40.28
C CYS B 127 34.95 0.78 41.74
N GLU B 128 35.44 1.63 42.62
CA GLU B 128 35.09 1.56 44.04
C GLU B 128 33.91 2.50 44.28
N GLU B 129 32.71 1.93 44.41
CA GLU B 129 31.61 2.70 44.94
C GLU B 129 31.96 3.16 46.35
N LYS B 130 31.65 4.41 46.65
CA LYS B 130 31.99 4.99 47.94
C LYS B 130 30.68 5.21 48.70
N GLU B 131 30.42 4.34 49.67
CA GLU B 131 29.23 4.47 50.49
C GLU B 131 29.17 5.85 51.13
N LEU B 132 27.95 6.34 51.34
CA LEU B 132 27.71 7.72 51.72
C LEU B 132 26.96 7.79 53.04
N VAL B 133 27.58 8.39 54.05
CA VAL B 133 26.95 8.66 55.32
C VAL B 133 26.55 10.14 55.35
N GLY B 134 25.46 10.42 56.06
CA GLY B 134 24.89 11.76 56.12
C GLY B 134 23.48 11.72 56.67
N ASP B 135 22.51 12.48 56.15
CA ASP B 135 22.61 13.50 55.10
C ASP B 135 23.28 13.07 53.79
N VAL B 136 22.66 12.11 53.09
CA VAL B 136 23.15 11.70 51.79
C VAL B 136 22.38 12.51 50.74
N PRO B 137 22.93 12.71 49.55
CA PRO B 137 22.13 13.31 48.48
C PRO B 137 21.08 12.34 47.99
N SER B 138 19.90 12.88 47.66
CA SER B 138 18.89 12.06 47.01
C SER B 138 19.21 11.98 45.53
N ALA B 139 18.75 10.90 44.89
CA ALA B 139 19.01 10.68 43.49
C ALA B 139 18.46 11.83 42.65
N ARG B 140 19.23 12.23 41.63
CA ARG B 140 18.91 13.39 40.81
C ARG B 140 19.91 13.39 39.66
N TYR B 141 19.51 13.98 38.54
CA TYR B 141 20.32 13.88 37.33
C TYR B 141 20.37 15.25 36.65
N GLY B 142 21.18 15.33 35.60
CA GLY B 142 21.49 16.59 34.95
C GLY B 142 22.32 17.53 35.80
N HIS B 143 22.52 17.21 37.07
CA HIS B 143 23.17 18.08 38.03
C HIS B 143 24.66 18.06 37.77
N THR B 144 25.43 18.62 38.70
CA THR B 144 26.86 18.77 38.52
C THR B 144 27.58 18.51 39.83
N LEU B 145 28.86 18.19 39.71
CA LEU B 145 29.74 18.01 40.85
C LEU B 145 31.06 18.69 40.52
N SER B 146 31.88 18.90 41.55
CA SER B 146 33.20 19.47 41.35
C SER B 146 34.11 19.08 42.50
N VAL B 147 35.41 19.26 42.28
CA VAL B 147 36.44 18.92 43.25
C VAL B 147 37.12 20.20 43.71
N ILE B 148 37.49 20.25 44.99
CA ILE B 148 38.14 21.42 45.57
C ILE B 148 39.15 20.94 46.60
N ASN B 149 40.19 21.75 46.80
CA ASN B 149 41.35 21.42 47.63
C ASN B 149 41.61 22.63 48.53
N SER B 150 40.95 22.67 49.67
CA SER B 150 40.85 23.88 50.48
C SER B 150 41.70 23.76 51.74
N ARG B 151 42.98 24.16 51.62
CA ARG B 151 43.84 24.54 52.74
C ARG B 151 43.79 23.54 53.90
N GLY B 152 44.29 22.33 53.65
CA GLY B 152 44.82 21.89 52.38
C GLY B 152 44.15 20.60 51.95
N LYS B 153 43.30 20.08 52.83
CA LYS B 153 42.56 18.84 52.55
C LYS B 153 41.63 19.04 51.35
N THR B 154 41.38 17.95 50.63
CA THR B 154 40.53 17.94 49.45
C THR B 154 39.16 17.36 49.81
N ALA B 155 38.11 17.92 49.23
CA ALA B 155 36.76 17.39 49.39
C ALA B 155 36.00 17.61 48.07
N CYS B 156 34.69 17.39 48.10
CA CYS B 156 33.88 17.46 46.88
C CYS B 156 32.56 18.14 47.16
N VAL B 157 32.04 18.82 46.13
CA VAL B 157 30.83 19.65 46.22
C VAL B 157 29.87 19.26 45.11
N LEU B 158 28.58 19.18 45.44
CA LEU B 158 27.54 18.82 44.50
C LEU B 158 26.54 19.97 44.36
N PHE B 159 25.96 20.12 43.17
CA PHE B 159 24.89 21.09 43.00
C PHE B 159 24.05 20.74 41.77
N GLY B 160 22.79 21.17 41.82
CA GLY B 160 21.86 21.06 40.72
C GLY B 160 20.89 19.91 40.91
N GLY B 161 20.07 19.71 39.89
CA GLY B 161 19.34 18.47 39.82
C GLY B 161 17.84 18.55 39.86
N ARG B 162 17.22 17.71 39.03
CA ARG B 162 15.80 17.44 39.02
C ARG B 162 15.60 15.98 39.41
N SER B 163 14.36 15.56 39.47
CA SER B 163 14.03 14.22 39.92
C SER B 163 12.58 13.95 39.56
N TYR B 164 12.03 12.91 40.14
CA TYR B 164 10.60 12.69 40.18
C TYR B 164 10.07 13.19 41.52
N MET B 165 8.85 13.71 41.50
CA MET B 165 8.26 14.28 42.70
C MET B 165 8.31 13.28 43.86
N PRO B 166 8.44 13.76 45.08
CA PRO B 166 8.51 12.85 46.24
C PRO B 166 7.34 11.88 46.22
N PRO B 167 7.54 10.65 46.72
CA PRO B 167 6.55 9.58 46.55
C PRO B 167 5.33 9.71 47.45
N THR B 168 4.87 10.95 47.64
CA THR B 168 3.59 11.24 48.29
C THR B 168 2.59 11.85 47.33
N GLU B 169 3.06 12.67 46.38
CA GLU B 169 2.28 13.05 45.21
C GLU B 169 2.84 12.44 43.93
N ARG B 170 3.64 11.37 44.05
CA ARG B 170 4.16 10.70 42.87
C ARG B 170 2.97 10.13 42.10
N THR B 171 2.62 10.78 40.99
CA THR B 171 1.33 10.60 40.36
C THR B 171 1.52 9.88 39.03
N THR B 172 0.92 8.70 38.89
CA THR B 172 1.19 7.80 37.78
C THR B 172 0.60 8.26 36.45
N GLN B 173 -0.13 9.37 36.42
CA GLN B 173 -0.41 10.02 35.14
C GLN B 173 0.72 10.95 34.75
N ASN B 174 1.38 11.55 35.75
CA ASN B 174 2.54 12.41 35.54
C ASN B 174 3.84 11.68 35.87
N TRP B 175 3.81 10.35 35.93
CA TRP B 175 4.85 9.55 36.55
C TRP B 175 6.20 9.72 35.84
N ASN B 176 6.21 10.52 34.77
CA ASN B 176 7.43 10.92 34.09
C ASN B 176 7.57 12.44 34.04
N SER B 177 7.10 13.13 35.07
CA SER B 177 7.38 14.54 35.20
C SER B 177 8.76 14.74 35.85
N VAL B 178 9.17 16.01 35.89
CA VAL B 178 10.41 16.41 36.54
C VAL B 178 10.21 17.78 37.14
N VAL B 179 10.96 18.05 38.21
CA VAL B 179 10.95 19.33 38.89
C VAL B 179 12.25 19.45 39.67
N ASP B 180 12.87 20.62 39.57
CA ASP B 180 14.18 20.82 40.16
C ASP B 180 14.15 20.52 41.65
N CYS B 181 15.13 19.76 42.11
CA CYS B 181 15.24 19.52 43.54
C CYS B 181 15.53 20.86 44.25
N PRO B 182 15.13 21.00 45.50
CA PRO B 182 15.47 22.21 46.24
C PRO B 182 16.97 22.45 46.26
N PRO B 183 17.42 23.62 45.77
CA PRO B 183 18.87 23.83 45.56
C PRO B 183 19.67 23.97 46.84
N GLN B 184 20.01 22.85 47.46
CA GLN B 184 20.93 22.84 48.59
C GLN B 184 22.17 22.04 48.19
N VAL B 185 23.33 22.72 48.21
CA VAL B 185 24.58 22.05 47.90
C VAL B 185 24.88 21.00 48.96
N TYR B 186 25.63 19.98 48.55
CA TYR B 186 26.14 18.96 49.47
C TYR B 186 27.66 18.95 49.38
N LEU B 187 28.29 18.62 50.50
CA LEU B 187 29.74 18.54 50.59
C LEU B 187 30.15 17.09 50.77
N ILE B 188 31.09 16.65 49.96
CA ILE B 188 31.53 15.25 49.93
C ILE B 188 33.01 15.23 50.33
N ASP B 189 33.31 14.61 51.46
CA ASP B 189 34.66 14.15 51.74
C ASP B 189 34.79 12.76 51.15
N LEU B 190 35.99 12.45 50.65
CA LEU B 190 36.25 11.10 50.15
C LEU B 190 36.09 10.07 51.26
N GLU B 191 36.90 10.18 52.31
CA GLU B 191 36.75 9.31 53.47
C GLU B 191 37.19 10.06 54.72
N PHE B 192 36.30 10.15 55.70
CA PHE B 192 34.99 9.50 55.63
C PHE B 192 34.00 10.30 54.80
N GLY B 193 33.06 9.61 54.17
CA GLY B 193 32.11 10.25 53.29
C GLY B 193 31.11 11.10 54.03
N CYS B 194 31.60 12.06 54.80
CA CYS B 194 30.77 12.90 55.67
C CYS B 194 30.00 13.88 54.79
N CYS B 195 28.88 13.39 54.25
CA CYS B 195 28.04 14.18 53.38
C CYS B 195 27.13 15.07 54.21
N THR B 196 27.09 16.37 53.90
CA THR B 196 26.30 17.33 54.64
C THR B 196 25.63 18.29 53.66
N ALA B 197 24.42 18.71 53.98
CA ALA B 197 23.69 19.71 53.22
C ALA B 197 23.98 21.11 53.75
N HIS B 198 23.90 22.09 52.86
CA HIS B 198 24.04 23.50 53.22
C HIS B 198 23.21 24.32 52.22
N THR B 199 23.08 25.61 52.51
CA THR B 199 22.42 26.53 51.59
C THR B 199 22.74 27.95 52.00
N LEU B 200 22.31 28.90 51.17
CA LEU B 200 22.34 30.33 51.46
C LEU B 200 21.13 30.97 50.81
N PRO B 201 20.63 32.07 51.37
CA PRO B 201 19.44 32.72 50.76
C PRO B 201 19.66 33.16 49.33
N GLU B 202 20.91 33.37 48.90
CA GLU B 202 21.18 33.75 47.52
C GLU B 202 20.79 32.64 46.55
N LEU B 203 20.67 31.42 47.07
CA LEU B 203 20.27 30.24 46.29
C LEU B 203 18.75 30.20 46.16
N THR B 204 18.20 31.27 45.58
CA THR B 204 16.75 31.43 45.52
C THR B 204 16.08 30.25 44.83
N ASP B 205 16.72 29.71 43.78
CA ASP B 205 16.15 28.56 43.09
C ASP B 205 17.26 27.81 42.38
N GLY B 206 17.02 26.52 42.13
CA GLY B 206 18.00 25.63 41.56
C GLY B 206 17.71 25.30 40.11
N GLN B 207 18.78 25.09 39.35
CA GLN B 207 18.72 24.92 37.91
C GLN B 207 19.28 23.54 37.51
N SER B 208 19.33 23.31 36.20
CA SER B 208 19.79 22.04 35.63
C SER B 208 20.70 22.33 34.44
N PHE B 209 21.29 21.26 33.90
CA PHE B 209 22.07 21.29 32.66
C PHE B 209 23.12 22.42 32.64
N HIS B 210 23.59 22.79 33.83
CA HIS B 210 24.53 23.90 33.98
C HIS B 210 25.92 23.34 34.25
N VAL B 211 26.82 23.50 33.28
CA VAL B 211 28.21 23.11 33.47
C VAL B 211 28.85 24.00 34.53
N ALA B 212 29.70 23.41 35.36
CA ALA B 212 30.38 24.12 36.43
C ALA B 212 31.86 24.25 36.09
N LEU B 213 32.58 24.95 36.97
CA LEU B 213 34.03 25.07 36.90
C LEU B 213 34.55 25.59 38.22
N ALA B 214 35.58 24.92 38.75
CA ALA B 214 36.16 25.24 40.04
C ALA B 214 37.68 25.36 39.93
N ARG B 215 38.26 26.09 40.88
CA ARG B 215 39.70 26.21 41.02
C ARG B 215 39.98 26.81 42.39
N GLN B 216 40.95 26.25 43.10
CA GLN B 216 41.40 26.74 44.42
C GLN B 216 40.21 27.12 45.31
N ASP B 217 39.29 26.17 45.46
CA ASP B 217 38.10 26.28 46.32
C ASP B 217 37.36 27.61 46.16
N CYS B 218 37.17 28.04 44.90
CA CYS B 218 36.26 29.14 44.56
C CYS B 218 35.59 28.77 43.24
N VAL B 219 34.35 28.27 43.32
CA VAL B 219 33.68 27.65 42.18
C VAL B 219 32.76 28.66 41.51
N TYR B 220 32.64 28.55 40.19
CA TYR B 220 31.84 29.45 39.37
C TYR B 220 30.86 28.66 38.53
N PHE B 221 29.57 28.99 38.67
CA PHE B 221 28.51 28.28 37.99
C PHE B 221 28.11 29.02 36.74
N LEU B 222 27.76 28.26 35.71
CA LEU B 222 27.56 28.80 34.38
C LEU B 222 26.08 28.72 34.02
N GLY B 223 25.78 29.04 32.75
CA GLY B 223 24.40 29.20 32.35
C GLY B 223 23.62 27.90 32.48
N GLY B 224 22.34 28.04 32.83
CA GLY B 224 21.47 26.88 32.95
C GLY B 224 20.02 27.17 32.60
N HIS B 225 19.11 26.49 33.29
CA HIS B 225 17.69 26.62 33.02
C HIS B 225 16.93 26.13 34.26
N ILE B 226 15.75 26.70 34.48
CA ILE B 226 14.85 26.28 35.54
C ILE B 226 13.47 26.09 34.94
N LEU B 227 12.85 24.94 35.25
CA LEU B 227 11.51 24.66 34.74
C LEU B 227 10.46 25.53 35.42
N SER B 228 10.45 25.55 36.75
CA SER B 228 9.37 26.17 37.51
C SER B 228 9.05 27.57 37.00
N SER B 229 10.06 28.40 36.82
CA SER B 229 9.90 29.75 36.28
C SER B 229 9.98 29.80 34.76
N ASP B 230 10.37 28.70 34.10
CA ASP B 230 10.45 28.60 32.65
C ASP B 230 11.46 29.58 32.05
N CYS B 231 12.15 30.32 32.90
CA CYS B 231 13.20 31.21 32.42
C CYS B 231 14.45 30.39 32.05
N ARG B 232 15.40 31.07 31.42
CA ARG B 232 16.75 30.55 31.21
C ARG B 232 17.71 31.56 31.81
N PRO B 233 17.77 31.64 33.14
CA PRO B 233 18.36 32.80 33.79
C PRO B 233 19.84 32.95 33.45
N SER B 234 20.34 34.16 33.71
CA SER B 234 21.73 34.52 33.49
C SER B 234 22.54 34.48 34.78
N ARG B 235 21.97 33.95 35.87
CA ARG B 235 22.58 34.10 37.19
C ARG B 235 23.83 33.22 37.25
N LEU B 236 24.91 33.74 36.65
CA LEU B 236 26.23 33.20 36.89
C LEU B 236 26.62 33.47 38.33
N ILE B 237 27.12 32.46 39.01
CA ILE B 237 27.35 32.54 40.43
C ILE B 237 28.81 32.23 40.74
N ARG B 238 29.29 32.81 41.83
CA ARG B 238 30.53 32.43 42.49
C ARG B 238 30.18 31.93 43.88
N LEU B 239 30.99 31.02 44.40
CA LEU B 239 30.84 30.60 45.80
C LEU B 239 32.22 30.22 46.33
N HIS B 240 32.46 30.57 47.59
CA HIS B 240 33.76 30.37 48.23
C HIS B 240 33.56 29.47 49.44
N VAL B 241 34.37 28.41 49.53
CA VAL B 241 34.30 27.46 50.63
C VAL B 241 35.68 27.36 51.28
N GLU B 242 35.69 26.83 52.49
CA GLU B 242 36.93 26.50 53.19
C GLU B 242 36.59 25.62 54.38
N LEU B 243 37.54 24.76 54.74
CA LEU B 243 37.37 23.80 55.83
C LEU B 243 37.83 24.46 57.12
N LEU B 244 36.91 25.16 57.78
CA LEU B 244 37.16 25.69 59.12
C LEU B 244 36.80 24.63 60.15
N LEU B 245 37.52 23.50 60.08
CA LEU B 245 37.26 22.39 60.98
C LEU B 245 37.37 22.83 62.43
N GLY B 246 36.38 22.46 63.24
CA GLY B 246 35.27 21.62 62.79
C GLY B 246 34.02 22.30 62.27
N SER B 247 34.14 23.04 61.17
CA SER B 247 33.00 23.66 60.51
C SER B 247 33.25 23.82 59.01
N PRO B 248 32.42 23.21 58.16
CA PRO B 248 32.55 23.46 56.70
C PRO B 248 31.89 24.77 56.29
N VAL B 249 32.54 25.87 56.66
CA VAL B 249 31.99 27.20 56.39
C VAL B 249 31.93 27.43 54.89
N LEU B 250 30.87 28.10 54.45
CA LEU B 250 30.65 28.39 53.04
C LEU B 250 30.23 29.84 52.91
N THR B 251 30.62 30.47 51.80
CA THR B 251 30.09 31.77 51.41
C THR B 251 29.86 31.79 49.92
N CYS B 252 28.89 32.60 49.49
CA CYS B 252 28.50 32.70 48.09
C CYS B 252 28.20 34.15 47.75
N THR B 253 28.05 34.40 46.45
CA THR B 253 27.68 35.72 45.93
C THR B 253 27.26 35.57 44.48
N ILE B 254 26.24 36.31 44.07
CA ILE B 254 25.87 36.41 42.66
C ILE B 254 26.89 37.28 41.96
N LEU B 255 27.12 37.01 40.67
CA LEU B 255 27.81 37.93 39.79
C LEU B 255 26.88 38.32 38.67
N HIS B 256 27.12 39.50 38.09
CA HIS B 256 26.19 40.01 37.08
C HIS B 256 26.27 39.18 35.81
N GLU B 257 27.43 39.19 35.15
CA GLU B 257 27.53 38.65 33.80
C GLU B 257 27.41 37.14 33.84
N GLY B 258 26.38 36.61 33.19
CA GLY B 258 26.21 35.18 33.00
C GLY B 258 25.53 34.85 31.70
N LEU B 259 26.16 34.02 30.87
CA LEU B 259 25.56 33.68 29.59
C LEU B 259 24.50 32.60 29.78
N THR B 260 23.58 32.52 28.83
CA THR B 260 22.49 31.55 28.84
C THR B 260 22.76 30.52 27.73
N ILE B 261 23.44 29.43 28.11
CA ILE B 261 23.78 28.34 27.19
C ILE B 261 23.58 27.02 27.91
N THR B 262 22.78 26.14 27.32
CA THR B 262 22.43 24.86 27.94
C THR B 262 23.19 23.73 27.28
N SER B 263 23.33 22.62 28.02
CA SER B 263 23.99 21.41 27.53
C SER B 263 25.36 21.73 26.93
N ALA B 264 26.26 22.16 27.80
CA ALA B 264 27.56 22.62 27.35
C ALA B 264 28.46 21.46 26.93
N ILE B 265 29.58 21.81 26.28
CA ILE B 265 30.60 20.86 25.85
C ILE B 265 31.93 21.47 26.25
N ALA B 266 32.53 20.95 27.33
CA ALA B 266 33.67 21.60 27.97
C ALA B 266 34.95 20.89 27.57
N SER B 267 35.84 21.60 26.89
CA SER B 267 37.18 21.11 26.56
C SER B 267 38.20 22.15 26.97
N PRO B 268 38.83 21.99 28.12
CA PRO B 268 39.90 22.91 28.51
C PRO B 268 41.14 22.71 27.66
N ILE B 269 41.99 23.74 27.66
CA ILE B 269 43.29 23.63 26.99
C ILE B 269 44.40 24.07 27.95
N GLY B 270 44.35 25.32 28.40
CA GLY B 270 45.35 25.85 29.29
C GLY B 270 45.17 25.33 30.71
N TYR B 271 45.91 25.94 31.63
CA TYR B 271 45.79 25.57 33.03
C TYR B 271 44.36 25.74 33.52
N HIS B 272 43.74 26.87 33.20
CA HIS B 272 42.35 27.14 33.55
C HIS B 272 41.66 27.94 32.43
N GLU B 273 41.84 27.51 31.19
CA GLU B 273 41.22 28.19 30.04
C GLU B 273 40.35 27.20 29.28
N TYR B 274 39.07 27.57 29.09
CA TYR B 274 38.06 26.63 28.60
C TYR B 274 37.33 27.21 27.39
N ILE B 275 37.56 26.59 26.23
CA ILE B 275 36.82 26.90 25.00
C ILE B 275 35.59 26.01 24.95
N ILE B 276 34.42 26.62 24.77
CA ILE B 276 33.14 25.94 25.00
C ILE B 276 32.26 26.10 23.76
N PHE B 277 31.41 25.10 23.51
CA PHE B 277 30.45 25.13 22.42
C PHE B 277 29.06 25.52 22.91
N GLY B 278 28.50 24.74 23.82
CA GLY B 278 27.16 24.99 24.30
C GLY B 278 26.11 24.37 23.39
N GLY B 279 25.17 23.64 23.98
CA GLY B 279 24.16 22.97 23.20
C GLY B 279 23.12 23.89 22.60
N TYR B 280 22.53 24.77 23.42
CA TYR B 280 21.36 25.50 22.96
C TYR B 280 21.31 26.89 23.56
N GLN B 281 20.77 27.83 22.78
CA GLN B 281 20.52 29.20 23.23
C GLN B 281 19.14 29.30 23.91
N SER B 282 18.08 28.94 23.18
CA SER B 282 16.73 28.91 23.72
C SER B 282 16.05 27.60 23.31
N GLU B 283 15.09 27.16 24.13
CA GLU B 283 14.55 25.80 24.04
C GLU B 283 13.86 25.49 22.72
N THR B 284 13.87 26.44 21.80
CA THR B 284 13.65 26.18 20.37
C THR B 284 14.90 26.43 19.55
N GLN B 285 15.54 27.59 19.73
CA GLN B 285 16.70 27.96 18.94
C GLN B 285 17.99 27.58 19.66
N LYS B 286 18.75 26.68 19.04
CA LYS B 286 20.05 26.25 19.54
C LYS B 286 21.07 27.38 19.51
N ARG B 287 22.11 27.23 20.32
CA ARG B 287 23.29 28.09 20.20
C ARG B 287 24.17 27.58 19.07
N MET B 288 24.80 28.52 18.36
CA MET B 288 25.74 28.16 17.31
C MET B 288 27.15 28.67 17.55
N GLU B 289 27.32 29.80 18.22
CA GLU B 289 28.62 30.42 18.36
C GLU B 289 29.43 29.79 19.48
N CYS B 290 30.76 29.90 19.36
CA CYS B 290 31.69 29.34 20.33
C CYS B 290 31.77 30.23 21.56
N THR B 291 32.75 29.96 22.42
CA THR B 291 33.00 30.75 23.61
C THR B 291 34.35 30.36 24.22
N TYR B 292 35.15 31.36 24.58
CA TYR B 292 36.40 31.12 25.30
C TYR B 292 36.31 31.82 26.65
N VAL B 293 36.73 31.11 27.70
CA VAL B 293 36.55 31.56 29.08
C VAL B 293 37.89 31.54 29.78
N GLY B 294 38.38 32.72 30.18
CA GLY B 294 39.48 32.79 31.11
C GLY B 294 38.96 32.84 32.54
N LEU B 295 39.88 32.69 33.48
CA LEU B 295 39.59 32.83 34.90
C LEU B 295 40.89 32.83 35.68
N ASP B 296 40.90 33.57 36.79
CA ASP B 296 42.07 33.71 37.63
C ASP B 296 41.57 34.12 39.01
N ASP B 297 42.48 34.49 39.91
CA ASP B 297 42.10 34.96 41.23
C ASP B 297 41.37 36.31 41.18
N VAL B 298 41.53 37.08 40.10
CA VAL B 298 40.63 38.21 39.86
C VAL B 298 39.24 37.69 39.48
N GLY B 299 39.18 36.75 38.55
CA GLY B 299 37.93 36.09 38.23
C GLY B 299 37.89 35.65 36.78
N VAL B 300 36.75 35.06 36.42
CA VAL B 300 36.47 34.69 35.04
C VAL B 300 36.42 35.92 34.16
N HIS B 301 36.87 35.77 32.91
CA HIS B 301 36.77 36.82 31.90
C HIS B 301 36.38 36.19 30.57
N MET B 302 35.37 36.76 29.92
CA MET B 302 34.73 36.15 28.76
C MET B 302 35.40 36.61 27.47
N GLU B 303 35.18 35.84 26.40
CA GLU B 303 35.60 36.18 25.04
C GLU B 303 34.95 35.19 24.09
N SER B 304 34.69 35.65 22.85
CA SER B 304 34.11 34.82 21.79
C SER B 304 35.14 34.62 20.70
N ARG B 305 35.64 33.39 20.55
CA ARG B 305 36.56 33.05 19.47
C ARG B 305 35.78 32.91 18.17
N GLU B 306 36.44 32.38 17.13
CA GLU B 306 35.80 32.20 15.84
C GLU B 306 34.95 30.94 15.83
N PRO B 307 33.76 30.98 15.25
CA PRO B 307 32.96 29.77 15.08
C PRO B 307 33.38 29.00 13.84
N PRO B 308 33.86 27.76 14.00
CA PRO B 308 34.11 26.92 12.82
C PRO B 308 32.84 26.72 12.01
N GLN B 309 33.03 26.58 10.69
CA GLN B 309 31.94 26.65 9.73
C GLN B 309 31.10 25.38 9.72
N TRP B 310 30.05 25.36 10.54
CA TRP B 310 29.09 24.26 10.52
C TRP B 310 28.51 24.09 9.12
N THR B 311 28.56 22.86 8.61
CA THR B 311 27.83 22.55 7.39
C THR B 311 26.35 22.85 7.60
N SER B 312 25.62 23.03 6.50
CA SER B 312 24.20 23.36 6.64
C SER B 312 23.42 22.22 7.30
N GLU B 313 23.82 20.97 7.04
CA GLU B 313 23.08 19.81 7.54
C GLU B 313 22.95 19.84 9.07
N ILE B 314 23.99 20.28 9.78
CA ILE B 314 23.87 20.48 11.23
C ILE B 314 23.07 21.75 11.54
N SER B 315 23.24 22.79 10.73
CA SER B 315 22.62 24.08 11.02
C SER B 315 21.11 23.97 11.17
N HIS B 316 20.45 23.14 10.36
CA HIS B 316 19.00 23.03 10.38
C HIS B 316 18.53 21.75 11.05
N SER B 317 19.38 21.14 11.88
CA SER B 317 18.95 20.02 12.70
C SER B 317 17.87 20.45 13.67
N ARG B 318 17.08 19.48 14.12
CA ARG B 318 16.14 19.77 15.21
C ARG B 318 16.88 19.80 16.54
N THR B 319 17.84 18.90 16.75
CA THR B 319 18.55 18.78 18.02
C THR B 319 20.02 18.52 17.74
N TRP B 320 20.82 18.42 18.82
CA TRP B 320 22.19 17.93 18.80
C TRP B 320 22.76 18.02 20.20
N PHE B 321 23.98 17.51 20.35
CA PHE B 321 24.67 17.36 21.64
C PHE B 321 26.16 17.21 21.35
N GLY B 322 26.92 16.75 22.33
CA GLY B 322 28.29 16.34 22.07
C GLY B 322 29.07 16.08 23.35
N GLY B 323 30.37 15.81 23.15
CA GLY B 323 31.30 15.50 24.23
C GLY B 323 32.71 15.91 23.87
N SER B 324 33.62 15.76 24.83
CA SER B 324 34.96 16.32 24.76
C SER B 324 36.00 15.22 24.55
N LEU B 325 36.74 15.32 23.45
CA LEU B 325 37.83 14.37 23.18
C LEU B 325 39.17 14.83 23.75
N GLY B 326 39.28 16.07 24.22
CA GLY B 326 40.47 16.52 24.93
C GLY B 326 41.39 17.40 24.08
N LYS B 327 42.02 18.35 24.76
CA LYS B 327 43.08 19.19 24.19
C LYS B 327 42.59 20.04 23.01
N GLY B 328 41.57 20.86 23.28
CA GLY B 328 40.97 21.69 22.25
C GLY B 328 40.18 20.94 21.22
N THR B 329 40.28 19.60 21.20
CA THR B 329 39.61 18.73 20.27
C THR B 329 38.47 18.00 20.97
N ALA B 330 37.38 17.76 20.24
CA ALA B 330 36.20 17.15 20.86
C ALA B 330 35.34 16.49 19.77
N LEU B 331 34.28 15.85 20.24
CA LEU B 331 33.41 15.04 19.38
C LEU B 331 31.97 15.49 19.55
N VAL B 332 31.30 15.77 18.43
CA VAL B 332 29.90 16.16 18.41
C VAL B 332 29.13 15.17 17.55
N ALA B 333 27.80 15.29 17.56
CA ALA B 333 26.95 14.32 16.89
C ALA B 333 25.65 14.97 16.43
N ILE B 334 25.08 14.37 15.38
CA ILE B 334 23.86 14.85 14.75
C ILE B 334 22.85 13.72 14.76
N PRO B 335 21.62 13.94 15.19
CA PRO B 335 20.58 12.95 14.88
C PRO B 335 20.31 12.98 13.39
N SER B 336 20.84 11.99 12.68
CA SER B 336 20.91 12.03 11.23
C SER B 336 19.56 11.60 10.67
N GLU B 337 18.84 12.55 10.07
CA GLU B 337 17.59 12.22 9.39
C GLU B 337 17.96 11.67 8.01
N GLY B 338 17.67 10.40 7.81
CA GLY B 338 17.77 9.81 6.49
C GLY B 338 16.49 9.08 6.18
N ASN B 339 16.11 9.14 4.90
CA ASN B 339 14.97 8.37 4.40
C ASN B 339 15.51 7.31 3.45
N PRO B 340 15.74 6.06 3.91
CA PRO B 340 15.46 5.62 5.28
C PRO B 340 16.62 5.83 6.27
N THR B 341 16.38 5.48 7.53
CA THR B 341 17.42 5.51 8.54
C THR B 341 18.54 4.54 8.17
N PRO B 342 19.79 4.87 8.50
CA PRO B 342 20.93 4.08 7.98
C PRO B 342 21.10 2.70 8.62
N PRO B 343 20.63 2.45 9.87
CA PRO B 343 19.92 3.10 10.98
C PRO B 343 20.86 3.93 11.82
N GLU B 344 22.02 4.20 11.26
CA GLU B 344 23.03 5.01 11.91
C GLU B 344 22.47 6.43 12.01
N ALA B 345 21.92 6.77 13.17
CA ALA B 345 21.25 8.04 13.36
C ALA B 345 22.19 9.16 13.79
N TYR B 346 23.51 8.97 13.64
CA TYR B 346 24.47 9.94 14.20
C TYR B 346 25.74 10.02 13.36
N HIS B 347 25.79 11.00 12.45
CA HIS B 347 27.06 11.38 11.85
C HIS B 347 27.88 12.16 12.87
N PHE B 348 29.20 12.15 12.69
CA PHE B 348 30.10 12.84 13.60
C PHE B 348 30.99 13.79 12.82
N TYR B 349 31.06 15.04 13.29
CA TYR B 349 32.05 15.99 12.81
C TYR B 349 33.00 16.25 13.96
N GLN B 350 34.28 16.35 13.66
CA GLN B 350 35.28 16.57 14.69
C GLN B 350 35.65 18.04 14.73
N VAL B 351 35.92 18.53 15.94
CA VAL B 351 36.21 19.94 16.17
C VAL B 351 37.54 20.05 16.92
N SER B 352 38.24 21.15 16.68
CA SER B 352 39.54 21.37 17.29
C SER B 352 39.81 22.88 17.40
N PHE B 353 40.88 23.21 18.12
CA PHE B 353 41.33 24.58 18.33
C PHE B 353 42.62 24.83 17.58
N GLN B 354 42.72 25.99 16.94
CA GLN B 354 43.87 26.43 16.13
C GLN B 354 44.45 25.31 15.25
N GLY C 536 -56.04 -41.24 32.53
CA GLY C 536 -55.68 -39.85 32.76
C GLY C 536 -55.58 -39.04 31.49
N GLY C 537 -54.37 -38.59 31.17
CA GLY C 537 -54.15 -37.77 29.99
C GLY C 537 -53.27 -36.57 30.27
N ARG C 538 -52.32 -36.29 29.38
CA ARG C 538 -51.46 -35.14 29.58
C ARG C 538 -52.23 -33.86 29.22
N PRO C 539 -52.09 -32.81 30.03
CA PRO C 539 -52.82 -31.56 29.74
C PRO C 539 -52.38 -30.97 28.41
N ARG C 540 -53.36 -30.60 27.58
CA ARG C 540 -53.07 -30.02 26.28
C ARG C 540 -52.82 -28.52 26.42
N GLN C 541 -51.66 -28.07 25.96
CA GLN C 541 -51.24 -26.69 26.11
C GLN C 541 -51.84 -25.82 24.99
N HIS C 542 -51.57 -24.53 25.07
CA HIS C 542 -52.02 -23.57 24.06
C HIS C 542 -51.41 -23.94 22.70
N LEU C 543 -52.16 -23.69 21.63
CA LEU C 543 -51.74 -24.15 20.31
C LEU C 543 -50.48 -23.41 19.81
N LEU C 544 -50.21 -22.22 20.33
CA LEU C 544 -49.11 -21.39 19.87
C LEU C 544 -47.75 -21.83 20.43
N SER C 545 -47.66 -22.96 21.13
CA SER C 545 -46.39 -23.43 21.70
C SER C 545 -45.91 -24.77 21.18
N LEU C 546 -46.70 -25.46 20.36
CA LEU C 546 -46.35 -26.83 19.97
C LEU C 546 -45.45 -26.85 18.74
N THR C 547 -44.73 -27.96 18.58
CA THR C 547 -43.92 -28.18 17.39
C THR C 547 -44.82 -28.49 16.19
N ARG C 548 -44.28 -28.21 15.00
CA ARG C 548 -45.08 -28.29 13.78
C ARG C 548 -45.46 -29.74 13.43
N ARG C 549 -44.64 -30.71 13.84
CA ARG C 549 -45.06 -32.11 13.73
C ARG C 549 -46.23 -32.40 14.68
N ALA C 550 -46.09 -31.97 15.94
CA ALA C 550 -47.19 -32.11 16.89
C ALA C 550 -48.37 -31.21 16.53
N GLN C 551 -48.13 -30.07 15.87
CA GLN C 551 -49.22 -29.20 15.44
C GLN C 551 -50.02 -29.84 14.29
N LYS C 552 -49.33 -30.44 13.32
CA LYS C 552 -50.02 -31.16 12.26
C LYS C 552 -50.77 -32.37 12.82
N HIS C 553 -50.18 -33.07 13.80
CA HIS C 553 -50.90 -34.19 14.42
C HIS C 553 -52.12 -33.72 15.22
N ARG C 554 -52.04 -32.54 15.85
CA ARG C 554 -53.17 -31.98 16.58
C ARG C 554 -54.28 -31.47 15.66
N LEU C 555 -53.91 -31.01 14.46
CA LEU C 555 -54.87 -30.39 13.56
C LEU C 555 -55.31 -31.29 12.40
N ARG C 556 -54.76 -32.51 12.27
CA ARG C 556 -55.04 -33.40 11.14
C ARG C 556 -56.51 -33.39 10.69
N ASP C 557 -57.44 -33.45 11.65
CA ASP C 557 -58.86 -33.42 11.33
C ASP C 557 -59.22 -32.18 10.52
N LEU C 558 -58.97 -30.99 11.09
CA LEU C 558 -59.35 -29.75 10.40
C LEU C 558 -58.46 -29.45 9.20
N LYS C 559 -57.24 -29.98 9.17
CA LYS C 559 -56.39 -29.90 7.99
C LYS C 559 -57.04 -30.60 6.80
N ASN C 560 -57.47 -31.86 7.00
CA ASN C 560 -58.15 -32.57 5.92
C ASN C 560 -59.52 -31.98 5.61
N GLN C 561 -60.19 -31.40 6.62
CA GLN C 561 -61.47 -30.74 6.38
C GLN C 561 -61.31 -29.48 5.52
N VAL C 562 -60.26 -28.69 5.78
CA VAL C 562 -59.98 -27.51 4.95
C VAL C 562 -59.55 -27.93 3.56
N LYS C 563 -58.78 -29.03 3.45
CA LYS C 563 -58.43 -29.56 2.14
C LYS C 563 -59.68 -29.91 1.33
N THR C 564 -60.60 -30.68 1.94
CA THR C 564 -61.80 -31.08 1.22
C THR C 564 -62.71 -29.89 0.93
N PHE C 565 -62.73 -28.86 1.80
CA PHE C 565 -63.57 -27.70 1.52
C PHE C 565 -63.01 -26.89 0.36
N ALA C 566 -61.69 -26.66 0.34
CA ALA C 566 -61.08 -25.97 -0.79
C ALA C 566 -61.29 -26.75 -2.10
N GLU C 567 -61.12 -28.08 -2.05
CA GLU C 567 -61.27 -28.90 -3.25
C GLU C 567 -62.72 -28.93 -3.74
N LYS C 568 -63.69 -28.86 -2.83
CA LYS C 568 -65.10 -28.93 -3.23
C LYS C 568 -65.66 -27.59 -3.68
N GLU C 569 -65.18 -26.46 -3.13
CA GLU C 569 -65.83 -25.18 -3.36
C GLU C 569 -64.96 -24.10 -4.00
N GLU C 570 -63.63 -24.20 -3.95
CA GLU C 570 -62.76 -23.10 -4.37
C GLU C 570 -61.77 -23.52 -5.47
N GLY C 571 -62.02 -24.64 -6.14
CA GLY C 571 -61.16 -25.07 -7.24
C GLY C 571 -59.85 -25.71 -6.83
N GLY C 572 -59.74 -26.24 -5.61
CA GLY C 572 -58.57 -26.99 -5.22
C GLY C 572 -57.35 -26.17 -4.85
N ASP C 573 -57.52 -24.91 -4.44
CA ASP C 573 -56.41 -24.04 -4.02
C ASP C 573 -56.61 -23.69 -2.55
N VAL C 574 -55.91 -24.41 -1.67
CA VAL C 574 -56.05 -24.20 -0.23
C VAL C 574 -55.40 -22.89 0.22
N LYS C 575 -54.41 -22.39 -0.54
CA LYS C 575 -53.61 -21.26 -0.10
C LYS C 575 -54.45 -19.98 -0.01
N SER C 576 -55.18 -19.65 -1.08
CA SER C 576 -56.06 -18.49 -1.06
C SER C 576 -57.19 -18.66 -0.04
N VAL C 577 -57.63 -19.89 0.20
CA VAL C 577 -58.68 -20.16 1.19
C VAL C 577 -58.21 -19.80 2.59
N CYS C 578 -57.06 -20.33 3.02
CA CYS C 578 -56.55 -20.01 4.35
C CYS C 578 -56.11 -18.56 4.45
N LEU C 579 -55.70 -17.94 3.33
CA LEU C 579 -55.44 -16.50 3.31
C LEU C 579 -56.70 -15.71 3.66
N THR C 580 -57.82 -16.02 2.98
CA THR C 580 -59.08 -15.33 3.26
C THR C 580 -59.60 -15.64 4.67
N LEU C 581 -59.34 -16.85 5.18
CA LEU C 581 -59.79 -17.20 6.52
C LEU C 581 -59.03 -16.41 7.59
N PHE C 582 -57.71 -16.32 7.45
CA PHE C 582 -56.93 -15.50 8.39
C PHE C 582 -57.31 -14.02 8.25
N LEU C 583 -57.59 -13.57 7.03
CA LEU C 583 -58.08 -12.21 6.82
C LEU C 583 -59.35 -11.94 7.62
N LEU C 584 -60.32 -12.87 7.56
CA LEU C 584 -61.58 -12.68 8.27
C LEU C 584 -61.41 -12.75 9.79
N ALA C 585 -60.61 -13.72 10.27
CA ALA C 585 -60.38 -13.84 11.71
C ALA C 585 -59.62 -12.66 12.29
N LEU C 586 -58.85 -11.93 11.47
CA LEU C 586 -58.23 -10.69 11.94
C LEU C 586 -59.18 -9.50 11.83
N ARG C 587 -59.83 -9.32 10.67
CA ARG C 587 -60.69 -8.16 10.46
C ARG C 587 -61.94 -8.17 11.33
N ALA C 588 -62.34 -9.33 11.85
CA ALA C 588 -63.43 -9.37 12.82
C ALA C 588 -63.00 -8.91 14.21
N GLY C 589 -61.68 -8.79 14.46
CA GLY C 589 -61.15 -8.31 15.71
C GLY C 589 -60.78 -6.84 15.78
N ASN C 590 -61.01 -6.08 14.70
CA ASN C 590 -60.68 -4.66 14.62
C ASN C 590 -59.20 -4.38 14.89
N GLU C 591 -58.35 -5.36 14.60
CA GLU C 591 -56.89 -5.18 14.60
C GLU C 591 -56.40 -4.90 13.18
N HIS C 592 -56.90 -3.81 12.60
CA HIS C 592 -56.83 -3.59 11.15
C HIS C 592 -55.42 -3.34 10.63
N LYS C 593 -54.50 -2.82 11.47
CA LYS C 593 -53.15 -2.51 11.00
C LYS C 593 -52.42 -3.77 10.56
N GLN C 594 -52.48 -4.82 11.38
CA GLN C 594 -51.75 -6.06 11.08
C GLN C 594 -52.32 -6.74 9.84
N ALA C 595 -53.65 -6.72 9.68
CA ALA C 595 -54.25 -7.33 8.49
C ALA C 595 -53.97 -6.53 7.23
N ASP C 596 -53.93 -5.19 7.31
CA ASP C 596 -53.55 -4.38 6.14
C ASP C 596 -52.09 -4.60 5.75
N GLU C 597 -51.20 -4.73 6.74
CA GLU C 597 -49.80 -5.03 6.45
C GLU C 597 -49.65 -6.42 5.80
N LEU C 598 -50.39 -7.41 6.32
CA LEU C 598 -50.40 -8.74 5.70
C LEU C 598 -50.91 -8.67 4.26
N GLU C 599 -51.99 -7.93 4.02
CA GLU C 599 -52.57 -7.84 2.68
C GLU C 599 -51.68 -7.07 1.71
N ALA C 600 -50.84 -6.16 2.22
CA ALA C 600 -49.82 -5.56 1.38
C ALA C 600 -48.66 -6.51 1.11
N MET C 601 -48.33 -7.39 2.08
CA MET C 601 -47.27 -8.38 1.85
C MET C 601 -47.64 -9.39 0.78
N MET C 602 -48.92 -9.76 0.68
CA MET C 602 -49.40 -10.68 -0.34
C MET C 602 -49.79 -9.90 -1.59
N GLN C 603 -49.27 -10.34 -2.75
CA GLN C 603 -49.53 -9.76 -4.06
C GLN C 603 -48.80 -8.42 -4.21
N GLY C 604 -48.17 -7.94 -3.14
CA GLY C 604 -47.29 -6.80 -3.17
C GLY C 604 -45.99 -7.14 -2.47
N ARG C 605 -44.86 -6.83 -3.10
CA ARG C 605 -43.57 -7.31 -2.61
C ARG C 605 -43.19 -6.56 -1.33
N GLY C 606 -43.40 -7.23 -0.19
CA GLY C 606 -42.96 -6.77 1.12
C GLY C 606 -41.61 -7.38 1.39
N PHE C 607 -41.56 -8.40 2.26
CA PHE C 607 -40.41 -9.30 2.30
C PHE C 607 -39.16 -8.56 2.77
N GLY C 608 -39.36 -7.53 3.58
CA GLY C 608 -38.30 -6.62 3.96
C GLY C 608 -38.41 -5.31 3.19
N LEU C 609 -37.31 -4.93 2.52
CA LEU C 609 -37.25 -3.63 1.83
C LEU C 609 -37.17 -3.76 0.32
N HIS C 610 -36.11 -4.40 -0.26
CA HIS C 610 -35.98 -4.69 -1.69
C HIS C 610 -34.66 -5.39 -1.98
N PRO C 611 -34.55 -6.15 -3.07
CA PRO C 611 -33.21 -6.55 -3.55
C PRO C 611 -32.45 -5.42 -4.21
N ALA C 612 -33.15 -4.59 -4.98
CA ALA C 612 -32.50 -3.51 -5.74
C ALA C 612 -31.85 -2.49 -4.81
N VAL C 613 -32.65 -1.90 -3.91
CA VAL C 613 -32.12 -0.98 -2.90
C VAL C 613 -30.96 -1.63 -2.16
N CYS C 614 -31.05 -2.95 -1.94
CA CYS C 614 -30.03 -3.66 -1.18
C CYS C 614 -28.70 -3.64 -1.93
N LEU C 615 -28.72 -3.98 -3.22
CA LEU C 615 -27.50 -3.89 -4.01
C LEU C 615 -26.99 -2.45 -4.06
N ALA C 616 -27.91 -1.50 -4.20
CA ALA C 616 -27.52 -0.08 -4.18
C ALA C 616 -26.68 0.24 -2.95
N ILE C 617 -27.18 -0.15 -1.77
CA ILE C 617 -26.42 0.07 -0.54
C ILE C 617 -25.08 -0.65 -0.61
N ARG C 618 -25.09 -1.92 -0.99
CA ARG C 618 -23.87 -2.73 -0.97
C ARG C 618 -22.76 -2.10 -1.80
N VAL C 619 -23.11 -1.47 -2.92
CA VAL C 619 -22.11 -0.81 -3.74
C VAL C 619 -21.88 0.63 -3.29
N ASN C 620 -22.94 1.39 -2.99
CA ASN C 620 -22.77 2.82 -2.79
C ASN C 620 -21.97 3.17 -1.53
N THR C 621 -21.45 2.17 -0.79
CA THR C 621 -20.49 2.43 0.28
C THR C 621 -19.40 1.34 0.36
N PHE C 622 -19.12 0.66 -0.75
CA PHE C 622 -17.90 -0.15 -0.93
C PHE C 622 -17.82 -1.40 -0.04
N LEU C 623 -18.92 -1.86 0.52
CA LEU C 623 -18.83 -3.00 1.43
C LEU C 623 -18.44 -4.26 0.68
N SER C 624 -17.49 -5.00 1.23
CA SER C 624 -17.04 -6.23 0.61
C SER C 624 -18.12 -7.31 0.76
N CYS C 625 -17.88 -8.43 0.09
CA CYS C 625 -18.83 -9.53 0.10
C CYS C 625 -18.88 -10.21 1.46
N SER C 626 -17.71 -10.58 1.98
CA SER C 626 -17.63 -11.05 3.36
C SER C 626 -18.24 -10.04 4.32
N GLN C 627 -17.96 -8.76 4.11
CA GLN C 627 -18.52 -7.70 4.94
C GLN C 627 -20.04 -7.74 4.90
N TYR C 628 -20.59 -7.78 3.69
CA TYR C 628 -22.04 -7.79 3.53
C TYR C 628 -22.66 -8.99 4.22
N HIS C 629 -22.10 -10.18 4.01
CA HIS C 629 -22.69 -11.37 4.61
C HIS C 629 -22.58 -11.35 6.13
N LYS C 630 -21.48 -10.82 6.65
CA LYS C 630 -21.34 -10.73 8.10
C LYS C 630 -22.36 -9.77 8.70
N MET C 631 -22.54 -8.61 8.07
CA MET C 631 -23.63 -7.71 8.48
C MET C 631 -24.97 -8.41 8.42
N TYR C 632 -25.19 -9.20 7.36
CA TYR C 632 -26.50 -9.77 7.10
C TYR C 632 -26.88 -10.84 8.12
N ARG C 633 -26.01 -11.85 8.29
CA ARG C 633 -26.39 -12.95 9.17
C ARG C 633 -26.54 -12.46 10.61
N THR C 634 -25.83 -11.39 10.98
CA THR C 634 -26.08 -10.76 12.28
C THR C 634 -27.43 -10.09 12.32
N VAL C 635 -27.64 -9.08 11.45
CA VAL C 635 -28.86 -8.28 11.50
C VAL C 635 -30.10 -9.15 11.38
N LYS C 636 -29.98 -10.36 10.82
CA LYS C 636 -31.09 -11.30 10.87
C LYS C 636 -31.07 -12.17 12.13
N ALA C 637 -29.89 -12.58 12.58
CA ALA C 637 -29.77 -13.53 13.68
C ALA C 637 -30.51 -13.03 14.93
N THR C 638 -30.04 -11.93 15.50
CA THR C 638 -30.91 -11.13 16.35
C THR C 638 -31.92 -10.42 15.46
N SER C 639 -33.08 -10.10 16.04
CA SER C 639 -34.07 -9.31 15.30
C SER C 639 -34.45 -10.01 14.00
N GLY C 640 -35.25 -11.08 14.16
CA GLY C 640 -35.80 -11.80 13.04
C GLY C 640 -36.58 -10.89 12.12
N ARG C 641 -37.31 -11.44 11.13
CA ARG C 641 -37.87 -10.62 10.05
CA ARG C 641 -37.87 -10.62 10.05
C ARG C 641 -36.73 -9.96 9.27
N GLN C 642 -35.95 -10.83 8.61
CA GLN C 642 -34.79 -10.37 7.85
C GLN C 642 -35.15 -9.19 6.96
N ILE C 643 -34.23 -8.23 6.88
CA ILE C 643 -34.41 -7.05 6.06
C ILE C 643 -33.58 -7.24 4.80
N PHE C 644 -32.26 -7.28 4.96
CA PHE C 644 -31.39 -7.39 3.81
C PHE C 644 -31.54 -8.77 3.17
N GLN C 645 -31.02 -8.89 1.99
CA GLN C 645 -31.05 -10.12 1.24
C GLN C 645 -29.66 -10.75 1.22
N PRO C 646 -29.56 -12.06 1.03
CA PRO C 646 -28.25 -12.70 0.96
C PRO C 646 -27.43 -12.28 -0.25
N LEU C 647 -26.26 -12.88 -0.43
CA LEU C 647 -25.42 -12.53 -1.57
C LEU C 647 -26.00 -13.07 -2.87
N HIS C 648 -26.28 -14.38 -2.93
CA HIS C 648 -26.60 -15.00 -4.21
C HIS C 648 -27.84 -14.37 -4.86
N THR C 649 -28.76 -13.82 -4.06
CA THR C 649 -29.87 -13.09 -4.66
C THR C 649 -29.38 -11.80 -5.31
N LEU C 650 -28.30 -11.22 -4.80
CA LEU C 650 -27.69 -10.08 -5.49
C LEU C 650 -26.87 -10.52 -6.70
N ARG C 651 -26.28 -11.71 -6.65
CA ARG C 651 -25.72 -12.31 -7.87
C ARG C 651 -26.78 -12.38 -8.98
N ASN C 652 -27.97 -12.83 -8.64
CA ASN C 652 -29.05 -12.89 -9.64
C ASN C 652 -29.56 -11.50 -10.00
N ALA C 653 -29.57 -10.57 -9.04
CA ALA C 653 -30.04 -9.21 -9.32
C ALA C 653 -29.13 -8.47 -10.28
N GLU C 654 -27.80 -8.64 -10.12
CA GLU C 654 -26.86 -7.89 -10.94
C GLU C 654 -27.03 -8.16 -12.42
N LYS C 655 -27.40 -9.40 -12.77
CA LYS C 655 -27.65 -9.78 -14.15
C LYS C 655 -28.68 -8.91 -14.85
N GLU C 656 -29.36 -8.05 -14.08
CA GLU C 656 -30.38 -7.16 -14.62
C GLU C 656 -29.85 -5.77 -14.98
N LEU C 657 -28.66 -5.39 -14.50
CA LEU C 657 -28.13 -4.05 -14.74
C LEU C 657 -26.83 -4.00 -15.54
N LEU C 658 -26.08 -5.08 -15.62
CA LEU C 658 -24.87 -5.17 -16.44
C LEU C 658 -25.25 -5.10 -17.92
N PRO C 659 -24.29 -5.18 -18.83
CA PRO C 659 -24.65 -5.39 -20.24
C PRO C 659 -25.03 -6.84 -20.54
N GLY C 660 -25.78 -7.00 -21.62
CA GLY C 660 -26.14 -8.32 -22.13
C GLY C 660 -27.48 -8.82 -21.63
N PHE C 661 -28.49 -7.96 -21.59
CA PHE C 661 -29.73 -8.52 -21.05
C PHE C 661 -30.99 -8.15 -21.82
N HIS C 662 -31.11 -6.92 -22.31
CA HIS C 662 -32.32 -6.46 -22.97
C HIS C 662 -32.15 -6.54 -24.48
N GLN C 663 -33.08 -7.21 -25.15
CA GLN C 663 -32.90 -7.53 -26.56
C GLN C 663 -33.16 -6.29 -27.41
N PHE C 664 -32.68 -6.35 -28.65
CA PHE C 664 -32.64 -5.20 -29.53
C PHE C 664 -32.21 -5.69 -30.90
N GLU C 665 -32.02 -4.73 -31.80
CA GLU C 665 -31.45 -4.95 -33.12
C GLU C 665 -31.32 -3.59 -33.77
N TRP C 666 -30.68 -3.58 -34.93
CA TRP C 666 -30.46 -2.36 -35.69
C TRP C 666 -31.24 -2.39 -37.00
N GLN C 667 -31.72 -1.21 -37.41
CA GLN C 667 -32.40 -1.03 -38.69
C GLN C 667 -31.70 0.08 -39.48
N PRO C 668 -30.91 -0.26 -40.51
CA PRO C 668 -30.69 -1.65 -40.95
C PRO C 668 -29.72 -2.39 -40.05
N ALA C 669 -29.50 -3.68 -40.31
CA ALA C 669 -28.54 -4.45 -39.53
C ALA C 669 -27.17 -3.77 -39.54
N LEU C 670 -26.32 -4.10 -38.57
CA LEU C 670 -25.02 -3.47 -38.43
C LEU C 670 -23.99 -4.17 -39.30
N LYS C 671 -23.16 -3.37 -39.97
CA LYS C 671 -22.08 -3.90 -40.79
C LYS C 671 -20.89 -4.23 -39.90
N ASN C 672 -20.26 -5.37 -40.18
CA ASN C 672 -19.02 -5.83 -39.53
C ASN C 672 -19.06 -5.70 -38.00
N VAL C 673 -20.23 -5.99 -37.41
CA VAL C 673 -20.38 -6.15 -35.97
C VAL C 673 -21.18 -7.44 -35.73
N SER C 674 -20.79 -8.18 -34.68
CA SER C 674 -21.34 -9.51 -34.44
C SER C 674 -22.86 -9.49 -34.34
N THR C 675 -23.46 -10.65 -34.63
CA THR C 675 -24.90 -10.85 -34.53
C THR C 675 -25.35 -11.19 -33.11
N SER C 676 -24.43 -11.18 -32.15
CA SER C 676 -24.78 -11.57 -30.78
C SER C 676 -25.26 -10.36 -29.98
N TRP C 677 -26.05 -10.64 -28.94
CA TRP C 677 -26.57 -9.61 -28.06
C TRP C 677 -26.58 -9.99 -26.59
N ASP C 678 -26.34 -11.25 -26.24
CA ASP C 678 -26.39 -11.72 -24.86
C ASP C 678 -25.01 -11.85 -24.22
N VAL C 679 -23.97 -11.26 -24.84
CA VAL C 679 -22.63 -11.36 -24.29
C VAL C 679 -22.48 -10.34 -23.16
N GLY C 680 -21.44 -10.51 -22.35
CA GLY C 680 -21.15 -9.58 -21.28
C GLY C 680 -19.76 -8.99 -21.38
N ILE C 681 -19.01 -9.03 -20.29
CA ILE C 681 -17.69 -8.41 -20.23
C ILE C 681 -16.75 -9.15 -21.16
N ILE C 682 -16.18 -8.45 -22.14
CA ILE C 682 -15.34 -9.05 -23.17
C ILE C 682 -13.88 -8.82 -22.78
N ASP C 683 -13.05 -9.84 -22.95
CA ASP C 683 -11.60 -9.69 -22.83
C ASP C 683 -11.12 -8.67 -23.85
N GLY C 684 -10.37 -7.67 -23.38
CA GLY C 684 -10.17 -6.45 -24.15
C GLY C 684 -9.31 -6.57 -25.40
N LEU C 685 -8.45 -7.59 -25.46
CA LEU C 685 -7.50 -7.71 -26.57
C LEU C 685 -8.19 -7.81 -27.93
N SER C 686 -9.49 -8.12 -27.94
CA SER C 686 -10.20 -8.55 -29.15
C SER C 686 -9.59 -9.82 -29.73
N GLY C 687 -9.08 -10.69 -28.87
CA GLY C 687 -8.55 -11.96 -29.33
C GLY C 687 -7.25 -11.82 -30.10
N TRP C 688 -6.18 -11.44 -29.40
CA TRP C 688 -4.91 -11.17 -30.05
C TRP C 688 -4.15 -12.47 -30.24
N THR C 689 -3.60 -12.67 -31.43
CA THR C 689 -2.77 -13.85 -31.68
C THR C 689 -1.54 -13.81 -30.78
N VAL C 690 -1.33 -14.88 -30.01
CA VAL C 690 -0.30 -14.88 -28.96
C VAL C 690 1.10 -15.16 -29.48
N SER C 691 1.25 -15.50 -30.77
CA SER C 691 2.53 -15.92 -31.31
C SER C 691 3.63 -14.89 -31.04
N VAL C 692 4.63 -15.27 -30.23
CA VAL C 692 5.67 -14.35 -29.76
C VAL C 692 6.41 -13.68 -30.91
N ASP C 693 6.28 -14.21 -32.13
CA ASP C 693 6.89 -13.56 -33.29
C ASP C 693 6.36 -12.14 -33.48
N ASP C 694 5.04 -11.96 -33.48
CA ASP C 694 4.42 -10.65 -33.60
C ASP C 694 4.58 -9.89 -32.28
N VAL C 695 3.91 -8.75 -32.15
CA VAL C 695 3.91 -8.03 -30.87
C VAL C 695 3.17 -8.88 -29.84
N PRO C 696 3.71 -9.06 -28.64
CA PRO C 696 3.05 -9.94 -27.66
C PRO C 696 1.80 -9.31 -27.08
N ALA C 697 0.97 -10.16 -26.47
CA ALA C 697 -0.26 -9.71 -25.80
C ALA C 697 0.09 -9.28 -24.37
N ASP C 698 0.92 -8.24 -24.30
CA ASP C 698 1.51 -7.78 -23.04
C ASP C 698 0.54 -7.00 -22.17
N THR C 699 -0.68 -6.76 -22.64
CA THR C 699 -1.59 -5.79 -22.03
C THR C 699 -2.65 -6.53 -21.23
N ILE C 700 -3.07 -5.92 -20.13
CA ILE C 700 -4.24 -6.35 -19.39
C ILE C 700 -5.32 -5.31 -19.65
N SER C 701 -6.46 -5.77 -20.15
CA SER C 701 -7.55 -4.85 -20.48
C SER C 701 -8.85 -5.64 -20.61
N ARG C 702 -9.93 -5.07 -20.07
CA ARG C 702 -11.27 -5.59 -20.29
C ARG C 702 -12.15 -4.43 -20.71
N ARG C 703 -13.24 -4.73 -21.40
CA ARG C 703 -14.16 -3.68 -21.83
C ARG C 703 -15.53 -4.30 -22.06
N PHE C 704 -16.45 -3.46 -22.50
CA PHE C 704 -17.77 -3.91 -22.88
C PHE C 704 -17.87 -3.94 -24.41
N ARG C 705 -19.02 -4.41 -24.89
CA ARG C 705 -19.40 -4.23 -26.27
C ARG C 705 -20.15 -2.90 -26.37
N TYR C 706 -19.50 -1.88 -26.95
CA TYR C 706 -19.95 -0.49 -26.86
C TYR C 706 -21.45 -0.35 -27.09
N ASP C 707 -21.98 -1.03 -28.11
CA ASP C 707 -23.40 -0.98 -28.41
C ASP C 707 -24.25 -1.50 -27.25
N VAL C 708 -23.84 -2.62 -26.64
CA VAL C 708 -24.59 -3.18 -25.52
C VAL C 708 -24.57 -2.23 -24.33
N ALA C 709 -23.42 -1.60 -24.09
CA ALA C 709 -23.35 -0.59 -23.04
C ALA C 709 -24.32 0.54 -23.29
N LEU C 710 -24.37 1.02 -24.53
CA LEU C 710 -25.34 2.04 -24.92
C LEU C 710 -26.77 1.60 -24.60
N VAL C 711 -27.16 0.41 -25.06
CA VAL C 711 -28.55 -0.02 -24.87
C VAL C 711 -28.87 -0.21 -23.40
N SER C 712 -27.89 -0.64 -22.60
CA SER C 712 -28.10 -0.76 -21.17
C SER C 712 -28.36 0.60 -20.54
N ALA C 713 -27.53 1.59 -20.86
CA ALA C 713 -27.73 2.92 -20.32
C ALA C 713 -29.06 3.52 -20.77
N LEU C 714 -29.45 3.26 -22.01
CA LEU C 714 -30.71 3.80 -22.48
C LEU C 714 -31.89 3.17 -21.75
N LYS C 715 -31.97 1.83 -21.74
CA LYS C 715 -33.01 1.15 -20.97
C LYS C 715 -32.96 1.53 -19.50
N ASP C 716 -31.81 1.99 -19.00
CA ASP C 716 -31.77 2.58 -17.68
C ASP C 716 -32.56 3.88 -17.64
N LEU C 717 -32.36 4.75 -18.62
CA LEU C 717 -33.02 6.05 -18.60
C LEU C 717 -34.50 6.00 -18.99
N GLU C 718 -35.10 4.79 -18.99
CA GLU C 718 -36.49 4.64 -19.41
C GLU C 718 -37.43 5.38 -18.46
N GLU C 719 -37.17 5.31 -17.16
CA GLU C 719 -38.04 5.96 -16.19
C GLU C 719 -38.14 7.45 -16.48
N ASP C 720 -36.99 8.10 -16.65
CA ASP C 720 -36.96 9.53 -16.90
C ASP C 720 -37.51 9.90 -18.27
N ILE C 721 -37.29 9.06 -19.29
CA ILE C 721 -37.82 9.41 -20.61
C ILE C 721 -39.34 9.28 -20.63
N MET C 722 -39.88 8.30 -19.89
CA MET C 722 -41.33 8.20 -19.76
C MET C 722 -41.90 9.42 -19.03
N GLU C 723 -41.26 9.83 -17.92
CA GLU C 723 -41.71 11.05 -17.23
C GLU C 723 -41.57 12.28 -18.11
N GLY C 724 -40.60 12.31 -19.01
CA GLY C 724 -40.46 13.44 -19.91
C GLY C 724 -41.56 13.47 -20.96
N LEU C 725 -41.91 12.31 -21.50
CA LEU C 725 -43.06 12.25 -22.40
C LEU C 725 -44.33 12.66 -21.69
N ARG C 726 -44.44 12.36 -20.40
CA ARG C 726 -45.52 12.92 -19.58
C ARG C 726 -45.47 14.45 -19.57
N GLU C 727 -44.39 15.01 -19.03
CA GLU C 727 -44.33 16.44 -18.74
C GLU C 727 -44.50 17.31 -19.98
N ARG C 728 -43.98 16.88 -21.13
CA ARG C 728 -44.17 17.60 -22.38
C ARG C 728 -45.57 17.43 -22.97
N ALA C 729 -46.49 16.81 -22.20
CA ALA C 729 -47.87 16.61 -22.63
C ALA C 729 -47.95 15.89 -23.97
N LEU C 730 -47.02 14.97 -24.20
CA LEU C 730 -46.91 14.32 -25.49
C LEU C 730 -47.48 12.90 -25.43
N ASP C 731 -47.99 12.44 -26.57
CA ASP C 731 -48.56 11.11 -26.68
C ASP C 731 -47.47 10.06 -26.45
N ASP C 732 -47.90 8.80 -26.27
CA ASP C 732 -46.98 7.69 -26.09
C ASP C 732 -47.07 6.65 -27.20
N SER C 733 -48.28 6.18 -27.52
CA SER C 733 -48.43 5.20 -28.60
C SER C 733 -48.01 5.79 -29.94
N MET C 734 -48.33 7.06 -30.17
CA MET C 734 -47.82 7.79 -31.33
C MET C 734 -46.43 8.33 -30.99
N CYS C 735 -45.88 9.16 -31.87
CA CYS C 735 -44.52 9.73 -31.77
C CYS C 735 -43.51 8.69 -31.29
N THR C 736 -43.39 7.61 -32.08
CA THR C 736 -42.44 6.53 -31.84
C THR C 736 -41.37 6.46 -32.92
N SER C 737 -41.01 7.59 -33.53
CA SER C 737 -40.17 7.58 -34.73
C SER C 737 -39.03 8.60 -34.73
N GLY C 738 -39.11 9.70 -33.99
CA GLY C 738 -38.12 10.74 -34.12
C GLY C 738 -37.24 10.96 -32.90
N PHE C 739 -37.01 9.90 -32.12
CA PHE C 739 -36.15 10.00 -30.95
C PHE C 739 -34.72 10.37 -31.38
N THR C 740 -34.03 11.10 -30.51
CA THR C 740 -32.67 11.54 -30.79
C THR C 740 -31.86 11.47 -29.51
N VAL C 741 -30.69 10.83 -29.57
CA VAL C 741 -29.78 10.71 -28.45
C VAL C 741 -28.44 11.30 -28.85
N VAL C 742 -27.82 12.03 -27.93
CA VAL C 742 -26.46 12.55 -28.10
C VAL C 742 -25.61 11.89 -27.03
N VAL C 743 -24.37 11.56 -27.38
CA VAL C 743 -23.48 10.77 -26.53
C VAL C 743 -22.15 11.51 -26.40
N LYS C 744 -21.71 11.70 -25.16
CA LYS C 744 -20.44 12.33 -24.84
C LYS C 744 -19.50 11.28 -24.26
N GLU C 745 -18.27 11.23 -24.77
CA GLU C 745 -17.28 10.22 -24.39
C GLU C 745 -15.92 10.87 -24.19
N SER C 746 -15.19 10.39 -23.19
CA SER C 746 -13.92 10.97 -22.79
C SER C 746 -12.97 9.86 -22.34
N CYS C 747 -11.68 10.20 -22.26
CA CYS C 747 -10.67 9.26 -21.82
C CYS C 747 -9.38 9.98 -21.48
N ASP C 748 -8.98 9.91 -20.21
CA ASP C 748 -7.62 10.27 -19.82
C ASP C 748 -7.33 9.56 -18.51
N GLY C 749 -6.26 8.79 -18.47
CA GLY C 749 -5.90 8.05 -17.29
C GLY C 749 -5.18 8.89 -16.26
N MET C 750 -4.34 8.21 -15.49
CA MET C 750 -3.61 8.76 -14.37
C MET C 750 -2.26 8.06 -14.31
N GLY C 751 -1.37 8.61 -13.48
CA GLY C 751 -0.08 7.98 -13.25
C GLY C 751 -0.12 7.03 -12.07
N ASP C 752 1.04 6.40 -11.83
CA ASP C 752 1.41 5.75 -10.57
C ASP C 752 0.24 5.01 -9.90
N VAL C 753 -0.24 3.97 -10.58
CA VAL C 753 -1.17 3.01 -9.99
C VAL C 753 -0.37 1.76 -9.67
N SER C 754 0.08 1.63 -8.43
CA SER C 754 0.98 0.56 -8.03
C SER C 754 1.02 0.45 -6.51
N GLU C 755 1.92 -0.40 -6.02
CA GLU C 755 2.05 -0.75 -4.59
C GLU C 755 0.69 -1.08 -3.96
N PRO C 764 1.77 -2.83 -15.78
CA PRO C 764 2.81 -2.08 -15.07
C PRO C 764 2.24 -1.11 -14.02
N GLU C 765 2.47 0.20 -14.17
CA GLU C 765 2.07 1.19 -13.19
C GLU C 765 1.02 2.18 -13.69
N LYS C 766 0.82 2.32 -14.99
CA LYS C 766 -0.07 3.33 -15.53
C LYS C 766 -1.41 2.72 -15.95
N ALA C 767 -2.32 3.60 -16.39
CA ALA C 767 -3.65 3.16 -16.80
C ALA C 767 -4.27 4.24 -17.68
N VAL C 768 -5.28 3.81 -18.46
CA VAL C 768 -6.09 4.71 -19.26
C VAL C 768 -7.54 4.26 -19.07
N ARG C 769 -8.47 5.22 -19.02
CA ARG C 769 -9.87 4.93 -18.72
C ARG C 769 -10.75 5.67 -19.73
N PHE C 770 -11.44 4.91 -20.58
CA PHE C 770 -12.28 5.46 -21.65
C PHE C 770 -13.74 5.24 -21.27
N SER C 771 -14.44 6.33 -20.98
CA SER C 771 -15.82 6.24 -20.51
C SER C 771 -16.68 7.28 -21.21
N PHE C 772 -17.98 7.03 -21.23
CA PHE C 772 -18.93 7.88 -21.93
C PHE C 772 -20.14 8.10 -21.03
N THR C 773 -20.93 9.11 -21.38
CA THR C 773 -22.11 9.46 -20.60
C THR C 773 -23.18 10.01 -21.53
N ILE C 774 -24.38 9.42 -21.47
CA ILE C 774 -25.52 9.96 -22.17
C ILE C 774 -25.68 11.42 -21.76
N MET C 775 -25.71 12.32 -22.73
CA MET C 775 -25.86 13.74 -22.42
C MET C 775 -27.32 14.18 -22.44
N SER C 776 -27.96 14.12 -23.61
CA SER C 776 -29.29 14.66 -23.77
C SER C 776 -30.07 13.73 -24.69
N ILE C 777 -31.39 13.93 -24.72
CA ILE C 777 -32.26 13.12 -25.54
C ILE C 777 -33.50 13.95 -25.86
N SER C 778 -33.82 14.07 -27.15
CA SER C 778 -34.90 14.92 -27.64
C SER C 778 -35.71 14.18 -28.69
N ILE C 779 -36.78 14.83 -29.17
CA ILE C 779 -37.69 14.24 -30.15
C ILE C 779 -37.88 15.26 -31.27
N ARG C 780 -37.96 14.78 -32.50
CA ARG C 780 -37.89 15.61 -33.69
C ARG C 780 -39.24 15.84 -34.37
N LEU C 781 -40.21 14.94 -34.18
CA LEU C 781 -41.46 14.95 -34.95
C LEU C 781 -42.11 16.33 -34.92
N GLU C 782 -42.73 16.73 -36.04
CA GLU C 782 -42.80 15.95 -37.28
C GLU C 782 -42.56 16.80 -38.54
N GLY C 783 -42.00 18.00 -38.37
CA GLY C 783 -42.00 18.99 -39.43
C GLY C 783 -41.46 20.34 -38.98
N GLU C 784 -42.25 21.41 -39.15
CA GLU C 784 -41.88 22.76 -38.74
C GLU C 784 -41.25 22.80 -37.35
N ASP C 785 -41.73 21.93 -36.46
CA ASP C 785 -41.15 21.79 -35.12
C ASP C 785 -39.69 21.36 -35.21
N ASP C 786 -38.78 22.25 -34.79
CA ASP C 786 -37.35 21.95 -34.90
C ASP C 786 -36.95 20.80 -33.98
N GLY C 787 -37.67 20.59 -32.90
CA GLY C 787 -37.37 19.52 -31.98
C GLY C 787 -37.80 19.87 -30.57
N ILE C 788 -38.01 18.83 -29.77
CA ILE C 788 -38.43 18.98 -28.38
C ILE C 788 -37.42 18.22 -27.52
N THR C 789 -36.63 18.94 -26.73
CA THR C 789 -35.72 18.32 -25.78
C THR C 789 -36.50 17.55 -24.72
N ILE C 790 -36.42 16.22 -24.75
CA ILE C 790 -37.17 15.41 -23.79
C ILE C 790 -36.50 15.45 -22.43
N PHE C 791 -35.28 14.94 -22.33
CA PHE C 791 -34.51 14.99 -21.09
C PHE C 791 -33.15 15.64 -21.38
N GLN C 792 -32.70 16.46 -20.43
CA GLN C 792 -31.39 17.11 -20.49
C GLN C 792 -30.70 16.87 -19.16
N GLU C 793 -29.45 16.43 -19.20
CA GLU C 793 -28.78 16.01 -17.98
C GLU C 793 -28.54 17.21 -17.07
N GLN C 794 -28.98 17.10 -15.82
CA GLN C 794 -28.97 18.22 -14.88
C GLN C 794 -27.66 18.37 -14.13
N LYS C 795 -26.91 17.29 -13.96
CA LYS C 795 -25.57 17.35 -13.36
C LYS C 795 -24.62 16.42 -14.13
N PRO C 796 -24.26 16.80 -15.35
CA PRO C 796 -23.35 15.96 -16.13
C PRO C 796 -21.91 16.05 -15.68
N ASN C 797 -21.49 17.21 -15.19
CA ASN C 797 -20.09 17.41 -14.86
C ASN C 797 -19.64 16.50 -13.71
N SER C 798 -20.56 16.06 -12.86
CA SER C 798 -20.19 15.33 -11.66
C SER C 798 -19.97 13.84 -11.99
N GLU C 799 -19.47 13.11 -10.98
CA GLU C 799 -19.07 11.72 -11.17
C GLU C 799 -20.23 10.85 -11.59
N LEU C 800 -21.35 10.96 -10.88
CA LEU C 800 -22.36 9.91 -10.80
C LEU C 800 -22.97 9.58 -12.16
N SER C 801 -22.57 10.30 -13.21
CA SER C 801 -22.86 9.95 -14.60
C SER C 801 -21.53 9.97 -15.36
N CYS C 802 -20.81 8.84 -15.32
CA CYS C 802 -19.68 8.62 -16.20
C CYS C 802 -19.54 7.09 -16.32
N ARG C 803 -20.25 6.52 -17.27
CA ARG C 803 -20.30 5.07 -17.39
C ARG C 803 -18.99 4.56 -17.97
N PRO C 804 -18.20 3.78 -17.22
CA PRO C 804 -16.97 3.25 -17.79
C PRO C 804 -17.29 2.28 -18.92
N LEU C 805 -16.42 2.29 -19.92
CA LEU C 805 -16.62 1.39 -21.02
C LEU C 805 -15.36 0.63 -21.42
N CYS C 806 -14.18 1.16 -21.13
CA CYS C 806 -12.96 0.39 -21.34
C CYS C 806 -11.90 0.87 -20.35
N LEU C 807 -11.04 -0.06 -19.96
CA LEU C 807 -9.93 0.21 -19.07
C LEU C 807 -8.78 -0.71 -19.49
N MET C 808 -7.56 -0.17 -19.48
CA MET C 808 -6.38 -0.88 -19.92
C MET C 808 -5.17 -0.40 -19.14
N PHE C 809 -4.26 -1.33 -18.84
CA PHE C 809 -3.00 -1.00 -18.19
C PHE C 809 -1.98 -0.66 -19.26
N VAL C 810 -2.14 0.55 -19.82
CA VAL C 810 -1.31 1.08 -20.89
C VAL C 810 -0.89 2.48 -20.45
N ASP C 811 0.17 2.98 -21.07
CA ASP C 811 0.48 4.40 -20.95
C ASP C 811 -0.24 5.15 -22.05
N GLU C 812 -0.64 6.39 -21.74
CA GLU C 812 -1.17 7.31 -22.74
C GLU C 812 -0.11 7.74 -23.75
N SER C 813 1.15 7.40 -23.51
CA SER C 813 2.27 7.84 -24.34
C SER C 813 2.54 6.91 -25.52
N ASP C 814 2.78 5.62 -25.27
CA ASP C 814 3.17 4.71 -26.35
C ASP C 814 1.97 4.54 -27.27
N HIS C 815 1.93 5.37 -28.32
CA HIS C 815 0.79 5.50 -29.19
C HIS C 815 0.40 4.20 -29.88
N GLU C 816 1.19 3.14 -29.72
CA GLU C 816 0.89 1.88 -30.40
C GLU C 816 -0.19 1.09 -29.66
N THR C 817 0.12 0.62 -28.45
CA THR C 817 -0.81 -0.22 -27.70
C THR C 817 -2.16 0.47 -27.54
N LEU C 818 -2.15 1.81 -27.51
CA LEU C 818 -3.38 2.58 -27.36
C LEU C 818 -4.36 2.28 -28.49
N THR C 819 -3.94 2.50 -29.75
CA THR C 819 -4.84 2.22 -30.88
C THR C 819 -5.08 0.72 -31.02
N ALA C 820 -4.02 -0.08 -30.84
CA ALA C 820 -4.16 -1.53 -30.95
C ALA C 820 -5.25 -2.05 -30.04
N ILE C 821 -5.54 -1.36 -28.94
CA ILE C 821 -6.68 -1.74 -28.11
C ILE C 821 -7.95 -1.03 -28.59
N LEU C 822 -7.91 0.30 -28.71
CA LEU C 822 -9.13 1.08 -28.92
C LEU C 822 -9.79 0.85 -30.28
N GLY C 823 -9.13 0.12 -31.18
CA GLY C 823 -9.69 -0.18 -32.50
C GLY C 823 -11.15 -0.57 -32.57
N PRO C 824 -11.53 -1.67 -31.90
CA PRO C 824 -12.95 -2.09 -31.91
C PRO C 824 -13.93 -0.96 -31.61
N VAL C 825 -13.62 -0.10 -30.63
CA VAL C 825 -14.46 1.06 -30.36
C VAL C 825 -14.54 1.97 -31.58
N VAL C 826 -13.43 2.11 -32.30
CA VAL C 826 -13.41 2.91 -33.53
C VAL C 826 -14.39 2.33 -34.54
N ALA C 827 -14.31 1.02 -34.76
CA ALA C 827 -15.24 0.37 -35.70
C ALA C 827 -16.68 0.52 -35.25
N GLU C 828 -16.92 0.39 -33.94
CA GLU C 828 -18.27 0.56 -33.40
C GLU C 828 -18.82 1.93 -33.73
N ARG C 829 -18.10 2.97 -33.30
CA ARG C 829 -18.48 4.35 -33.60
C ARG C 829 -18.79 4.52 -35.08
N LYS C 830 -17.83 4.17 -35.93
CA LYS C 830 -17.98 4.41 -37.37
C LYS C 830 -19.23 3.72 -37.92
N ALA C 831 -19.32 2.40 -37.76
CA ALA C 831 -20.47 1.68 -38.29
C ALA C 831 -21.79 2.06 -37.63
N MET C 832 -21.76 2.80 -36.52
CA MET C 832 -22.99 3.08 -35.77
C MET C 832 -23.69 4.38 -36.16
N MET C 833 -22.98 5.34 -36.75
CA MET C 833 -23.54 6.68 -36.98
C MET C 833 -24.86 6.68 -37.76
N GLU C 834 -25.16 5.60 -38.48
CA GLU C 834 -26.27 5.59 -39.44
C GLU C 834 -27.50 4.85 -38.93
N SER C 835 -27.35 3.56 -38.60
CA SER C 835 -28.51 2.70 -38.39
C SER C 835 -29.39 3.20 -37.24
N ARG C 836 -30.63 2.72 -37.24
CA ARG C 836 -31.63 3.16 -36.27
C ARG C 836 -31.75 2.09 -35.19
N LEU C 837 -31.70 2.53 -33.93
CA LEU C 837 -31.73 1.60 -32.81
C LEU C 837 -33.16 1.39 -32.34
N ILE C 838 -33.45 0.17 -31.89
CA ILE C 838 -34.81 -0.24 -31.55
C ILE C 838 -34.76 -1.01 -30.24
N ILE C 839 -35.36 -0.45 -29.19
CA ILE C 839 -35.50 -1.09 -27.88
C ILE C 839 -36.98 -1.01 -27.49
N SER C 840 -37.45 -2.03 -26.77
CA SER C 840 -38.78 -2.02 -26.19
C SER C 840 -38.70 -1.29 -24.85
N VAL C 841 -38.83 0.04 -24.90
CA VAL C 841 -38.84 0.90 -23.72
C VAL C 841 -40.27 1.39 -23.49
N GLY C 842 -40.72 1.30 -22.25
CA GLY C 842 -42.10 1.66 -21.95
C GLY C 842 -43.11 0.84 -22.71
N GLY C 843 -42.84 -0.47 -22.87
CA GLY C 843 -43.73 -1.38 -23.56
C GLY C 843 -43.75 -1.26 -25.06
N LEU C 844 -43.25 -0.16 -25.61
CA LEU C 844 -43.29 0.11 -27.04
C LEU C 844 -41.87 0.14 -27.60
N LEU C 845 -41.60 -0.72 -28.58
CA LEU C 845 -40.34 -0.67 -29.31
C LEU C 845 -40.35 0.54 -30.24
N ARG C 846 -39.43 1.48 -29.97
CA ARG C 846 -39.41 2.78 -30.62
C ARG C 846 -38.05 3.03 -31.25
N SER C 847 -38.03 3.82 -32.32
CA SER C 847 -36.81 4.08 -33.08
C SER C 847 -35.85 4.97 -32.28
N PHE C 848 -34.57 4.92 -32.66
CA PHE C 848 -33.50 5.73 -32.08
C PHE C 848 -32.51 6.11 -33.16
N ARG C 849 -31.98 7.32 -33.07
CA ARG C 849 -30.88 7.76 -33.89
C ARG C 849 -29.72 8.18 -32.98
N PHE C 850 -28.57 8.49 -33.57
CA PHE C 850 -27.38 8.82 -32.80
C PHE C 850 -26.55 9.90 -33.50
N PHE C 851 -26.27 10.99 -32.77
CA PHE C 851 -25.21 11.93 -33.09
C PHE C 851 -24.17 11.83 -31.99
N PHE C 852 -22.89 11.87 -32.35
CA PHE C 852 -21.84 11.78 -31.35
C PHE C 852 -21.12 13.12 -31.23
N ARG C 853 -20.53 13.35 -30.06
CA ARG C 853 -19.79 14.59 -29.78
C ARG C 853 -18.62 14.23 -28.86
N GLY C 854 -17.46 13.96 -29.46
CA GLY C 854 -16.26 13.59 -28.73
C GLY C 854 -15.53 14.80 -28.16
N THR C 855 -15.52 14.92 -26.85
CA THR C 855 -15.12 16.19 -26.25
C THR C 855 -14.05 16.09 -25.18
N GLY C 856 -14.15 15.12 -24.27
CA GLY C 856 -13.56 15.28 -22.95
C GLY C 856 -12.12 14.85 -22.77
N TYR C 857 -11.34 14.87 -23.84
CA TYR C 857 -9.95 14.47 -23.78
C TYR C 857 -9.14 15.71 -23.42
N ASP C 858 -8.23 15.57 -22.45
CA ASP C 858 -7.37 16.71 -22.15
C ASP C 858 -6.43 16.95 -23.34
N GLU C 859 -6.04 18.22 -23.49
CA GLU C 859 -5.47 18.70 -24.76
C GLU C 859 -4.34 17.82 -25.29
N LYS C 860 -3.44 17.38 -24.42
CA LYS C 860 -2.34 16.52 -24.82
C LYS C 860 -2.83 15.37 -25.70
N MET C 861 -3.81 14.61 -25.21
CA MET C 861 -4.34 13.51 -26.00
C MET C 861 -5.07 14.01 -27.24
N VAL C 862 -5.79 15.13 -27.14
CA VAL C 862 -6.50 15.67 -28.29
C VAL C 862 -5.56 15.87 -29.46
N ARG C 863 -4.34 16.36 -29.18
CA ARG C 863 -3.29 16.30 -30.19
C ARG C 863 -2.97 14.86 -30.56
N GLU C 864 -2.63 14.04 -29.56
CA GLU C 864 -2.20 12.67 -29.82
C GLU C 864 -3.24 11.86 -30.59
N MET C 865 -4.49 12.32 -30.63
CA MET C 865 -5.53 11.70 -31.45
C MET C 865 -5.86 12.53 -32.68
N GLU C 866 -5.21 13.68 -32.87
CA GLU C 866 -5.31 14.45 -34.10
C GLU C 866 -3.98 14.53 -34.83
N GLY C 867 -2.98 13.76 -34.38
CA GLY C 867 -1.73 13.62 -35.10
C GLY C 867 -0.94 14.89 -35.35
N LEU C 868 -1.32 15.98 -34.68
CA LEU C 868 -0.62 17.23 -34.89
C LEU C 868 0.68 17.25 -34.10
N GLU C 869 1.55 18.20 -34.45
CA GLU C 869 2.86 18.31 -33.84
C GLU C 869 2.73 18.36 -32.31
N ALA C 870 3.63 17.65 -31.64
CA ALA C 870 3.54 17.44 -30.20
C ALA C 870 4.68 18.20 -29.51
N SER C 871 4.33 19.18 -28.68
CA SER C 871 2.96 19.71 -28.59
C SER C 871 2.92 21.24 -28.69
N GLY C 872 3.88 21.90 -28.03
CA GLY C 872 3.97 23.35 -28.07
C GLY C 872 4.96 23.93 -29.07
N SER C 873 4.78 23.63 -30.36
CA SER C 873 5.60 24.23 -31.39
C SER C 873 4.85 25.43 -31.98
N THR C 874 5.38 25.99 -33.07
CA THR C 874 4.83 27.22 -33.65
C THR C 874 3.34 27.07 -33.94
N TYR C 875 2.88 25.85 -34.21
CA TYR C 875 1.45 25.59 -34.42
C TYR C 875 0.84 25.18 -33.09
N ILE C 876 -0.09 26.00 -32.58
CA ILE C 876 -0.69 25.76 -31.28
C ILE C 876 -2.21 25.67 -31.38
N CYS C 877 -2.82 26.62 -32.08
CA CYS C 877 -4.28 26.68 -32.11
C CYS C 877 -4.86 25.41 -32.74
N THR C 878 -5.51 24.60 -31.90
CA THR C 878 -6.10 23.36 -32.39
C THR C 878 -7.33 23.62 -33.27
N LEU C 879 -7.68 24.89 -33.51
CA LEU C 879 -8.88 25.25 -34.26
C LEU C 879 -8.65 26.19 -35.44
N CYS C 880 -7.50 26.88 -35.51
CA CYS C 880 -7.16 27.76 -36.62
C CYS C 880 -5.80 27.35 -37.17
N ASP C 881 -5.45 27.94 -38.32
CA ASP C 881 -4.17 27.70 -38.99
C ASP C 881 -3.06 28.59 -38.43
N SER C 882 -3.31 29.26 -37.31
CA SER C 882 -2.46 30.34 -36.85
C SER C 882 -1.10 29.82 -36.39
N THR C 883 -0.09 30.67 -36.56
CA THR C 883 1.26 30.39 -36.07
C THR C 883 1.30 30.68 -34.57
N ARG C 884 2.51 30.76 -34.02
CA ARG C 884 2.70 31.27 -32.68
C ARG C 884 2.67 32.80 -32.66
N ALA C 885 3.49 33.43 -33.49
CA ALA C 885 3.59 34.89 -33.50
C ALA C 885 2.31 35.53 -34.03
N GLU C 886 1.69 34.94 -35.06
CA GLU C 886 0.45 35.49 -35.61
C GLU C 886 -0.70 35.41 -34.62
N ALA C 887 -0.51 34.74 -33.48
CA ALA C 887 -1.38 34.87 -32.31
C ALA C 887 -0.96 36.01 -31.38
N SER C 888 0.24 36.57 -31.55
CA SER C 888 0.68 37.74 -30.79
C SER C 888 0.40 39.06 -31.50
N GLN C 889 0.73 39.15 -32.78
CA GLN C 889 0.39 40.35 -33.55
C GLN C 889 -1.12 40.60 -33.52
N ASN C 890 -1.91 39.57 -33.83
CA ASN C 890 -3.36 39.57 -33.63
C ASN C 890 -3.70 38.42 -32.68
N MET C 891 -4.39 38.73 -31.59
CA MET C 891 -4.72 37.73 -30.58
C MET C 891 -6.17 37.23 -30.65
N VAL C 892 -7.08 37.98 -31.25
CA VAL C 892 -8.50 37.79 -31.02
C VAL C 892 -9.30 37.47 -32.28
N LEU C 893 -8.91 37.93 -33.46
CA LEU C 893 -9.75 37.83 -34.65
C LEU C 893 -9.30 36.62 -35.46
N HIS C 894 -9.92 35.47 -35.21
CA HIS C 894 -9.60 34.24 -35.92
C HIS C 894 -10.88 33.47 -36.19
N SER C 895 -10.93 32.81 -37.35
CA SER C 895 -12.04 31.95 -37.74
C SER C 895 -11.68 30.49 -37.47
N ILE C 896 -12.70 29.68 -37.21
CA ILE C 896 -12.52 28.26 -36.99
C ILE C 896 -12.32 27.58 -38.33
N THR C 897 -11.19 26.89 -38.48
CA THR C 897 -10.81 26.25 -39.73
C THR C 897 -10.64 24.74 -39.65
N ARG C 898 -10.32 24.20 -38.48
CA ARG C 898 -9.95 22.80 -38.37
C ARG C 898 -11.14 21.91 -38.68
N SER C 899 -11.03 21.13 -39.75
CA SER C 899 -12.05 20.17 -40.16
C SER C 899 -11.41 18.80 -40.21
N HIS C 900 -11.91 17.87 -39.39
CA HIS C 900 -11.31 16.55 -39.23
C HIS C 900 -11.06 15.85 -40.58
N ASP C 901 -12.10 15.79 -41.41
CA ASP C 901 -11.93 15.16 -42.72
C ASP C 901 -10.95 15.94 -43.60
N GLU C 902 -10.88 17.25 -43.43
CA GLU C 902 -9.85 18.00 -44.15
C GLU C 902 -8.47 17.75 -43.56
N ASN C 903 -8.38 17.42 -42.26
CA ASN C 903 -7.12 16.94 -41.71
C ASN C 903 -6.67 15.67 -42.42
N LEU C 904 -7.61 14.73 -42.66
CA LEU C 904 -7.30 13.56 -43.48
C LEU C 904 -6.81 13.95 -44.87
N GLU C 905 -7.63 14.72 -45.60
CA GLU C 905 -7.33 15.04 -46.99
C GLU C 905 -6.07 15.89 -47.13
N ARG C 906 -5.65 16.59 -46.08
CA ARG C 906 -4.39 17.31 -46.08
C ARG C 906 -3.22 16.45 -45.63
N TYR C 907 -3.47 15.42 -44.82
CA TYR C 907 -2.44 14.44 -44.54
C TYR C 907 -2.08 13.66 -45.80
N GLU C 908 -3.07 13.44 -46.67
CA GLU C 908 -2.78 12.88 -47.99
C GLU C 908 -1.91 13.82 -48.83
N ILE C 909 -2.12 15.14 -48.71
CA ILE C 909 -1.28 16.12 -49.38
C ILE C 909 0.13 16.11 -48.80
N TRP C 910 0.24 15.92 -47.48
CA TRP C 910 1.54 15.75 -46.84
C TRP C 910 2.29 14.58 -47.44
N ARG C 911 1.64 13.41 -47.48
CA ARG C 911 2.28 12.21 -48.00
C ARG C 911 2.65 12.37 -49.47
N LYS C 912 1.65 12.50 -50.34
CA LYS C 912 1.93 12.48 -51.78
C LYS C 912 2.76 13.68 -52.24
N ASN C 913 2.57 14.85 -51.61
CA ASN C 913 3.29 16.08 -51.97
C ASN C 913 3.11 16.33 -53.46
N PRO C 914 1.93 16.81 -53.90
CA PRO C 914 1.72 17.02 -55.34
C PRO C 914 2.49 18.21 -55.91
N PHE C 915 3.08 19.05 -55.07
CA PHE C 915 3.79 20.25 -55.52
C PHE C 915 5.29 20.19 -55.28
N SER C 916 5.82 19.02 -54.92
CA SER C 916 7.26 18.78 -54.82
C SER C 916 7.96 19.87 -54.01
N GLU C 917 7.55 19.99 -52.75
CA GLU C 917 8.06 21.01 -51.85
C GLU C 917 9.01 20.38 -50.85
N SER C 918 9.92 21.20 -50.32
CA SER C 918 10.87 20.72 -49.33
C SER C 918 10.15 20.48 -48.00
N ALA C 919 10.93 20.15 -46.97
CA ALA C 919 10.39 19.70 -45.69
C ALA C 919 9.52 20.73 -44.99
N ASP C 920 10.12 21.85 -44.56
CA ASP C 920 9.42 22.82 -43.75
C ASP C 920 8.51 23.72 -44.58
N GLU C 921 8.85 23.93 -45.85
CA GLU C 921 7.91 24.52 -46.78
C GLU C 921 6.63 23.69 -46.88
N LEU C 922 6.76 22.35 -46.84
CA LEU C 922 5.58 21.49 -46.85
C LEU C 922 4.86 21.50 -45.51
N ARG C 923 5.61 21.59 -44.41
CA ARG C 923 5.00 21.78 -43.09
C ARG C 923 4.12 23.03 -43.08
N ASP C 924 4.56 24.09 -43.75
CA ASP C 924 3.74 25.30 -43.91
C ASP C 924 2.56 25.07 -44.84
N ARG C 925 2.80 24.44 -46.00
CA ARG C 925 1.73 24.24 -46.99
C ARG C 925 0.60 23.39 -46.46
N VAL C 926 0.89 22.45 -45.55
CA VAL C 926 -0.16 21.66 -44.90
C VAL C 926 -0.66 22.29 -43.61
N LYS C 927 0.05 23.30 -43.09
CA LYS C 927 -0.33 23.99 -41.84
C LYS C 927 -0.35 23.02 -40.65
N GLY C 928 0.82 22.47 -40.34
CA GLY C 928 1.06 21.77 -39.10
C GLY C 928 0.52 20.35 -39.00
N VAL C 929 0.13 19.74 -40.11
CA VAL C 929 -0.41 18.37 -40.12
C VAL C 929 0.75 17.41 -40.37
N SER C 930 1.06 16.57 -39.38
CA SER C 930 2.15 15.60 -39.47
C SER C 930 1.68 14.17 -39.58
N ALA C 931 0.91 13.68 -38.62
CA ALA C 931 0.52 12.28 -38.56
C ALA C 931 -0.86 12.10 -39.19
N LYS C 932 -1.40 10.88 -39.08
CA LYS C 932 -2.71 10.66 -39.66
C LYS C 932 -3.79 10.79 -38.60
N PRO C 933 -4.85 11.58 -38.83
CA PRO C 933 -5.93 11.68 -37.84
C PRO C 933 -6.59 10.33 -37.68
N PHE C 934 -7.05 10.06 -36.46
CA PHE C 934 -7.47 8.71 -36.16
C PHE C 934 -8.85 8.70 -35.49
N MET C 935 -9.19 9.74 -34.74
CA MET C 935 -10.46 9.82 -34.03
C MET C 935 -11.06 11.20 -34.18
N GLU C 936 -12.26 11.27 -34.74
CA GLU C 936 -12.94 12.55 -34.92
C GLU C 936 -13.31 13.11 -33.55
N THR C 937 -12.61 14.14 -33.11
CA THR C 937 -12.90 14.87 -31.88
C THR C 937 -13.52 16.21 -32.25
N GLN C 938 -14.67 16.51 -31.65
CA GLN C 938 -15.33 17.78 -31.95
C GLN C 938 -14.44 18.94 -31.53
N PRO C 939 -14.32 19.98 -32.34
CA PRO C 939 -13.33 21.02 -32.08
C PRO C 939 -13.70 21.90 -30.89
N THR C 940 -13.42 21.42 -29.68
CA THR C 940 -13.73 22.15 -28.46
C THR C 940 -12.56 22.06 -27.50
N LEU C 941 -12.79 22.55 -26.27
CA LEU C 941 -11.81 22.54 -25.20
C LEU C 941 -12.49 22.13 -23.90
N ASP C 942 -11.67 21.79 -22.91
CA ASP C 942 -12.16 21.45 -21.57
C ASP C 942 -12.24 22.72 -20.73
N ALA C 943 -12.97 22.63 -19.61
CA ALA C 943 -12.97 23.70 -18.62
C ALA C 943 -11.80 23.57 -17.65
N LEU C 944 -11.61 22.37 -17.07
CA LEU C 944 -10.77 22.22 -15.89
C LEU C 944 -9.30 22.53 -16.19
N HIS C 945 -8.70 21.82 -17.15
CA HIS C 945 -7.29 22.04 -17.46
C HIS C 945 -7.03 23.43 -18.00
N CYS C 946 -8.00 24.02 -18.72
CA CYS C 946 -7.85 25.40 -19.19
C CYS C 946 -7.73 26.36 -18.01
N ASP C 947 -8.64 26.23 -17.03
CA ASP C 947 -8.60 27.13 -15.88
C ASP C 947 -7.38 26.89 -14.98
N ILE C 948 -6.90 25.64 -14.89
CA ILE C 948 -5.69 25.38 -14.11
C ILE C 948 -4.45 25.93 -14.83
N GLY C 949 -4.45 25.92 -16.16
CA GLY C 949 -3.38 26.58 -16.89
C GLY C 949 -3.40 28.08 -16.67
N ASN C 950 -4.60 28.68 -16.63
CA ASN C 950 -4.69 30.11 -16.27
C ASN C 950 -4.16 30.35 -14.85
N ALA C 951 -4.46 29.42 -13.93
CA ALA C 951 -4.00 29.57 -12.54
C ALA C 951 -2.48 29.55 -12.45
N THR C 952 -1.83 28.59 -13.13
CA THR C 952 -0.36 28.54 -13.09
C THR C 952 0.26 29.71 -13.86
N GLU C 953 -0.42 30.22 -14.89
CA GLU C 953 0.08 31.39 -15.60
C GLU C 953 0.08 32.62 -14.70
N PHE C 954 -1.02 32.87 -13.99
CA PHE C 954 -1.04 33.99 -13.05
C PHE C 954 -0.13 33.73 -11.85
N TYR C 955 0.10 32.45 -11.51
CA TYR C 955 1.05 32.09 -10.46
C TYR C 955 2.46 32.57 -10.81
N LYS C 956 2.93 32.23 -12.01
CA LYS C 956 4.24 32.71 -12.43
C LYS C 956 4.24 34.20 -12.81
N ILE C 957 3.08 34.80 -13.10
CA ILE C 957 3.05 36.26 -13.25
C ILE C 957 3.31 36.93 -11.91
N PHE C 958 2.82 36.35 -10.81
CA PHE C 958 3.20 36.83 -9.48
C PHE C 958 4.69 36.60 -9.22
N GLN C 959 5.17 35.40 -9.54
CA GLN C 959 6.57 35.06 -9.29
C GLN C 959 7.54 35.85 -10.16
N ASP C 960 7.05 36.52 -11.20
CA ASP C 960 7.86 37.47 -11.97
C ASP C 960 7.67 38.93 -11.54
N GLU C 961 6.47 39.34 -11.12
CA GLU C 961 6.28 40.72 -10.66
C GLU C 961 6.88 40.98 -9.28
N ILE C 962 7.10 39.94 -8.48
CA ILE C 962 7.84 40.12 -7.23
C ILE C 962 9.29 40.48 -7.53
N GLY C 963 9.80 40.10 -8.70
CA GLY C 963 11.04 40.65 -9.19
C GLY C 963 10.81 41.87 -10.05
N GLU C 964 11.67 42.87 -9.88
CA GLU C 964 11.61 44.10 -10.70
C GLU C 964 12.23 43.80 -12.06
N VAL C 965 11.53 42.96 -12.82
CA VAL C 965 12.05 42.42 -14.08
C VAL C 965 11.82 43.36 -15.26
N TYR C 966 10.91 44.32 -15.15
CA TYR C 966 10.71 45.29 -16.21
C TYR C 966 11.87 46.28 -16.31
N GLN C 967 12.65 46.44 -15.24
CA GLN C 967 13.95 47.11 -15.32
C GLN C 967 15.10 46.12 -15.51
N LYS C 968 15.13 45.03 -14.72
CA LYS C 968 16.16 44.00 -14.86
C LYS C 968 15.66 42.88 -15.77
N PRO C 969 16.04 42.87 -17.05
CA PRO C 969 15.39 41.95 -18.01
C PRO C 969 15.73 40.48 -17.78
N ASN C 970 16.82 40.15 -17.11
CA ASN C 970 17.28 38.77 -16.99
C ASN C 970 17.51 38.43 -15.52
N PRO C 971 16.53 37.81 -14.85
CA PRO C 971 16.72 37.42 -13.45
C PRO C 971 17.54 36.14 -13.31
N SER C 972 17.94 35.86 -12.08
CA SER C 972 18.78 34.72 -11.78
C SER C 972 17.92 33.50 -11.45
N ARG C 973 18.48 32.30 -11.69
CA ARG C 973 17.76 31.08 -11.35
C ARG C 973 17.60 30.94 -9.83
N GLU C 974 18.67 31.23 -9.08
CA GLU C 974 18.55 31.21 -7.61
C GLU C 974 17.69 32.35 -7.11
N GLU C 975 17.77 33.53 -7.73
CA GLU C 975 16.81 34.58 -7.41
C GLU C 975 15.39 34.19 -7.81
N ARG C 976 15.25 33.41 -8.89
CA ARG C 976 13.93 32.86 -9.22
C ARG C 976 13.41 31.96 -8.11
N ARG C 977 14.26 31.08 -7.58
CA ARG C 977 13.84 30.19 -6.50
C ARG C 977 13.57 30.96 -5.21
N ARG C 978 14.30 32.06 -4.98
CA ARG C 978 14.02 32.88 -3.80
CA ARG C 978 14.01 32.87 -3.79
C ARG C 978 12.73 33.68 -3.96
N TRP C 979 12.39 34.09 -5.18
CA TRP C 979 11.09 34.70 -5.41
C TRP C 979 9.97 33.68 -5.25
N ARG C 980 10.22 32.44 -5.68
CA ARG C 980 9.36 31.32 -5.32
C ARG C 980 9.12 31.29 -3.81
N SER C 981 10.20 31.29 -3.02
CA SER C 981 10.06 31.14 -1.58
C SER C 981 9.34 32.34 -0.94
N THR C 982 9.58 33.55 -1.45
CA THR C 982 8.96 34.73 -0.85
C THR C 982 7.47 34.78 -1.17
N LEU C 983 7.07 34.42 -2.41
CA LEU C 983 5.64 34.32 -2.69
C LEU C 983 5.01 33.14 -1.93
N ASP C 984 5.81 32.11 -1.65
CA ASP C 984 5.34 30.97 -0.86
C ASP C 984 4.93 31.39 0.54
N LYS C 985 5.84 32.07 1.26
CA LYS C 985 5.48 32.58 2.59
C LYS C 985 4.39 33.65 2.50
N GLN C 986 4.34 34.40 1.38
CA GLN C 986 3.28 35.39 1.20
C GLN C 986 1.90 34.74 1.24
N LEU C 987 1.67 33.76 0.37
CA LEU C 987 0.38 33.07 0.38
C LEU C 987 0.24 32.05 1.52
N ARG C 988 1.31 31.82 2.29
CA ARG C 988 1.16 31.06 3.53
C ARG C 988 0.62 31.94 4.66
N LYS C 989 0.98 33.23 4.65
CA LYS C 989 0.52 34.15 5.69
C LYS C 989 -0.97 34.45 5.56
N LYS C 990 -1.44 34.72 4.34
CA LYS C 990 -2.85 35.00 4.08
C LYS C 990 -3.44 33.93 3.17
N MET C 991 -4.69 33.57 3.42
CA MET C 991 -5.50 32.60 2.67
C MET C 991 -5.07 31.16 2.93
N LYS C 992 -3.93 30.96 3.59
CA LYS C 992 -3.55 29.69 4.23
C LYS C 992 -3.61 28.49 3.27
N LEU C 993 -2.68 28.48 2.32
CA LEU C 993 -2.52 27.36 1.40
C LEU C 993 -1.07 26.91 1.33
N LYS C 994 -0.86 25.60 1.01
CA LYS C 994 0.40 24.90 1.15
C LYS C 994 1.15 24.83 -0.18
N PRO C 995 2.47 24.54 -0.14
CA PRO C 995 3.22 24.33 -1.40
C PRO C 995 3.23 22.89 -1.92
N VAL C 996 2.83 22.69 -3.17
CA VAL C 996 3.03 21.45 -3.90
C VAL C 996 3.82 21.75 -5.16
N MET C 997 4.51 20.73 -5.69
CA MET C 997 5.18 20.90 -6.97
C MET C 997 4.24 20.76 -8.16
N ARG C 998 3.03 20.21 -7.96
CA ARG C 998 2.02 20.14 -9.00
C ARG C 998 0.65 20.37 -8.38
N MET C 999 -0.24 20.99 -9.17
CA MET C 999 -1.41 21.70 -8.67
C MET C 999 -2.73 20.96 -8.97
N ASN C 1000 -3.71 21.11 -8.05
CA ASN C 1000 -5.08 20.59 -8.16
C ASN C 1000 -6.08 21.74 -8.36
N GLY C 1001 -7.37 21.44 -8.14
CA GLY C 1001 -8.42 22.38 -8.49
C GLY C 1001 -8.65 23.50 -7.47
N ASN C 1002 -8.76 23.15 -6.19
CA ASN C 1002 -9.00 24.16 -5.16
C ASN C 1002 -7.91 25.23 -5.15
N TYR C 1003 -6.66 24.82 -5.38
CA TYR C 1003 -5.55 25.75 -5.51
C TYR C 1003 -5.90 26.86 -6.48
N ALA C 1004 -6.50 26.50 -7.62
CA ALA C 1004 -6.88 27.48 -8.63
C ALA C 1004 -8.10 28.30 -8.18
N ARG C 1005 -9.17 27.61 -7.75
CA ARG C 1005 -10.43 28.32 -7.52
C ARG C 1005 -10.33 29.32 -6.37
N ARG C 1006 -9.58 28.99 -5.32
CA ARG C 1006 -9.25 29.97 -4.29
C ARG C 1006 -8.01 30.81 -4.64
N LEU C 1007 -7.31 30.47 -5.73
CA LEU C 1007 -6.13 31.23 -6.13
C LEU C 1007 -6.47 32.42 -7.01
N MET C 1008 -7.63 32.41 -7.67
CA MET C 1008 -8.11 33.57 -8.41
C MET C 1008 -9.23 34.27 -7.63
N THR C 1009 -8.84 35.13 -6.70
CA THR C 1009 -9.74 35.99 -5.97
C THR C 1009 -9.05 37.33 -5.72
N ARG C 1010 -9.87 38.38 -5.57
CA ARG C 1010 -9.35 39.76 -5.56
C ARG C 1010 -8.66 40.13 -4.25
N GLU C 1011 -9.18 39.70 -3.09
CA GLU C 1011 -8.53 40.04 -1.82
C GLU C 1011 -7.23 39.26 -1.64
N ALA C 1012 -7.12 38.07 -2.23
CA ALA C 1012 -5.84 37.37 -2.25
C ALA C 1012 -4.83 38.07 -3.15
N VAL C 1013 -5.29 38.69 -4.25
CA VAL C 1013 -4.40 39.52 -5.07
C VAL C 1013 -3.88 40.71 -4.27
N GLU C 1014 -4.77 41.39 -3.52
CA GLU C 1014 -4.32 42.48 -2.66
C GLU C 1014 -3.43 42.00 -1.51
N ALA C 1015 -3.62 40.76 -1.04
CA ALA C 1015 -2.68 40.12 -0.14
C ALA C 1015 -1.34 39.82 -0.82
N VAL C 1016 -1.32 39.72 -2.14
CA VAL C 1016 -0.08 39.52 -2.91
C VAL C 1016 0.46 40.86 -3.43
N CYS C 1017 -0.41 41.79 -3.85
CA CYS C 1017 0.04 43.10 -4.32
C CYS C 1017 0.85 43.85 -3.27
N GLU C 1018 0.67 43.53 -1.99
CA GLU C 1018 1.34 44.20 -0.88
C GLU C 1018 2.85 43.97 -0.85
N LEU C 1019 3.43 43.30 -1.84
CA LEU C 1019 4.89 43.12 -1.93
C LEU C 1019 5.53 43.95 -3.04
N VAL C 1020 5.07 43.80 -4.28
CA VAL C 1020 5.68 44.56 -5.39
C VAL C 1020 5.52 46.05 -5.14
N PRO C 1021 6.58 46.85 -5.22
CA PRO C 1021 6.53 48.23 -4.67
C PRO C 1021 5.62 49.20 -5.40
N SER C 1022 5.46 49.06 -6.72
CA SER C 1022 4.79 50.09 -7.52
C SER C 1022 3.34 50.32 -7.08
N GLU C 1023 2.84 51.53 -7.36
CA GLU C 1023 1.44 51.88 -7.14
C GLU C 1023 0.60 51.73 -8.39
N GLU C 1024 1.24 51.74 -9.56
CA GLU C 1024 0.61 51.71 -10.88
C GLU C 1024 0.34 50.28 -11.33
N ARG C 1025 1.38 49.43 -11.30
CA ARG C 1025 1.25 48.05 -11.75
C ARG C 1025 0.28 47.25 -10.88
N ARG C 1026 0.18 47.61 -9.60
CA ARG C 1026 -0.77 46.95 -8.72
C ARG C 1026 -2.21 47.18 -9.17
N GLU C 1027 -2.59 48.45 -9.34
CA GLU C 1027 -3.93 48.74 -9.86
C GLU C 1027 -4.13 48.14 -11.24
N ALA C 1028 -3.07 48.08 -12.05
CA ALA C 1028 -3.17 47.50 -13.38
C ALA C 1028 -3.58 46.02 -13.34
N LEU C 1029 -2.79 45.19 -12.65
CA LEU C 1029 -3.15 43.76 -12.65
C LEU C 1029 -4.30 43.44 -11.70
N LEU C 1030 -4.69 44.36 -10.81
CA LEU C 1030 -5.96 44.17 -10.11
C LEU C 1030 -7.14 44.45 -11.05
N LYS C 1031 -7.00 45.44 -11.94
CA LYS C 1031 -7.95 45.60 -13.04
C LYS C 1031 -7.98 44.37 -13.92
N LEU C 1032 -6.83 43.71 -14.10
CA LEU C 1032 -6.79 42.45 -14.86
C LEU C 1032 -7.58 41.35 -14.16
N MET C 1033 -7.35 41.16 -12.85
CA MET C 1033 -8.14 40.19 -12.10
C MET C 1033 -9.63 40.48 -12.20
N ASP C 1034 -10.01 41.76 -12.06
CA ASP C 1034 -11.42 42.15 -12.15
C ASP C 1034 -11.99 41.77 -13.52
N LEU C 1035 -11.29 42.14 -14.59
CA LEU C 1035 -11.76 41.80 -15.93
C LEU C 1035 -11.81 40.30 -16.16
N TYR C 1036 -10.93 39.56 -15.49
CA TYR C 1036 -10.98 38.10 -15.59
C TYR C 1036 -12.26 37.57 -14.94
N LEU C 1037 -12.61 38.09 -13.76
CA LEU C 1037 -13.88 37.74 -13.14
C LEU C 1037 -15.08 38.17 -13.99
N GLN C 1038 -14.88 39.08 -14.94
CA GLN C 1038 -15.92 39.39 -15.92
C GLN C 1038 -16.16 38.26 -16.91
N MET C 1039 -15.33 37.21 -16.90
CA MET C 1039 -15.39 36.21 -17.96
C MET C 1039 -15.21 34.76 -17.51
N LYS C 1040 -14.78 34.48 -16.29
CA LYS C 1040 -14.55 33.08 -15.91
C LYS C 1040 -15.84 32.26 -15.95
N PRO C 1041 -16.94 32.65 -15.30
CA PRO C 1041 -18.17 31.89 -15.45
C PRO C 1041 -18.81 32.00 -16.83
N VAL C 1042 -18.24 32.77 -17.76
CA VAL C 1042 -18.77 32.80 -19.12
C VAL C 1042 -18.54 31.46 -19.81
N TRP C 1043 -17.33 30.90 -19.69
CA TRP C 1043 -17.10 29.52 -20.11
C TRP C 1043 -17.45 28.50 -19.01
N ARG C 1044 -17.47 28.91 -17.74
CA ARG C 1044 -18.01 27.99 -16.74
C ARG C 1044 -19.53 27.88 -16.80
N SER C 1045 -20.17 28.67 -17.65
CA SER C 1045 -21.63 28.71 -17.73
C SER C 1045 -22.20 27.38 -18.19
N THR C 1046 -23.32 26.99 -17.59
CA THR C 1046 -24.07 25.83 -18.09
C THR C 1046 -24.94 26.22 -19.28
N CYS C 1047 -25.64 27.34 -19.17
CA CYS C 1047 -26.29 27.99 -20.31
C CYS C 1047 -26.09 29.49 -20.12
N PRO C 1048 -25.05 30.06 -20.74
CA PRO C 1048 -24.76 31.48 -20.51
C PRO C 1048 -25.88 32.41 -20.94
N SER C 1049 -26.66 32.04 -21.96
CA SER C 1049 -27.86 32.79 -22.32
C SER C 1049 -28.86 32.87 -21.16
N ARG C 1050 -28.67 32.06 -20.11
CA ARG C 1050 -29.38 32.20 -18.84
C ARG C 1050 -28.49 32.80 -17.76
N ASP C 1051 -27.37 32.16 -17.42
CA ASP C 1051 -26.65 32.50 -16.19
C ASP C 1051 -26.06 33.90 -16.24
N CYS C 1052 -25.56 34.33 -17.40
CA CYS C 1052 -25.04 35.69 -17.54
C CYS C 1052 -24.99 36.13 -18.99
N PRO C 1053 -26.13 36.47 -19.62
CA PRO C 1053 -26.07 37.05 -20.97
C PRO C 1053 -25.37 38.39 -21.04
N ASP C 1054 -25.34 39.15 -19.92
CA ASP C 1054 -24.63 40.43 -19.90
C ASP C 1054 -23.12 40.24 -20.01
N GLN C 1055 -22.59 39.14 -19.47
CA GLN C 1055 -21.16 38.86 -19.53
C GLN C 1055 -20.76 38.18 -20.84
N LEU C 1056 -21.73 37.58 -21.54
CA LEU C 1056 -21.48 36.98 -22.85
C LEU C 1056 -21.57 38.02 -23.98
N CYS C 1057 -22.64 38.82 -24.01
CA CYS C 1057 -22.80 39.77 -25.13
C CYS C 1057 -21.72 40.84 -25.12
N GLN C 1058 -21.14 41.12 -23.95
CA GLN C 1058 -19.98 41.99 -23.80
C GLN C 1058 -18.66 41.24 -23.80
N TYR C 1059 -18.67 39.93 -24.06
CA TYR C 1059 -17.45 39.12 -23.99
C TYR C 1059 -16.37 39.65 -24.94
N SER C 1060 -16.77 39.97 -26.18
CA SER C 1060 -15.83 40.45 -27.18
C SER C 1060 -15.06 41.67 -26.68
N TYR C 1061 -15.78 42.64 -26.09
CA TYR C 1061 -15.16 43.86 -25.62
C TYR C 1061 -14.26 43.59 -24.40
N ASN C 1062 -14.61 42.60 -23.58
CA ASN C 1062 -13.75 42.22 -22.45
C ASN C 1062 -12.41 41.65 -22.94
N SER C 1063 -12.47 40.68 -23.86
CA SER C 1063 -11.25 40.15 -24.45
C SER C 1063 -10.45 41.23 -25.17
N GLN C 1064 -11.14 42.22 -25.76
CA GLN C 1064 -10.44 43.26 -26.50
C GLN C 1064 -9.67 44.19 -25.55
N GLN C 1065 -10.32 44.64 -24.47
CA GLN C 1065 -9.62 45.40 -23.43
C GLN C 1065 -8.46 44.58 -22.85
N PHE C 1066 -8.68 43.27 -22.69
CA PHE C 1066 -7.62 42.37 -22.24
C PHE C 1066 -6.40 42.45 -23.16
N ALA C 1067 -6.65 42.32 -24.47
CA ALA C 1067 -5.57 42.33 -25.44
C ALA C 1067 -4.84 43.68 -25.46
N ASP C 1068 -5.60 44.78 -25.40
CA ASP C 1068 -4.97 46.10 -25.40
C ASP C 1068 -4.14 46.34 -24.13
N LEU C 1069 -4.58 45.77 -22.98
CA LEU C 1069 -3.78 45.87 -21.76
C LEU C 1069 -2.49 45.05 -21.87
N LEU C 1070 -2.59 43.82 -22.38
CA LEU C 1070 -1.38 43.03 -22.61
C LEU C 1070 -0.41 43.76 -23.52
N SER C 1071 -0.93 44.46 -24.54
CA SER C 1071 -0.08 45.24 -25.45
C SER C 1071 0.50 46.47 -24.78
N SER C 1072 -0.22 47.06 -23.80
CA SER C 1072 0.24 48.29 -23.16
C SER C 1072 1.26 48.03 -22.05
N MET C 1073 0.86 47.31 -21.00
CA MET C 1073 1.63 47.24 -19.77
C MET C 1073 2.37 45.93 -19.54
N PHE C 1074 1.98 44.86 -20.21
CA PHE C 1074 2.63 43.55 -20.04
C PHE C 1074 3.23 43.04 -21.34
N LYS C 1075 3.41 43.92 -22.33
CA LYS C 1075 4.08 43.53 -23.57
C LYS C 1075 5.48 43.00 -23.33
N TYR C 1076 6.11 43.39 -22.21
CA TYR C 1076 7.45 42.90 -21.88
C TYR C 1076 7.54 41.38 -21.88
N ARG C 1077 6.42 40.70 -21.62
CA ARG C 1077 6.38 39.26 -21.50
C ARG C 1077 5.83 38.56 -22.73
N TYR C 1078 4.88 39.19 -23.43
CA TYR C 1078 4.17 38.59 -24.56
C TYR C 1078 4.46 39.34 -25.86
N ASP C 1079 5.74 39.64 -26.09
CA ASP C 1079 6.18 40.16 -27.38
C ASP C 1079 5.68 39.30 -28.52
N GLY C 1080 6.07 38.02 -28.53
CA GLY C 1080 5.55 37.07 -29.49
C GLY C 1080 5.34 35.66 -28.97
N LYS C 1081 5.67 35.41 -27.69
CA LYS C 1081 5.50 34.09 -27.10
C LYS C 1081 4.25 34.07 -26.23
N ILE C 1082 3.31 33.20 -26.57
CA ILE C 1082 2.01 33.11 -25.93
C ILE C 1082 1.82 31.66 -25.47
N THR C 1083 0.92 31.46 -24.52
CA THR C 1083 0.56 30.12 -24.07
C THR C 1083 -0.74 29.68 -24.75
N ASN C 1084 -0.90 28.36 -24.86
CA ASN C 1084 -1.96 27.77 -25.67
C ASN C 1084 -3.34 28.15 -25.13
N TYR C 1085 -3.60 27.75 -23.88
CA TYR C 1085 -4.90 27.96 -23.25
C TYR C 1085 -5.32 29.42 -23.31
N LEU C 1086 -4.36 30.34 -23.29
CA LEU C 1086 -4.69 31.75 -23.37
C LEU C 1086 -5.31 32.10 -24.71
N HIS C 1087 -4.66 31.70 -25.81
CA HIS C 1087 -5.29 31.87 -27.11
C HIS C 1087 -6.69 31.26 -27.12
N LYS C 1088 -6.79 30.03 -26.60
CA LYS C 1088 -8.07 29.33 -26.57
C LYS C 1088 -9.15 30.19 -25.94
N THR C 1089 -8.92 30.61 -24.68
CA THR C 1089 -9.91 31.38 -23.94
C THR C 1089 -10.15 32.77 -24.51
N LEU C 1090 -9.20 33.31 -25.27
CA LEU C 1090 -9.38 34.68 -25.75
C LEU C 1090 -10.11 34.77 -27.09
N ALA C 1091 -9.67 34.02 -28.09
CA ALA C 1091 -10.14 34.28 -29.46
C ALA C 1091 -11.25 33.36 -29.95
N HIS C 1092 -11.50 32.22 -29.29
CA HIS C 1092 -12.39 31.21 -29.85
C HIS C 1092 -13.67 30.95 -29.08
N VAL C 1093 -13.75 31.35 -27.80
CA VAL C 1093 -14.95 31.10 -27.00
C VAL C 1093 -16.25 31.46 -27.73
N PRO C 1094 -16.40 32.67 -28.31
CA PRO C 1094 -17.74 33.08 -28.77
C PRO C 1094 -18.31 32.24 -29.88
N GLU C 1095 -17.54 31.97 -30.95
CA GLU C 1095 -18.06 31.15 -32.04
C GLU C 1095 -18.39 29.74 -31.56
N ILE C 1096 -17.56 29.21 -30.64
CA ILE C 1096 -17.81 27.88 -30.08
C ILE C 1096 -19.19 27.84 -29.43
N VAL C 1097 -19.44 28.71 -28.45
CA VAL C 1097 -20.72 28.66 -27.76
C VAL C 1097 -21.86 29.00 -28.72
N GLU C 1098 -21.64 29.98 -29.60
CA GLU C 1098 -22.67 30.40 -30.55
C GLU C 1098 -23.16 29.23 -31.40
N ARG C 1099 -22.26 28.32 -31.76
CA ARG C 1099 -22.66 27.16 -32.56
C ARG C 1099 -23.10 25.97 -31.73
N ASP C 1100 -22.51 25.77 -30.54
CA ASP C 1100 -22.65 24.53 -29.78
C ASP C 1100 -23.87 24.53 -28.85
N GLY C 1101 -23.94 25.49 -27.93
CA GLY C 1101 -24.98 25.49 -26.92
C GLY C 1101 -24.44 25.71 -25.53
N SER C 1102 -23.20 25.28 -25.30
CA SER C 1102 -22.49 25.51 -24.03
C SER C 1102 -21.06 25.03 -24.20
N ILE C 1103 -20.24 25.29 -23.19
CA ILE C 1103 -18.90 24.70 -23.06
C ILE C 1103 -18.85 23.97 -21.72
N GLY C 1104 -19.36 24.60 -20.67
CA GLY C 1104 -19.49 23.93 -19.38
C GLY C 1104 -20.24 22.61 -19.44
N ALA C 1105 -20.92 22.33 -20.56
CA ALA C 1105 -21.64 21.06 -20.74
C ALA C 1105 -20.68 19.92 -21.06
N TRP C 1106 -19.95 20.01 -22.18
CA TRP C 1106 -19.11 18.92 -22.68
C TRP C 1106 -17.77 18.81 -21.94
N ALA C 1107 -17.64 19.48 -20.80
CA ALA C 1107 -16.38 19.51 -20.09
C ALA C 1107 -15.98 18.11 -19.61
N SER C 1108 -14.71 18.00 -19.21
CA SER C 1108 -14.11 16.73 -18.80
C SER C 1108 -13.88 16.64 -17.28
N GLU C 1109 -14.74 17.26 -16.47
CA GLU C 1109 -14.51 17.29 -15.03
C GLU C 1109 -14.47 15.89 -14.43
N GLY C 1110 -15.41 15.03 -14.86
CA GLY C 1110 -15.64 13.78 -14.15
C GLY C 1110 -14.45 12.83 -14.14
N ASN C 1111 -13.61 12.87 -15.17
CA ASN C 1111 -12.70 11.76 -15.46
C ASN C 1111 -11.52 11.72 -14.48
N GLU C 1112 -10.66 12.74 -14.51
CA GLU C 1112 -9.52 12.79 -13.61
C GLU C 1112 -9.95 12.84 -12.15
N SER C 1113 -11.16 13.34 -11.89
CA SER C 1113 -11.67 13.41 -10.52
C SER C 1113 -12.11 12.03 -10.03
N GLY C 1114 -12.73 11.21 -10.89
CA GLY C 1114 -13.18 9.88 -10.53
C GLY C 1114 -12.14 8.79 -10.64
N ASN C 1115 -10.98 9.08 -11.21
CA ASN C 1115 -9.87 8.14 -11.06
C ASN C 1115 -9.49 7.94 -9.59
N LYS C 1116 -9.80 8.91 -8.73
CA LYS C 1116 -9.79 8.68 -7.29
C LYS C 1116 -10.70 7.51 -6.90
N LEU C 1117 -11.89 7.45 -7.51
CA LEU C 1117 -12.82 6.35 -7.22
C LEU C 1117 -12.31 5.04 -7.80
N PHE C 1118 -11.69 5.09 -8.98
CA PHE C 1118 -10.98 3.93 -9.49
C PHE C 1118 -10.03 3.39 -8.44
N ARG C 1119 -9.09 4.24 -7.98
CA ARG C 1119 -8.13 3.83 -6.96
C ARG C 1119 -8.82 3.19 -5.76
N ARG C 1120 -9.80 3.91 -5.20
CA ARG C 1120 -10.49 3.39 -4.02
C ARG C 1120 -11.12 2.04 -4.30
N PHE C 1121 -11.53 1.80 -5.54
CA PHE C 1121 -12.07 0.50 -5.92
C PHE C 1121 -11.01 -0.60 -5.83
N ARG C 1122 -9.97 -0.51 -6.67
CA ARG C 1122 -8.89 -1.49 -6.67
C ARG C 1122 -8.38 -1.76 -5.25
N LYS C 1123 -8.46 -0.76 -4.38
CA LYS C 1123 -8.10 -0.96 -2.98
C LYS C 1123 -8.98 -2.03 -2.33
N MET C 1124 -10.29 -1.75 -2.23
CA MET C 1124 -11.17 -2.48 -1.34
C MET C 1124 -12.20 -3.37 -2.04
N ASN C 1125 -12.00 -3.67 -3.33
CA ASN C 1125 -12.95 -4.52 -4.03
C ASN C 1125 -12.31 -5.45 -5.05
N ALA C 1126 -10.99 -5.45 -5.20
CA ALA C 1126 -10.36 -6.17 -6.29
C ALA C 1126 -10.52 -7.69 -6.09
N ARG C 1127 -9.96 -8.46 -7.03
CA ARG C 1127 -10.01 -9.92 -6.89
C ARG C 1127 -9.08 -10.41 -5.79
N GLN C 1128 -7.75 -10.19 -5.89
CA GLN C 1128 -7.05 -9.40 -6.90
C GLN C 1128 -6.06 -10.25 -7.69
N SER C 1129 -6.14 -10.14 -9.02
CA SER C 1129 -5.20 -10.80 -9.91
C SER C 1129 -5.34 -10.15 -11.29
N LYS C 1130 -4.20 -10.02 -11.98
CA LYS C 1130 -4.10 -9.13 -13.14
C LYS C 1130 -5.25 -9.32 -14.12
N THR C 1131 -5.35 -10.51 -14.72
CA THR C 1131 -6.37 -10.81 -15.70
C THR C 1131 -7.79 -10.63 -15.16
N PHE C 1132 -7.94 -10.35 -13.86
CA PHE C 1132 -9.24 -10.27 -13.20
C PHE C 1132 -9.49 -8.96 -12.47
N GLU C 1133 -8.43 -8.21 -12.14
CA GLU C 1133 -8.58 -6.91 -11.50
C GLU C 1133 -9.62 -6.07 -12.20
N LEU C 1134 -9.50 -5.97 -13.52
CA LEU C 1134 -10.49 -5.23 -14.31
C LEU C 1134 -11.86 -5.90 -14.26
N GLU C 1135 -11.96 -7.16 -14.69
CA GLU C 1135 -13.29 -7.77 -14.77
C GLU C 1135 -14.04 -7.72 -13.44
N ASP C 1136 -13.36 -7.37 -12.35
CA ASP C 1136 -14.03 -6.96 -11.12
C ASP C 1136 -14.34 -5.46 -11.10
N ILE C 1137 -13.30 -4.64 -11.29
CA ILE C 1137 -13.40 -3.18 -11.16
C ILE C 1137 -14.50 -2.64 -12.08
N LEU C 1138 -14.50 -3.10 -13.33
CA LEU C 1138 -15.46 -2.60 -14.29
C LEU C 1138 -16.89 -2.93 -13.88
N LYS C 1139 -17.13 -4.18 -13.48
CA LYS C 1139 -18.47 -4.54 -13.00
C LYS C 1139 -18.88 -3.58 -11.89
N HIS C 1140 -17.99 -3.37 -10.91
CA HIS C 1140 -18.33 -2.48 -9.81
C HIS C 1140 -18.57 -1.05 -10.28
N HIS C 1141 -17.71 -0.55 -11.17
CA HIS C 1141 -17.81 0.84 -11.60
C HIS C 1141 -19.10 1.09 -12.34
N TRP C 1142 -19.35 0.32 -13.41
CA TRP C 1142 -20.59 0.47 -14.16
C TRP C 1142 -21.79 0.26 -13.26
N LEU C 1143 -21.66 -0.58 -12.23
CA LEU C 1143 -22.72 -0.68 -11.24
C LEU C 1143 -22.92 0.63 -10.50
N TYR C 1144 -21.82 1.32 -10.19
CA TYR C 1144 -21.83 2.48 -9.31
C TYR C 1144 -22.62 3.65 -9.89
N THR C 1145 -23.11 3.55 -11.12
CA THR C 1145 -23.47 4.76 -11.84
C THR C 1145 -24.76 4.62 -12.63
N SER C 1146 -25.69 3.79 -12.16
CA SER C 1146 -26.98 3.63 -12.84
C SER C 1146 -28.07 4.37 -12.06
N LYS C 1147 -28.89 5.14 -12.79
CA LYS C 1147 -29.96 5.92 -12.15
C LYS C 1147 -30.89 5.02 -11.33
N TYR C 1148 -31.15 3.81 -11.84
CA TYR C 1148 -31.99 2.83 -11.17
C TYR C 1148 -31.46 2.54 -9.77
N LEU C 1149 -30.26 3.04 -9.47
CA LEU C 1149 -29.69 3.02 -8.13
C LEU C 1149 -29.57 4.42 -7.52
N GLN C 1150 -28.98 5.38 -8.23
CA GLN C 1150 -28.77 6.71 -7.67
C GLN C 1150 -30.07 7.34 -7.17
N LYS C 1151 -31.19 7.05 -7.83
CA LYS C 1151 -32.48 7.46 -7.31
C LYS C 1151 -32.74 6.83 -5.94
N PHE C 1152 -32.32 5.58 -5.74
CA PHE C 1152 -32.50 4.98 -4.42
C PHE C 1152 -31.62 5.62 -3.36
N MET C 1153 -30.80 6.60 -3.71
CA MET C 1153 -30.16 7.47 -2.74
C MET C 1153 -30.82 8.84 -2.63
N GLU C 1154 -31.22 9.44 -3.75
CA GLU C 1154 -31.85 10.76 -3.60
C GLU C 1154 -33.38 10.66 -3.54
N ALA C 1155 -34.02 9.84 -4.38
CA ALA C 1155 -35.48 9.88 -4.52
C ALA C 1155 -36.17 9.55 -3.21
N HIS C 1156 -35.65 8.56 -2.47
CA HIS C 1156 -36.00 8.35 -1.08
C HIS C 1156 -35.00 8.98 -0.12
N LYS C 1157 -34.49 10.17 -0.45
CA LYS C 1157 -33.96 11.10 0.53
C LYS C 1157 -34.80 12.37 0.64
N ASN C 1158 -35.53 12.72 -0.43
CA ASN C 1158 -36.49 13.83 -0.43
C ASN C 1158 -37.45 13.72 -1.62
N SER D 3 35.93 -17.46 -35.45
CA SER D 3 34.64 -17.74 -34.82
C SER D 3 33.83 -16.45 -34.66
N MET D 4 32.82 -16.48 -33.78
CA MET D 4 31.89 -15.38 -33.62
C MET D 4 31.91 -14.90 -32.17
N SER D 5 31.70 -13.60 -31.99
CA SER D 5 31.94 -12.95 -30.70
C SER D 5 30.90 -11.88 -30.45
N LEU D 6 30.57 -11.68 -29.16
CA LEU D 6 29.60 -10.71 -28.71
C LEU D 6 30.22 -9.73 -27.72
N GLN D 7 29.70 -8.49 -27.71
CA GLN D 7 30.16 -7.47 -26.78
C GLN D 7 28.96 -6.69 -26.23
N PRO D 8 28.87 -6.50 -24.92
CA PRO D 8 27.77 -5.71 -24.36
C PRO D 8 27.96 -4.22 -24.60
N LEU D 9 26.96 -3.60 -25.23
CA LEU D 9 26.97 -2.18 -25.55
C LEU D 9 26.00 -1.43 -24.66
N THR D 10 26.01 -0.10 -24.77
CA THR D 10 25.07 0.77 -24.09
C THR D 10 24.83 1.99 -24.98
N ALA D 11 23.56 2.36 -25.15
CA ALA D 11 23.20 3.55 -25.91
C ALA D 11 23.16 4.76 -24.98
N VAL D 12 23.79 5.87 -25.43
CA VAL D 12 23.91 7.05 -24.59
C VAL D 12 22.56 7.78 -24.47
N ASN D 13 22.02 8.23 -25.60
CA ASN D 13 20.87 9.14 -25.65
C ASN D 13 19.73 8.56 -26.48
N CYS D 14 19.50 7.26 -26.38
CA CYS D 14 18.45 6.59 -27.16
C CYS D 14 17.99 5.36 -26.39
N GLY D 15 16.76 5.37 -25.90
CA GLY D 15 16.16 4.21 -25.25
C GLY D 15 14.68 4.09 -25.53
N SER D 16 14.13 5.02 -26.32
CA SER D 16 12.71 5.10 -26.59
C SER D 16 12.36 5.21 -28.07
N LEU D 17 13.33 5.15 -28.97
CA LEU D 17 13.06 5.11 -30.40
C LEU D 17 12.97 3.70 -30.93
N VAL D 18 13.86 2.81 -30.45
CA VAL D 18 13.81 1.42 -30.86
C VAL D 18 12.59 0.75 -30.24
N GLN D 19 11.81 0.10 -31.07
CA GLN D 19 10.57 -0.55 -30.69
C GLN D 19 10.73 -2.06 -30.91
N PRO D 20 9.86 -2.89 -30.29
CA PRO D 20 10.00 -4.35 -30.43
C PRO D 20 10.32 -4.84 -31.83
N GLY D 21 9.78 -4.19 -32.85
CA GLY D 21 10.13 -4.47 -34.24
C GLY D 21 10.79 -3.27 -34.88
N PHE D 22 11.84 -3.52 -35.66
CA PHE D 22 12.43 -2.50 -36.53
C PHE D 22 13.23 -3.22 -37.62
N SER D 23 13.92 -2.44 -38.45
CA SER D 23 14.67 -2.95 -39.58
C SER D 23 16.03 -2.26 -39.64
N LEU D 24 16.89 -2.78 -40.53
CA LEU D 24 18.21 -2.23 -40.77
C LEU D 24 18.47 -2.21 -42.28
N LEU D 25 19.26 -1.23 -42.73
CA LEU D 25 19.51 -1.04 -44.15
C LEU D 25 20.93 -0.54 -44.37
N ASP D 26 21.58 -1.05 -45.42
CA ASP D 26 22.88 -0.56 -45.87
C ASP D 26 22.72 0.04 -47.25
N LEU D 27 22.99 1.34 -47.38
CA LEU D 27 23.01 2.04 -48.65
C LEU D 27 24.41 2.60 -48.88
N GLU D 28 25.15 2.01 -49.83
CA GLU D 28 26.48 2.49 -50.22
C GLU D 28 27.43 2.51 -49.02
N GLY D 29 27.55 1.37 -48.34
CA GLY D 29 28.35 1.27 -47.13
C GLY D 29 27.80 2.02 -45.93
N ASP D 30 26.75 2.81 -46.11
CA ASP D 30 26.16 3.61 -45.04
C ASP D 30 24.96 2.86 -44.45
N VAL D 31 24.88 2.83 -43.12
CA VAL D 31 23.92 1.99 -42.39
C VAL D 31 22.82 2.87 -41.80
N TYR D 32 21.56 2.49 -42.03
CA TYR D 32 20.39 3.24 -41.56
C TYR D 32 19.46 2.32 -40.79
N LEU D 33 19.14 2.70 -39.56
CA LEU D 33 18.02 2.10 -38.83
C LEU D 33 16.70 2.51 -39.49
N PHE D 34 15.62 1.80 -39.16
CA PHE D 34 14.30 2.21 -39.62
C PHE D 34 13.24 1.85 -38.59
N GLY D 35 12.27 2.75 -38.43
CA GLY D 35 11.04 2.42 -37.73
C GLY D 35 11.11 2.74 -36.25
N GLN D 36 10.39 3.76 -35.83
CA GLN D 36 10.42 4.23 -34.45
C GLN D 36 9.09 3.96 -33.76
N LYS D 37 9.13 3.94 -32.42
CA LYS D 37 7.93 3.86 -31.61
C LYS D 37 7.29 5.25 -31.53
N GLY D 38 6.06 5.37 -31.99
CA GLY D 38 5.38 6.65 -32.01
C GLY D 38 5.65 7.48 -33.25
N TRP D 39 4.64 8.23 -33.68
CA TRP D 39 4.67 9.01 -34.91
C TRP D 39 5.79 10.05 -34.86
N PRO D 40 6.19 10.63 -35.99
CA PRO D 40 7.37 11.52 -36.00
C PRO D 40 7.23 12.67 -35.02
N LYS D 41 8.20 12.79 -34.12
CA LYS D 41 8.34 13.98 -33.31
C LYS D 41 8.89 15.12 -34.16
N ARG D 42 8.97 16.31 -33.57
CA ARG D 42 9.57 17.44 -34.29
C ARG D 42 11.08 17.27 -34.43
N SER D 43 11.72 16.53 -33.52
CA SER D 43 13.16 16.31 -33.60
C SER D 43 13.57 15.62 -34.91
N CYS D 44 12.69 14.76 -35.46
CA CYS D 44 12.97 14.20 -36.78
C CYS D 44 11.66 13.83 -37.48
N PRO D 45 11.26 14.59 -38.53
CA PRO D 45 10.02 14.27 -39.25
C PRO D 45 10.14 13.14 -40.27
N THR D 46 11.21 12.32 -40.16
CA THR D 46 11.47 11.24 -41.10
C THR D 46 11.34 9.86 -40.46
N GLY D 47 12.06 9.60 -39.37
CA GLY D 47 12.07 8.28 -38.75
C GLY D 47 13.26 7.43 -39.12
N ILE D 48 14.02 7.82 -40.16
CA ILE D 48 15.26 7.15 -40.55
C ILE D 48 16.39 7.76 -39.73
N PHE D 49 17.36 6.93 -39.34
CA PHE D 49 18.40 7.36 -38.42
C PHE D 49 19.76 6.81 -38.84
N GLY D 50 20.78 7.67 -38.79
CA GLY D 50 22.13 7.19 -38.91
C GLY D 50 22.54 6.41 -37.67
N VAL D 51 23.15 5.25 -37.89
CA VAL D 51 23.62 4.39 -36.81
C VAL D 51 25.13 4.61 -36.65
N ARG D 52 25.61 4.39 -35.43
CA ARG D 52 27.04 4.49 -35.14
C ARG D 52 27.36 3.65 -33.91
N ILE D 53 28.48 2.94 -33.97
CA ILE D 53 28.98 2.14 -32.86
C ILE D 53 30.43 2.53 -32.62
N LYS D 54 30.70 3.17 -31.49
CA LYS D 54 32.04 3.63 -31.13
C LYS D 54 32.27 3.45 -29.64
N LYS D 55 33.49 3.05 -29.27
CA LYS D 55 33.95 2.92 -27.89
C LYS D 55 32.89 2.34 -26.95
N GLY D 56 32.20 1.30 -27.42
CA GLY D 56 31.09 0.72 -26.68
C GLY D 56 29.83 1.56 -26.61
N GLU D 57 29.83 2.75 -27.21
CA GLU D 57 28.68 3.66 -27.15
C GLU D 57 27.86 3.56 -28.43
N LEU D 58 26.56 3.70 -28.29
CA LEU D 58 25.63 3.69 -29.41
C LEU D 58 25.06 5.10 -29.55
N LYS D 59 25.38 5.75 -30.66
CA LYS D 59 24.90 7.09 -30.97
C LYS D 59 23.95 7.05 -32.15
N LEU D 60 23.22 8.15 -32.34
CA LEU D 60 22.27 8.27 -33.45
C LEU D 60 22.27 9.71 -33.96
N ARG D 61 21.70 9.89 -35.16
CA ARG D 61 21.55 11.21 -35.76
C ARG D 61 20.30 11.19 -36.64
N ALA D 62 19.90 12.37 -37.12
CA ALA D 62 18.73 12.53 -37.97
C ALA D 62 19.13 12.45 -39.46
N ILE D 63 18.13 12.14 -40.30
CA ILE D 63 18.30 12.15 -41.76
C ILE D 63 17.28 13.11 -42.34
N SER D 64 17.46 13.44 -43.63
CA SER D 64 16.64 14.43 -44.31
C SER D 64 16.26 13.90 -45.69
N PHE D 65 15.58 14.74 -46.48
CA PHE D 65 15.10 14.37 -47.79
C PHE D 65 15.23 15.53 -48.77
N SER D 66 14.77 15.28 -49.99
CA SER D 66 14.72 16.25 -51.08
C SER D 66 13.37 16.96 -51.08
N ASN D 67 13.06 17.63 -52.19
CA ASN D 67 11.76 18.27 -52.39
C ASN D 67 10.79 17.38 -53.17
N ASN D 68 11.27 16.62 -54.16
CA ASN D 68 10.45 15.62 -54.87
C ASN D 68 10.33 14.32 -54.09
N SER D 69 10.62 14.35 -52.80
CA SER D 69 10.72 13.16 -51.96
C SER D 69 9.52 13.12 -51.03
N SER D 70 8.61 12.19 -51.28
CA SER D 70 7.44 12.02 -50.42
C SER D 70 7.84 11.35 -49.11
N TYR D 71 7.22 11.77 -48.02
CA TYR D 71 7.58 11.28 -46.69
C TYR D 71 6.88 9.96 -46.39
N LEU D 72 7.47 9.20 -45.48
CA LEU D 72 7.14 7.80 -45.27
C LEU D 72 6.56 7.59 -43.88
N PRO D 73 5.39 6.97 -43.75
CA PRO D 73 4.90 6.61 -42.43
C PRO D 73 5.74 5.52 -41.81
N PRO D 74 5.96 5.55 -40.49
CA PRO D 74 6.91 4.61 -39.85
C PRO D 74 6.40 3.18 -39.78
N LEU D 75 6.59 2.42 -40.85
CA LEU D 75 6.24 1.00 -40.85
C LEU D 75 7.06 0.26 -39.80
N ARG D 76 6.60 -0.95 -39.46
CA ARG D 76 7.21 -1.71 -38.38
C ARG D 76 7.81 -3.03 -38.80
N CYS D 77 7.14 -3.79 -39.67
CA CYS D 77 7.66 -5.07 -40.15
C CYS D 77 7.39 -5.20 -41.65
N PRO D 78 8.08 -4.40 -42.47
CA PRO D 78 7.90 -4.49 -43.91
C PRO D 78 8.77 -5.57 -44.53
N ALA D 79 8.82 -5.60 -45.87
CA ALA D 79 9.77 -6.42 -46.60
C ALA D 79 10.90 -5.55 -47.14
N ILE D 80 12.04 -6.18 -47.41
CA ILE D 80 13.24 -5.49 -47.85
C ILE D 80 13.90 -6.32 -48.94
N ALA D 81 14.46 -5.64 -49.95
CA ALA D 81 15.21 -6.31 -51.02
C ALA D 81 16.08 -5.27 -51.72
N HIS D 82 17.40 -5.43 -51.67
CA HIS D 82 18.31 -4.51 -52.34
C HIS D 82 18.15 -4.62 -53.85
N PHE D 83 17.70 -3.55 -54.49
CA PHE D 83 17.78 -3.44 -55.94
C PHE D 83 19.25 -3.25 -56.33
N GLU D 84 19.74 -4.09 -57.22
CA GLU D 84 21.15 -4.00 -57.62
C GLU D 84 21.38 -2.74 -58.46
N ALA D 85 22.44 -1.99 -58.09
CA ALA D 85 22.78 -0.74 -58.75
C ALA D 85 23.07 -0.96 -60.23
N GLN D 86 22.21 -0.45 -61.11
CA GLN D 86 22.35 -0.73 -62.53
C GLN D 86 21.58 0.31 -63.34
N ASP D 87 21.61 0.12 -64.66
CA ASP D 87 20.81 0.92 -65.56
C ASP D 87 19.32 0.79 -65.22
N GLY D 88 18.64 1.92 -65.13
CA GLY D 88 19.29 3.21 -65.31
C GLY D 88 19.66 3.90 -64.01
N LYS D 89 18.88 3.64 -62.96
CA LYS D 89 18.88 4.44 -61.74
C LYS D 89 19.37 3.64 -60.54
N PRO D 90 20.67 3.66 -60.25
CA PRO D 90 21.15 3.23 -58.94
C PRO D 90 21.00 4.34 -57.90
N GLU D 91 20.86 3.95 -56.64
CA GLU D 91 20.81 2.55 -56.21
C GLU D 91 19.64 2.34 -55.26
N CYS D 92 18.57 1.73 -55.78
CA CYS D 92 17.32 1.64 -55.04
C CYS D 92 17.43 0.68 -53.86
N TYR D 93 16.46 0.80 -52.94
CA TYR D 93 16.35 -0.11 -51.80
C TYR D 93 14.88 -0.17 -51.41
N LEU D 94 14.16 -1.17 -51.92
CA LEU D 94 12.71 -1.17 -51.88
C LEU D 94 12.19 -1.53 -50.48
N ILE D 95 11.06 -0.93 -50.10
CA ILE D 95 10.42 -1.16 -48.80
C ILE D 95 8.92 -1.20 -48.99
N HIS D 96 8.27 -2.25 -48.48
CA HIS D 96 6.82 -2.45 -48.51
C HIS D 96 6.50 -3.72 -47.71
N GLY D 97 5.42 -3.69 -46.95
CA GLY D 97 4.61 -2.51 -46.73
C GLY D 97 4.24 -2.42 -45.27
N GLY D 98 4.59 -3.46 -44.52
CA GLY D 98 4.48 -3.53 -43.07
C GLY D 98 3.10 -3.19 -42.52
N ARG D 99 3.08 -3.01 -41.19
CA ARG D 99 1.88 -2.58 -40.49
C ARG D 99 2.14 -1.22 -39.86
N THR D 100 1.12 -0.37 -39.86
CA THR D 100 1.22 1.02 -39.46
C THR D 100 1.07 1.18 -37.95
N PRO D 101 1.49 2.34 -37.39
CA PRO D 101 1.20 2.63 -35.97
C PRO D 101 -0.26 2.44 -35.60
N ASN D 102 -1.16 3.18 -36.25
CA ASN D 102 -2.56 2.80 -36.30
C ASN D 102 -2.64 1.50 -37.10
N ASN D 103 -2.97 0.39 -36.44
CA ASN D 103 -2.59 -0.92 -36.96
C ASN D 103 -3.43 -1.24 -38.21
N GLU D 104 -3.06 -0.57 -39.29
CA GLU D 104 -3.50 -0.87 -40.64
C GLU D 104 -2.31 -1.41 -41.42
N LEU D 105 -2.55 -1.65 -42.71
CA LEU D 105 -1.54 -2.14 -43.63
C LEU D 105 -1.47 -1.18 -44.81
N SER D 106 -0.28 -0.64 -45.07
CA SER D 106 -0.15 0.41 -46.09
C SER D 106 -0.35 -0.15 -47.50
N SER D 107 0.29 -1.28 -47.79
CA SER D 107 0.29 -1.90 -49.13
C SER D 107 0.73 -0.90 -50.19
N SER D 108 1.90 -0.31 -49.97
CA SER D 108 2.44 0.71 -50.85
C SER D 108 3.93 0.48 -51.06
N LEU D 109 4.34 0.47 -52.32
CA LEU D 109 5.73 0.22 -52.69
C LEU D 109 6.50 1.54 -52.69
N TYR D 110 7.52 1.64 -51.85
CA TYR D 110 8.35 2.84 -51.72
C TYR D 110 9.77 2.51 -52.20
N MET D 111 10.18 3.10 -53.31
CA MET D 111 11.53 2.95 -53.83
C MET D 111 12.41 3.99 -53.15
N LEU D 112 13.35 3.54 -52.33
CA LEU D 112 14.22 4.40 -51.54
C LEU D 112 15.66 4.26 -52.01
N SER D 113 16.34 5.40 -52.16
CA SER D 113 17.74 5.43 -52.58
C SER D 113 18.40 6.70 -52.07
N VAL D 114 19.72 6.79 -52.29
CA VAL D 114 20.51 7.98 -52.01
C VAL D 114 20.69 8.77 -53.30
N ASP D 115 20.74 10.10 -53.18
CA ASP D 115 20.93 10.96 -54.34
C ASP D 115 22.20 11.81 -54.25
N SER D 116 22.42 12.52 -53.14
CA SER D 116 23.52 13.48 -53.05
C SER D 116 24.19 13.42 -51.68
N ARG D 117 25.36 14.05 -51.61
CA ARG D 117 26.17 14.20 -50.42
C ARG D 117 27.28 15.19 -50.78
N GLY D 118 27.85 15.85 -49.77
CA GLY D 118 27.58 15.64 -48.35
C GLY D 118 26.67 16.64 -47.69
N CYS D 119 27.26 17.64 -47.03
CA CYS D 119 28.69 17.91 -47.14
C CYS D 119 29.57 17.17 -46.12
N ASN D 120 29.28 17.35 -44.82
CA ASN D 120 30.08 16.79 -43.73
C ASN D 120 29.41 15.50 -43.25
N ARG D 121 29.81 14.38 -43.85
CA ARG D 121 29.21 13.06 -43.60
C ARG D 121 27.70 13.06 -43.79
N LYS D 122 27.18 14.01 -44.56
CA LYS D 122 25.75 14.26 -44.64
C LYS D 122 25.13 13.56 -45.84
N VAL D 123 23.90 13.11 -45.69
CA VAL D 123 23.23 12.24 -46.65
C VAL D 123 21.87 12.84 -46.98
N THR D 124 21.51 12.78 -48.26
CA THR D 124 20.23 13.30 -48.76
C THR D 124 19.52 12.19 -49.52
N LEU D 125 18.32 11.83 -49.08
CA LEU D 125 17.59 10.70 -49.63
C LEU D 125 16.33 11.17 -50.37
N ARG D 126 15.63 10.21 -50.97
CA ARG D 126 14.40 10.45 -51.69
C ARG D 126 13.57 9.18 -51.69
N CYS D 127 12.31 9.30 -52.13
CA CYS D 127 11.38 8.18 -52.25
C CYS D 127 10.45 8.42 -53.41
N GLU D 128 9.92 7.34 -53.99
CA GLU D 128 8.84 7.38 -54.97
C GLU D 128 7.83 6.29 -54.60
N GLU D 129 6.78 6.68 -53.88
CA GLU D 129 5.71 5.72 -53.64
C GLU D 129 5.09 5.37 -54.96
N LYS D 130 5.40 4.20 -55.49
CA LYS D 130 4.95 3.81 -56.81
C LYS D 130 3.56 3.20 -56.73
N GLU D 131 2.73 3.54 -57.71
CA GLU D 131 1.41 2.93 -57.80
C GLU D 131 1.56 1.52 -58.35
N LEU D 132 0.52 0.70 -58.12
CA LEU D 132 0.48 -0.67 -58.58
C LEU D 132 -0.70 -0.84 -59.53
N VAL D 133 -0.42 -1.23 -60.77
CA VAL D 133 -1.45 -1.48 -61.77
C VAL D 133 -1.84 -2.94 -61.69
N GLY D 134 -3.13 -3.21 -61.44
CA GLY D 134 -3.58 -4.58 -61.38
C GLY D 134 -5.02 -4.68 -60.87
N ASP D 135 -5.40 -5.85 -60.35
CA ASP D 135 -4.63 -7.10 -60.18
C ASP D 135 -3.36 -6.93 -59.32
N VAL D 136 -3.46 -6.11 -58.28
CA VAL D 136 -2.34 -5.82 -57.38
C VAL D 136 -2.41 -6.76 -56.18
N PRO D 137 -1.29 -7.01 -55.48
CA PRO D 137 -1.38 -7.72 -54.20
C PRO D 137 -2.14 -6.90 -53.18
N SER D 138 -2.90 -7.59 -52.33
CA SER D 138 -3.64 -6.90 -51.29
C SER D 138 -2.71 -6.50 -50.15
N ALA D 139 -3.28 -5.80 -49.17
CA ALA D 139 -2.53 -5.41 -47.99
C ALA D 139 -2.31 -6.60 -47.08
N ARG D 140 -1.08 -6.70 -46.56
CA ARG D 140 -0.62 -7.82 -45.73
C ARG D 140 0.74 -7.41 -45.20
N TYR D 141 1.35 -8.26 -44.39
CA TYR D 141 2.60 -7.89 -43.75
C TYR D 141 3.34 -9.15 -43.31
N GLY D 142 4.61 -8.96 -42.94
CA GLY D 142 5.46 -10.04 -42.47
C GLY D 142 6.07 -10.89 -43.55
N HIS D 143 5.85 -10.54 -44.82
CA HIS D 143 6.35 -11.30 -45.96
C HIS D 143 7.81 -10.93 -46.19
N THR D 144 8.36 -11.33 -47.32
CA THR D 144 9.67 -10.85 -47.80
C THR D 144 9.71 -11.08 -49.30
N LEU D 145 10.58 -10.32 -49.97
CA LEU D 145 10.66 -10.29 -51.43
C LEU D 145 12.12 -10.14 -51.82
N SER D 146 12.43 -10.48 -53.07
CA SER D 146 13.80 -10.33 -53.57
C SER D 146 13.79 -10.14 -55.07
N VAL D 147 14.95 -9.78 -55.60
CA VAL D 147 15.14 -9.43 -57.00
C VAL D 147 15.71 -10.64 -57.73
N ILE D 148 15.46 -10.69 -59.05
CA ILE D 148 15.89 -11.79 -59.90
C ILE D 148 16.27 -11.23 -61.26
N ASN D 149 17.02 -12.02 -62.02
CA ASN D 149 17.45 -11.62 -63.36
C ASN D 149 17.39 -12.84 -64.26
N SER D 150 16.63 -12.73 -65.35
CA SER D 150 16.40 -13.86 -66.26
C SER D 150 16.84 -13.44 -67.66
N ARG D 151 18.14 -13.55 -67.92
CA ARG D 151 18.75 -13.53 -69.26
C ARG D 151 18.07 -12.58 -70.26
N GLY D 152 18.01 -11.28 -69.98
CA GLY D 152 18.57 -10.66 -68.79
C GLY D 152 17.58 -9.74 -68.09
N LYS D 153 16.30 -9.97 -68.33
CA LYS D 153 15.25 -9.17 -67.71
C LYS D 153 15.30 -9.30 -66.19
N THR D 154 14.98 -8.19 -65.50
CA THR D 154 15.09 -8.10 -64.05
C THR D 154 13.74 -7.66 -63.48
N ALA D 155 13.28 -8.39 -62.46
CA ALA D 155 12.05 -8.04 -61.76
C ALA D 155 12.24 -8.33 -60.27
N CYS D 156 11.18 -8.11 -59.50
CA CYS D 156 11.20 -8.36 -58.05
C CYS D 156 9.89 -9.02 -57.65
N VAL D 157 9.98 -10.07 -56.82
CA VAL D 157 8.83 -10.92 -56.50
C VAL D 157 8.75 -11.11 -54.99
N LEU D 158 7.52 -11.18 -54.46
CA LEU D 158 7.24 -11.34 -53.04
C LEU D 158 6.52 -12.67 -52.81
N PHE D 159 6.59 -13.15 -51.56
CA PHE D 159 5.77 -14.28 -51.15
C PHE D 159 5.58 -14.23 -49.63
N GLY D 160 4.38 -14.57 -49.19
CA GLY D 160 4.10 -14.81 -47.78
C GLY D 160 3.30 -13.70 -47.14
N GLY D 161 3.15 -13.82 -45.82
CA GLY D 161 2.53 -12.79 -45.03
C GLY D 161 1.25 -13.26 -44.36
N ARG D 162 0.90 -12.55 -43.27
CA ARG D 162 -0.36 -12.69 -42.56
C ARG D 162 -1.22 -11.46 -42.84
N SER D 163 -2.43 -11.47 -42.32
CA SER D 163 -3.34 -10.36 -42.56
C SER D 163 -4.49 -10.44 -41.57
N TYR D 164 -5.24 -9.33 -41.50
CA TYR D 164 -6.48 -9.33 -40.76
C TYR D 164 -7.50 -10.22 -41.46
N MET D 165 -8.55 -10.56 -40.72
CA MET D 165 -9.61 -11.38 -41.28
C MET D 165 -10.21 -10.69 -42.50
N PRO D 166 -10.83 -11.45 -43.41
CA PRO D 166 -11.43 -10.83 -44.58
C PRO D 166 -12.43 -9.75 -44.17
N PRO D 167 -12.62 -8.74 -45.02
CA PRO D 167 -13.44 -7.59 -44.60
C PRO D 167 -14.90 -7.92 -44.33
N THR D 168 -15.46 -8.96 -44.96
CA THR D 168 -16.85 -9.33 -44.71
C THR D 168 -17.01 -9.98 -43.33
N GLU D 169 -16.23 -11.03 -43.08
CA GLU D 169 -16.33 -11.81 -41.85
C GLU D 169 -15.68 -11.12 -40.65
N ARG D 170 -15.14 -9.92 -40.83
CA ARG D 170 -14.42 -9.24 -39.76
C ARG D 170 -15.36 -8.90 -38.62
N THR D 171 -14.89 -9.10 -37.40
CA THR D 171 -15.73 -8.99 -36.22
C THR D 171 -15.02 -8.17 -35.15
N THR D 172 -15.76 -7.28 -34.48
CA THR D 172 -15.17 -6.31 -33.56
C THR D 172 -14.55 -6.95 -32.32
N GLN D 173 -14.92 -8.19 -31.99
CA GLN D 173 -14.26 -8.91 -30.90
C GLN D 173 -13.11 -9.77 -31.39
N ASN D 174 -12.89 -9.82 -32.72
CA ASN D 174 -11.77 -10.52 -33.32
C ASN D 174 -10.91 -9.56 -34.13
N TRP D 175 -11.13 -8.26 -33.95
CA TRP D 175 -10.57 -7.22 -34.80
C TRP D 175 -9.04 -7.23 -34.81
N ASN D 176 -8.40 -7.96 -33.89
CA ASN D 176 -6.94 -8.01 -33.81
C ASN D 176 -6.32 -9.34 -34.17
N SER D 177 -7.09 -10.44 -34.19
CA SER D 177 -6.57 -11.71 -34.68
C SER D 177 -6.21 -11.59 -36.16
N VAL D 178 -5.32 -12.47 -36.59
CA VAL D 178 -4.81 -12.45 -37.96
C VAL D 178 -4.74 -13.87 -38.50
N VAL D 179 -4.88 -13.98 -39.82
CA VAL D 179 -4.83 -15.26 -40.53
C VAL D 179 -3.83 -15.13 -41.67
N ASP D 180 -3.24 -16.27 -42.04
CA ASP D 180 -2.20 -16.30 -43.05
C ASP D 180 -2.79 -15.99 -44.43
N CYS D 181 -1.91 -15.56 -45.35
CA CYS D 181 -2.35 -15.19 -46.69
C CYS D 181 -2.53 -16.43 -47.58
N PRO D 182 -3.34 -16.31 -48.62
CA PRO D 182 -3.45 -17.40 -49.60
C PRO D 182 -2.14 -17.64 -50.32
N PRO D 183 -1.79 -18.92 -50.59
CA PRO D 183 -0.52 -19.21 -51.25
C PRO D 183 -0.52 -18.78 -52.71
N GLN D 184 -0.55 -17.47 -52.94
CA GLN D 184 -0.45 -16.90 -54.29
C GLN D 184 0.73 -15.95 -54.32
N VAL D 185 1.65 -16.17 -55.27
CA VAL D 185 2.83 -15.34 -55.43
C VAL D 185 2.54 -14.23 -56.45
N TYR D 186 3.15 -13.06 -56.22
CA TYR D 186 2.89 -11.88 -57.02
C TYR D 186 4.16 -11.48 -57.75
N LEU D 187 4.14 -11.54 -59.08
CA LEU D 187 5.27 -11.13 -59.90
C LEU D 187 5.16 -9.62 -60.12
N ILE D 188 6.05 -8.86 -59.48
CA ILE D 188 5.99 -7.41 -59.45
C ILE D 188 6.97 -6.87 -60.48
N ASP D 189 6.44 -6.26 -61.54
CA ASP D 189 7.25 -5.42 -62.39
C ASP D 189 7.42 -4.06 -61.72
N LEU D 190 8.56 -3.41 -61.97
CA LEU D 190 8.84 -2.10 -61.41
C LEU D 190 8.63 -0.96 -62.39
N GLU D 191 9.00 -1.14 -63.66
CA GLU D 191 8.71 -0.13 -64.69
C GLU D 191 8.27 -0.87 -65.95
N PHE D 192 6.96 -0.83 -66.24
CA PHE D 192 6.01 -0.04 -65.46
C PHE D 192 5.60 -0.77 -64.18
N GLY D 193 4.84 -0.10 -63.32
CA GLY D 193 4.47 -0.68 -62.04
C GLY D 193 3.36 -1.71 -62.14
N CYS D 194 3.44 -2.57 -63.15
CA CYS D 194 2.45 -3.63 -63.32
C CYS D 194 2.51 -4.63 -62.18
N CYS D 195 1.39 -5.29 -61.92
CA CYS D 195 1.30 -6.27 -60.85
C CYS D 195 0.44 -7.44 -61.31
N THR D 196 0.94 -8.65 -61.08
CA THR D 196 0.27 -9.88 -61.49
C THR D 196 0.46 -10.93 -60.41
N ALA D 197 -0.62 -11.62 -60.06
CA ALA D 197 -0.60 -12.68 -59.06
C ALA D 197 -0.48 -14.03 -59.74
N HIS D 198 0.23 -14.96 -59.09
CA HIS D 198 0.42 -16.31 -59.60
C HIS D 198 0.17 -17.32 -58.49
N THR D 199 -0.43 -18.45 -58.85
CA THR D 199 -0.65 -19.55 -57.94
C THR D 199 0.38 -20.64 -58.20
N LEU D 200 0.61 -21.46 -57.18
CA LEU D 200 1.52 -22.60 -57.27
C LEU D 200 0.80 -23.83 -56.74
N PRO D 201 0.54 -24.84 -57.57
CA PRO D 201 -0.27 -25.98 -57.11
C PRO D 201 0.40 -26.77 -56.00
N GLU D 202 1.73 -26.83 -55.96
CA GLU D 202 2.46 -27.55 -54.92
C GLU D 202 2.72 -26.70 -53.69
N LEU D 203 2.38 -25.41 -53.73
CA LEU D 203 2.44 -24.56 -52.54
C LEU D 203 1.28 -24.95 -51.64
N THR D 204 1.51 -25.98 -50.84
CA THR D 204 0.44 -26.65 -50.11
C THR D 204 -0.35 -25.68 -49.22
N ASP D 205 0.27 -24.59 -48.79
CA ASP D 205 -0.40 -23.65 -47.91
C ASP D 205 0.41 -22.36 -47.88
N GLY D 206 -0.28 -21.28 -47.49
CA GLY D 206 0.42 -20.06 -47.14
C GLY D 206 1.15 -20.21 -45.82
N GLN D 207 1.99 -19.21 -45.54
CA GLN D 207 2.81 -19.21 -44.33
C GLN D 207 3.21 -17.76 -44.06
N SER D 208 4.26 -17.60 -43.24
CA SER D 208 4.77 -16.28 -42.93
C SER D 208 6.17 -16.42 -42.36
N PHE D 209 6.85 -15.27 -42.26
CA PHE D 209 8.07 -15.09 -41.46
C PHE D 209 9.24 -15.93 -41.96
N HIS D 210 9.22 -16.23 -43.25
CA HIS D 210 10.32 -16.93 -43.91
C HIS D 210 11.37 -15.92 -44.36
N VAL D 211 12.60 -16.40 -44.46
CA VAL D 211 13.69 -15.65 -45.07
C VAL D 211 14.00 -16.29 -46.41
N ALA D 212 14.41 -15.49 -47.39
CA ALA D 212 14.68 -16.03 -48.72
C ALA D 212 15.75 -15.20 -49.40
N LEU D 213 16.41 -15.81 -50.38
CA LEU D 213 17.44 -15.16 -51.18
C LEU D 213 17.36 -15.68 -52.60
N ALA D 214 17.73 -14.83 -53.56
CA ALA D 214 17.63 -15.13 -54.98
C ALA D 214 18.99 -15.04 -55.64
N ARG D 215 19.11 -15.68 -56.80
CA ARG D 215 20.32 -15.63 -57.59
C ARG D 215 20.03 -16.14 -58.99
N GLN D 216 20.33 -15.32 -60.00
CA GLN D 216 20.39 -15.77 -61.39
C GLN D 216 19.08 -16.45 -61.83
N ASP D 217 17.96 -15.93 -61.32
CA ASP D 217 16.52 -16.22 -61.57
C ASP D 217 15.95 -17.41 -60.78
N CYS D 218 16.67 -17.96 -59.81
CA CYS D 218 16.19 -19.08 -59.01
C CYS D 218 16.30 -18.73 -57.52
N VAL D 219 15.25 -19.06 -56.76
CA VAL D 219 15.10 -18.58 -55.39
C VAL D 219 14.76 -19.75 -54.47
N TYR D 220 15.27 -19.68 -53.23
CA TYR D 220 15.00 -20.67 -52.19
C TYR D 220 14.39 -19.95 -50.98
N PHE D 221 13.30 -20.51 -50.44
CA PHE D 221 12.58 -19.93 -49.33
C PHE D 221 12.84 -20.74 -48.07
N LEU D 222 13.29 -20.06 -47.01
CA LEU D 222 13.71 -20.73 -45.80
C LEU D 222 12.55 -20.85 -44.81
N GLY D 223 12.88 -21.08 -43.54
CA GLY D 223 11.88 -21.42 -42.56
C GLY D 223 11.13 -20.20 -42.03
N GLY D 224 9.83 -20.37 -41.86
CA GLY D 224 8.98 -19.43 -41.16
C GLY D 224 7.98 -20.18 -40.29
N HIS D 225 6.70 -19.85 -40.41
CA HIS D 225 5.67 -20.48 -39.59
C HIS D 225 4.36 -20.59 -40.37
N ILE D 226 3.61 -21.65 -40.10
CA ILE D 226 2.24 -21.83 -40.58
C ILE D 226 1.32 -21.95 -39.37
N LEU D 227 0.22 -21.19 -39.37
CA LEU D 227 -0.68 -21.13 -38.23
C LEU D 227 -1.83 -22.14 -38.30
N SER D 228 -2.02 -22.81 -39.43
CA SER D 228 -3.10 -23.79 -39.55
C SER D 228 -3.02 -24.85 -38.45
N SER D 229 -1.84 -25.47 -38.30
CA SER D 229 -1.60 -26.48 -37.28
C SER D 229 -0.80 -25.96 -36.09
N ASP D 230 -0.46 -24.67 -36.06
CA ASP D 230 0.43 -24.10 -35.04
C ASP D 230 1.77 -24.82 -35.01
N CYS D 231 2.26 -25.19 -36.20
CA CYS D 231 3.54 -25.88 -36.37
C CYS D 231 4.52 -24.98 -37.11
N ARG D 232 5.74 -25.49 -37.30
CA ARG D 232 6.81 -24.77 -37.99
C ARG D 232 7.52 -25.73 -38.93
N PRO D 233 7.11 -25.77 -40.19
CA PRO D 233 7.71 -26.73 -41.13
C PRO D 233 9.19 -26.45 -41.35
N SER D 234 9.99 -27.51 -41.30
CA SER D 234 11.42 -27.44 -41.53
C SER D 234 11.80 -27.71 -42.98
N ARG D 235 10.84 -27.74 -43.88
CA ARG D 235 11.11 -27.97 -45.29
C ARG D 235 11.71 -26.71 -45.92
N LEU D 236 12.12 -26.84 -47.18
CA LEU D 236 12.54 -25.70 -47.98
C LEU D 236 11.91 -25.81 -49.37
N ILE D 237 11.68 -24.65 -49.99
CA ILE D 237 11.03 -24.57 -51.29
C ILE D 237 11.96 -23.83 -52.25
N ARG D 238 11.71 -24.03 -53.54
CA ARG D 238 12.54 -23.45 -54.59
C ARG D 238 11.70 -23.24 -55.83
N LEU D 239 11.85 -22.07 -56.47
CA LEU D 239 11.19 -21.81 -57.75
C LEU D 239 12.21 -21.44 -58.82
N HIS D 240 12.02 -22.00 -60.02
CA HIS D 240 12.83 -21.68 -61.20
C HIS D 240 11.94 -20.87 -62.13
N VAL D 241 12.21 -19.56 -62.24
CA VAL D 241 11.34 -18.64 -62.94
C VAL D 241 12.16 -17.79 -63.91
N GLU D 242 11.54 -17.40 -65.03
CA GLU D 242 12.17 -16.48 -65.98
C GLU D 242 11.10 -15.54 -66.53
N LEU D 243 11.57 -14.51 -67.23
CA LEU D 243 10.71 -13.46 -67.77
C LEU D 243 10.70 -13.61 -69.30
N LEU D 244 9.70 -14.32 -69.80
CA LEU D 244 9.51 -14.51 -71.24
C LEU D 244 8.44 -13.55 -71.72
N LEU D 245 8.66 -12.95 -72.90
CA LEU D 245 7.75 -11.95 -73.43
C LEU D 245 6.53 -12.63 -74.05
N GLY D 246 5.35 -12.30 -73.54
CA GLY D 246 5.20 -11.37 -72.44
C GLY D 246 4.60 -11.98 -71.20
N SER D 247 4.66 -13.30 -71.10
CA SER D 247 4.19 -14.04 -69.93
C SER D 247 5.39 -14.58 -69.16
N PRO D 248 5.75 -14.01 -68.01
CA PRO D 248 6.92 -14.52 -67.28
C PRO D 248 6.65 -15.88 -66.66
N VAL D 249 6.71 -16.92 -67.49
CA VAL D 249 6.39 -18.27 -67.05
C VAL D 249 7.29 -18.65 -65.88
N LEU D 250 6.72 -19.39 -64.93
CA LEU D 250 7.34 -19.65 -63.64
C LEU D 250 7.04 -21.08 -63.22
N THR D 251 8.03 -21.77 -62.64
CA THR D 251 7.81 -23.07 -62.03
C THR D 251 8.50 -23.12 -60.67
N CYS D 252 7.92 -23.91 -59.76
CA CYS D 252 8.44 -24.08 -58.40
C CYS D 252 8.36 -25.54 -58.01
N THR D 253 9.19 -25.93 -57.05
CA THR D 253 9.17 -27.28 -56.52
C THR D 253 9.73 -27.26 -55.09
N ILE D 254 9.58 -28.40 -54.41
CA ILE D 254 9.93 -28.52 -53.00
C ILE D 254 11.35 -29.05 -52.88
N LEU D 255 11.99 -28.73 -51.76
CA LEU D 255 13.22 -29.39 -51.36
C LEU D 255 12.93 -30.47 -50.33
N HIS D 256 13.88 -31.38 -50.17
CA HIS D 256 13.71 -32.46 -49.21
C HIS D 256 13.75 -31.93 -47.78
N GLU D 257 14.84 -31.27 -47.40
CA GLU D 257 15.00 -30.78 -46.04
C GLU D 257 15.57 -29.37 -46.03
N GLY D 258 14.90 -28.47 -45.32
CA GLY D 258 15.39 -27.13 -45.08
C GLY D 258 15.86 -26.93 -43.65
N LEU D 259 15.10 -26.16 -42.86
CA LEU D 259 15.46 -25.92 -41.46
C LEU D 259 14.27 -25.28 -40.74
N THR D 260 14.29 -25.36 -39.40
CA THR D 260 13.24 -24.81 -38.54
C THR D 260 13.73 -23.55 -37.82
N ILE D 261 13.54 -22.39 -38.46
CA ILE D 261 13.86 -21.10 -37.88
C ILE D 261 12.69 -20.14 -38.10
N THR D 262 12.56 -19.16 -37.21
CA THR D 262 11.47 -18.18 -37.25
C THR D 262 11.98 -16.82 -36.78
N SER D 263 11.74 -15.78 -37.60
CA SER D 263 12.14 -14.41 -37.27
C SER D 263 13.65 -14.32 -37.02
N ALA D 264 14.40 -14.56 -38.09
CA ALA D 264 15.84 -14.75 -38.04
C ALA D 264 16.59 -13.43 -38.24
N ILE D 265 17.91 -13.52 -38.34
CA ILE D 265 18.81 -12.39 -38.55
C ILE D 265 19.70 -12.74 -39.74
N ALA D 266 19.53 -12.02 -40.85
CA ALA D 266 20.20 -12.36 -42.12
C ALA D 266 21.52 -11.59 -42.23
N SER D 267 22.64 -12.31 -42.24
CA SER D 267 23.94 -11.68 -42.41
C SER D 267 24.60 -12.09 -43.71
N PRO D 268 25.09 -11.13 -44.49
CA PRO D 268 25.93 -11.45 -45.64
C PRO D 268 27.41 -11.47 -45.30
N ILE D 269 28.16 -12.25 -46.07
CA ILE D 269 29.62 -12.15 -46.06
C ILE D 269 30.08 -11.88 -47.50
N GLY D 270 29.53 -12.63 -48.44
CA GLY D 270 29.93 -12.52 -49.83
C GLY D 270 28.77 -12.45 -50.80
N TYR D 271 29.06 -12.80 -52.06
CA TYR D 271 28.08 -12.70 -53.14
C TYR D 271 26.78 -13.42 -52.78
N HIS D 272 26.88 -14.72 -52.45
CA HIS D 272 25.71 -15.50 -52.07
C HIS D 272 25.98 -16.42 -50.88
N GLU D 273 27.12 -16.27 -50.21
CA GLU D 273 27.42 -17.00 -48.99
C GLU D 273 26.87 -16.21 -47.81
N TYR D 274 25.98 -16.83 -47.04
CA TYR D 274 25.36 -16.17 -45.91
C TYR D 274 25.45 -17.03 -44.66
N ILE D 275 25.41 -16.36 -43.53
CA ILE D 275 25.40 -16.97 -42.21
C ILE D 275 24.29 -16.32 -41.41
N ILE D 276 23.44 -17.13 -40.79
CA ILE D 276 22.24 -16.64 -40.12
C ILE D 276 22.38 -16.89 -38.63
N PHE D 277 21.79 -16.00 -37.83
CA PHE D 277 21.94 -16.04 -36.38
C PHE D 277 20.77 -16.70 -35.69
N GLY D 278 19.80 -17.20 -36.44
CA GLY D 278 18.69 -17.92 -35.86
C GLY D 278 17.67 -17.02 -35.17
N GLY D 279 16.41 -17.44 -35.20
CA GLY D 279 15.35 -16.73 -34.50
C GLY D 279 14.76 -17.57 -33.38
N TYR D 280 13.66 -18.26 -33.69
CA TYR D 280 12.96 -19.08 -32.71
C TYR D 280 12.76 -20.49 -33.27
N GLN D 281 12.89 -21.49 -32.39
CA GLN D 281 12.59 -22.87 -32.78
C GLN D 281 11.09 -23.14 -32.72
N SER D 282 10.49 -22.97 -31.55
CA SER D 282 9.06 -23.18 -31.34
C SER D 282 8.47 -22.00 -30.58
N GLU D 283 7.18 -22.12 -30.25
CA GLU D 283 6.39 -20.99 -29.75
C GLU D 283 6.93 -20.41 -28.45
N THR D 284 7.72 -21.18 -27.70
CA THR D 284 8.32 -20.69 -26.46
C THR D 284 9.81 -21.00 -26.36
N GLN D 285 10.36 -21.82 -27.25
CA GLN D 285 11.77 -22.20 -27.24
C GLN D 285 12.43 -21.63 -28.49
N LYS D 286 13.27 -20.61 -28.29
CA LYS D 286 13.98 -19.96 -29.39
C LYS D 286 15.28 -20.71 -29.71
N ARG D 287 15.68 -20.66 -30.97
CA ARG D 287 16.94 -21.26 -31.36
C ARG D 287 18.11 -20.41 -30.86
N MET D 288 19.30 -21.03 -30.83
CA MET D 288 20.49 -20.39 -30.30
C MET D 288 21.69 -20.42 -31.24
N GLU D 289 21.72 -21.34 -32.21
CA GLU D 289 22.92 -21.62 -32.97
C GLU D 289 22.89 -20.90 -34.31
N CYS D 290 24.09 -20.74 -34.88
CA CYS D 290 24.25 -20.14 -36.20
C CYS D 290 23.82 -21.14 -37.28
N THR D 291 23.88 -20.72 -38.54
CA THR D 291 23.60 -21.61 -39.67
C THR D 291 24.29 -21.04 -40.91
N TYR D 292 25.33 -21.72 -41.38
CA TYR D 292 25.95 -21.32 -42.64
C TYR D 292 25.24 -22.00 -43.79
N VAL D 293 25.06 -21.26 -44.90
CA VAL D 293 24.35 -21.76 -46.07
C VAL D 293 25.15 -21.36 -47.31
N GLY D 294 25.76 -22.34 -47.96
CA GLY D 294 26.31 -22.12 -49.28
C GLY D 294 25.28 -22.49 -50.34
N LEU D 295 25.32 -21.77 -51.46
CA LEU D 295 24.39 -22.00 -52.54
C LEU D 295 25.08 -21.75 -53.87
N ASP D 296 24.59 -22.40 -54.91
CA ASP D 296 25.09 -22.21 -56.27
C ASP D 296 24.05 -22.77 -57.24
N ASP D 297 24.39 -22.81 -58.52
CA ASP D 297 23.55 -23.46 -59.52
C ASP D 297 23.66 -24.99 -59.46
N VAL D 298 24.63 -25.53 -58.72
CA VAL D 298 24.64 -26.96 -58.41
C VAL D 298 23.64 -27.27 -57.29
N GLY D 299 23.66 -26.45 -56.24
CA GLY D 299 22.67 -26.57 -55.19
C GLY D 299 23.06 -25.76 -53.97
N VAL D 300 22.16 -25.77 -52.99
CA VAL D 300 22.40 -25.15 -51.69
C VAL D 300 23.10 -26.16 -50.79
N HIS D 301 24.22 -25.75 -50.20
CA HIS D 301 25.02 -26.61 -49.33
C HIS D 301 25.12 -25.94 -47.97
N MET D 302 24.74 -26.67 -46.93
CA MET D 302 24.49 -26.05 -45.63
C MET D 302 25.14 -26.86 -44.52
N GLU D 303 25.71 -26.16 -43.55
CA GLU D 303 26.33 -26.77 -42.38
C GLU D 303 26.36 -25.73 -41.25
N SER D 304 26.15 -26.20 -40.02
CA SER D 304 26.14 -25.33 -38.86
C SER D 304 27.50 -24.65 -38.67
N ARG D 305 27.55 -23.74 -37.69
CA ARG D 305 28.77 -23.06 -37.27
C ARG D 305 28.89 -23.14 -35.75
N GLU D 306 29.95 -22.52 -35.22
CA GLU D 306 30.20 -22.51 -33.78
C GLU D 306 29.48 -21.32 -33.16
N PRO D 307 28.57 -21.55 -32.21
CA PRO D 307 27.88 -20.42 -31.56
C PRO D 307 28.75 -19.81 -30.47
N PRO D 308 28.79 -18.48 -30.37
CA PRO D 308 29.53 -17.83 -29.28
C PRO D 308 28.92 -18.16 -27.92
N GLN D 309 29.58 -17.66 -26.88
CA GLN D 309 29.11 -17.82 -25.51
C GLN D 309 28.25 -16.62 -25.12
N TRP D 310 26.93 -16.83 -25.06
CA TRP D 310 26.01 -15.77 -24.67
C TRP D 310 26.19 -15.43 -23.19
N THR D 311 25.75 -14.22 -22.82
CA THR D 311 25.72 -13.81 -21.43
C THR D 311 24.61 -14.57 -20.69
N SER D 312 24.53 -14.35 -19.37
CA SER D 312 23.49 -14.97 -18.56
C SER D 312 22.09 -14.49 -18.97
N GLU D 313 21.96 -13.19 -19.22
CA GLU D 313 20.64 -12.60 -19.47
C GLU D 313 20.03 -13.14 -20.76
N ILE D 314 20.78 -13.10 -21.87
CA ILE D 314 20.25 -13.49 -23.17
C ILE D 314 19.90 -14.97 -23.20
N SER D 315 20.67 -15.83 -22.53
CA SER D 315 20.31 -17.23 -22.41
C SER D 315 19.18 -17.45 -21.39
N HIS D 316 18.86 -16.44 -20.57
CA HIS D 316 17.76 -16.52 -19.62
C HIS D 316 16.64 -15.51 -19.85
N SER D 317 16.77 -14.62 -20.84
CA SER D 317 15.67 -13.71 -21.13
C SER D 317 14.52 -14.48 -21.82
N ARG D 318 13.42 -13.77 -22.03
CA ARG D 318 12.27 -14.41 -22.67
C ARG D 318 12.38 -14.37 -24.18
N THR D 319 12.87 -13.26 -24.74
CA THR D 319 12.93 -13.08 -26.18
C THR D 319 14.11 -12.19 -26.55
N TRP D 320 14.30 -11.99 -27.85
CA TRP D 320 15.33 -11.11 -28.39
C TRP D 320 14.97 -10.82 -29.84
N PHE D 321 15.65 -9.83 -30.40
CA PHE D 321 15.45 -9.46 -31.80
C PHE D 321 16.60 -8.54 -32.21
N GLY D 322 16.75 -8.38 -33.53
CA GLY D 322 17.78 -7.52 -34.06
C GLY D 322 17.90 -7.68 -35.57
N GLY D 323 18.96 -7.08 -36.11
CA GLY D 323 19.27 -7.12 -37.53
C GLY D 323 20.77 -7.09 -37.76
N SER D 324 21.16 -7.11 -39.02
CA SER D 324 22.56 -7.13 -39.42
C SER D 324 23.00 -5.75 -39.92
N LEU D 325 24.11 -5.24 -39.38
CA LEU D 325 24.72 -4.02 -39.88
C LEU D 325 25.41 -4.21 -41.23
N GLY D 326 25.35 -5.42 -41.78
CA GLY D 326 25.92 -5.72 -43.08
C GLY D 326 27.34 -6.25 -42.98
N LYS D 327 27.71 -7.07 -43.97
CA LYS D 327 29.07 -7.60 -44.08
C LYS D 327 29.50 -8.36 -42.82
N GLY D 328 28.58 -9.18 -42.29
CA GLY D 328 28.86 -9.98 -41.11
C GLY D 328 28.78 -9.23 -39.80
N THR D 329 28.33 -7.98 -39.80
CA THR D 329 28.16 -7.19 -38.59
C THR D 329 26.68 -7.06 -38.30
N ALA D 330 26.31 -7.04 -37.02
CA ALA D 330 24.90 -7.12 -36.66
C ALA D 330 24.63 -6.40 -35.35
N LEU D 331 23.34 -6.17 -35.09
CA LEU D 331 22.85 -5.57 -33.87
C LEU D 331 21.66 -6.37 -33.37
N VAL D 332 21.62 -6.63 -32.05
CA VAL D 332 20.55 -7.39 -31.42
C VAL D 332 20.04 -6.62 -30.20
N ALA D 333 19.02 -7.16 -29.53
CA ALA D 333 18.43 -6.49 -28.37
C ALA D 333 17.76 -7.51 -27.45
N ILE D 334 17.75 -7.19 -26.16
CA ILE D 334 17.11 -8.01 -25.13
C ILE D 334 16.08 -7.13 -24.43
N PRO D 335 14.83 -7.55 -24.28
CA PRO D 335 13.93 -6.85 -23.36
C PRO D 335 14.40 -7.00 -21.92
N SER D 336 14.67 -5.87 -21.26
CA SER D 336 15.21 -5.89 -19.92
C SER D 336 14.09 -5.96 -18.89
N GLU D 337 14.47 -6.30 -17.66
CA GLU D 337 13.53 -6.36 -16.53
C GLU D 337 14.05 -5.45 -15.43
N GLY D 338 13.23 -4.50 -15.00
CA GLY D 338 13.59 -3.59 -13.94
C GLY D 338 12.44 -2.77 -13.40
N ASN D 339 12.36 -2.66 -12.08
CA ASN D 339 11.40 -1.80 -11.39
C ASN D 339 12.13 -1.21 -10.20
N PRO D 340 12.70 0.00 -10.32
CA PRO D 340 12.54 1.03 -11.36
C PRO D 340 13.11 0.70 -12.75
N THR D 341 12.40 1.15 -13.79
CA THR D 341 12.92 1.01 -15.14
C THR D 341 14.16 1.89 -15.28
N PRO D 342 15.21 1.42 -15.96
CA PRO D 342 16.49 2.15 -15.96
C PRO D 342 16.42 3.53 -16.61
N PRO D 343 15.52 3.80 -17.59
CA PRO D 343 14.44 3.13 -18.34
C PRO D 343 14.95 2.36 -19.54
N GLU D 344 16.21 1.94 -19.46
CA GLU D 344 16.82 1.13 -20.52
C GLU D 344 16.19 -0.24 -20.48
N ALA D 345 15.12 -0.45 -21.23
CA ALA D 345 14.50 -1.75 -21.32
C ALA D 345 15.26 -2.69 -22.26
N TYR D 346 16.41 -2.26 -22.79
CA TYR D 346 17.09 -3.01 -23.84
C TYR D 346 18.60 -2.88 -23.68
N HIS D 347 19.26 -3.95 -23.24
CA HIS D 347 20.71 -4.02 -23.38
C HIS D 347 21.04 -4.32 -24.83
N PHE D 348 22.28 -4.04 -25.23
CA PHE D 348 22.66 -4.15 -26.63
C PHE D 348 23.95 -4.94 -26.79
N TYR D 349 23.93 -5.92 -27.70
CA TYR D 349 25.08 -6.75 -28.03
C TYR D 349 25.37 -6.61 -29.51
N GLN D 350 26.64 -6.75 -29.87
CA GLN D 350 27.06 -6.75 -31.26
C GLN D 350 27.83 -8.04 -31.54
N VAL D 351 27.48 -8.71 -32.64
CA VAL D 351 28.11 -9.95 -33.05
C VAL D 351 28.70 -9.80 -34.45
N SER D 352 29.74 -10.57 -34.73
CA SER D 352 30.48 -10.48 -35.97
C SER D 352 31.05 -11.85 -36.34
N PHE D 353 31.80 -11.90 -37.42
CA PHE D 353 32.50 -13.09 -37.86
C PHE D 353 34.00 -12.81 -37.93
N GLN D 354 34.80 -13.65 -37.28
CA GLN D 354 36.27 -13.58 -37.30
C GLN D 354 36.79 -12.20 -36.88
ZN ZN G . 15.61 -24.83 33.42
CA CA H . 6.18 -11.67 17.03
CA CA I . 7.88 -10.36 18.05
ZN ZN J . -7.20 30.04 -32.95
CA CA K . -2.82 13.73 -14.89
CA CA L . -3.48 14.09 -18.23
#